data_4X1K
#
_entry.id   4X1K
#
_cell.length_a   66.730
_cell.length_b   128.300
_cell.length_c   254.380
_cell.angle_alpha   90.00
_cell.angle_beta   90.00
_cell.angle_gamma   90.00
#
_symmetry.space_group_name_H-M   'P 21 21 21'
#
loop_
_entity.id
_entity.type
_entity.pdbx_description
1 polymer 'Tubulin alpha chain'
2 polymer 'Tubulin beta chain'
3 polymer Stathmin-4
4 non-polymer "GUANOSINE-5'-TRIPHOSPHATE"
5 non-polymer 'MAGNESIUM ION'
6 non-polymer "GUANOSINE-5'-DIPHOSPHATE"
7 non-polymer N-[(7S)-1,2,3,10-tetramethoxy-9-oxo-6,7-dihydro-5H-benzo[d]heptalen-7-yl]ethanamide
8 non-polymer 2-methyl-L-alanyl-N-[(3R,4S,5S)-1-{(2S)-2-[(1R,2R)-3-{[(1S)-1-carboxy-2-phenylethyl]amino}-1-methoxy-2-methyl-3-oxopropyl]pyrrolidin-1-yl}-3-methoxy-5-methyl-1-oxoheptan-4-yl]-N-methyl-L-valinamide
#
loop_
_entity_poly.entity_id
_entity_poly.type
_entity_poly.pdbx_seq_one_letter_code
_entity_poly.pdbx_strand_id
1 'polypeptide(L)'
;MRECISIHVGQAGVQIGNACWELYCLEHGIQPDGQMPSDKTIGGGDDSFNTFFSETGAGKHVPRAVFVDLEPTVIDEVRT
GTYRQLFHPEQLITGKEDAANNYARGHYTIGKEIIDLVLDRIRKLADQCTGLQGFLVFHSFGGGTGSGFTSLLMERLSVD
YGKKSKLEFSIYPAPQVSTAVVEPYNSILTTHTTLEHSDCAFMVDNEAIYDICRRNLDIERPTYTNLNRLIGQIVSSITA
SLRFDGALNVDLTEFQTNLVPYPRIHFPLATYAPVISAEKAYHEQLSVAEITNACFEPANQMVKCDPRHGKYMACCLLYR
GDVVPKDVNAAIATIKTKRTIQFVDWCPTGFKVGINYQPPTVVPGGDLAKVQRAVCMLSNTTAIAEAWARLDHKFDLMYA
KRAFVHWYVGEGMEEGEFSEAREDMAALEKDYEEVGVDSVEGEGEEEGEEY
;
A,C
2 'polypeptide(L)'
;MREIVHIQAGQCGNQIGAKFWEVISDEHGIDPTGSYHGDSDLQLERINVYYNEATGNKYVPRAILVDLEPGTMDSVRSGP
FGQIFRPDNFVFGQSGAGNNWAKGHYTEGAELVDSVLDVVRKESESCDCLQGFQLTHSLGGGTGSGMGTLLISKIREEYP
DRIMNTFSVMPSPKVSDTVVEPYNATLSVHQLVENTDETYSIDNEALYDICFRTLKLTTPTYGDLNHLVSATMSGVTTCL
RFPGQLNADLRKLAVNMVPFPRLHFFMPGFAPLTSRGSQQYRALTVPELTQQMFDSKNMMAACDPRHGRYLTVAAVFRGR
MSMKEVDEQMLNVQNKNSSYFVEWIPNNVKTAVCDIPPRGLKMSATFIGNSTAIQELFKRISEQFTAMFRRKAFLHWYTG
EGMDEMEFTEAESNMNDLVSEYQQYQDATADEQGEFEEEEGEDEA
;
B,D
3 'polypeptide(L)'
;ADMEVIELNKATSGQSWEVILKPPSFDGVPEFNASLPRRRDPSLEEIQKKLEAAEERRKYQEAELLKHLAEKREHEREVI
QKAIEENNNFIKMAKEKLAQKMESNKENREAHLAAMLERLQEKDKHAEEVRKNKELKEEASR
;
E
#
# COMPACT_ATOMS: atom_id res chain seq x y z
N ARG A 2 22.78 -68.94 -27.63
CA ARG A 2 23.29 -68.21 -28.78
C ARG A 2 22.83 -66.73 -28.89
N GLU A 3 21.53 -66.44 -28.62
CA GLU A 3 20.90 -65.11 -28.71
C GLU A 3 21.54 -63.95 -27.88
N CYS A 4 21.11 -62.67 -28.14
CA CYS A 4 21.57 -61.42 -27.50
C CYS A 4 20.54 -60.27 -27.40
N ILE A 5 20.11 -59.97 -26.16
CA ILE A 5 19.16 -58.90 -25.88
C ILE A 5 19.91 -57.57 -25.69
N SER A 6 19.59 -56.57 -26.53
CA SER A 6 20.18 -55.25 -26.43
C SER A 6 19.27 -54.28 -25.69
N ILE A 7 19.76 -53.79 -24.56
CA ILE A 7 19.03 -52.85 -23.73
C ILE A 7 19.57 -51.43 -23.93
N HIS A 8 18.65 -50.48 -24.15
CA HIS A 8 18.95 -49.06 -24.35
C HIS A 8 18.29 -48.23 -23.27
N VAL A 9 19.10 -47.59 -22.42
CA VAL A 9 18.58 -46.74 -21.35
C VAL A 9 18.97 -45.30 -21.57
N GLY A 10 17.91 -44.49 -21.65
CA GLY A 10 17.89 -43.05 -21.78
C GLY A 10 18.68 -42.40 -22.88
N GLN A 11 17.95 -41.61 -23.69
CA GLN A 11 18.43 -40.78 -24.78
C GLN A 11 19.68 -41.27 -25.52
N ALA A 12 20.91 -41.04 -24.95
CA ALA A 12 22.21 -41.42 -25.55
C ALA A 12 22.24 -42.81 -26.20
N GLY A 13 22.06 -43.86 -25.39
CA GLY A 13 22.03 -45.25 -25.84
C GLY A 13 20.83 -45.54 -26.72
N VAL A 14 19.68 -44.97 -26.38
CA VAL A 14 18.44 -45.11 -27.13
C VAL A 14 18.68 -44.58 -28.56
N GLN A 15 19.11 -43.30 -28.68
CA GLN A 15 19.42 -42.63 -29.94
C GLN A 15 20.52 -43.34 -30.70
N ILE A 16 21.55 -43.82 -29.98
CA ILE A 16 22.67 -44.56 -30.54
C ILE A 16 22.24 -45.97 -31.04
N GLY A 17 21.24 -46.55 -30.36
CA GLY A 17 20.65 -47.86 -30.69
C GLY A 17 19.65 -47.77 -31.80
N ASN A 18 19.42 -46.55 -32.28
CA ASN A 18 18.53 -46.29 -33.40
C ASN A 18 19.37 -46.51 -34.63
N ALA A 19 20.66 -46.10 -34.55
CA ALA A 19 21.68 -46.22 -35.59
C ALA A 19 22.20 -47.64 -35.71
N CYS A 20 22.20 -48.40 -34.58
CA CYS A 20 22.63 -49.81 -34.52
C CYS A 20 21.72 -50.63 -35.41
N TRP A 21 20.47 -50.81 -34.96
CA TRP A 21 19.40 -51.54 -35.62
C TRP A 21 19.04 -50.92 -36.96
N GLU A 22 19.77 -49.87 -37.37
CA GLU A 22 19.62 -49.24 -38.68
C GLU A 22 20.66 -49.95 -39.55
N LEU A 23 21.91 -50.04 -39.04
CA LEU A 23 23.01 -50.69 -39.72
C LEU A 23 22.81 -52.22 -39.79
N TYR A 24 22.21 -52.82 -38.75
CA TYR A 24 21.94 -54.26 -38.74
C TYR A 24 20.98 -54.59 -39.85
N CYS A 25 19.90 -53.81 -39.98
CA CYS A 25 18.92 -53.98 -41.04
C CYS A 25 19.47 -53.58 -42.43
N LEU A 26 20.77 -53.24 -42.48
CA LEU A 26 21.45 -52.92 -43.72
C LEU A 26 22.33 -54.12 -44.08
N GLU A 27 23.24 -54.50 -43.15
CA GLU A 27 24.15 -55.65 -43.26
C GLU A 27 23.42 -57.00 -43.38
N HIS A 28 22.15 -57.07 -42.89
CA HIS A 28 21.27 -58.24 -42.92
C HIS A 28 20.19 -58.14 -43.97
N GLY A 29 20.01 -56.96 -44.54
CA GLY A 29 19.00 -56.74 -45.56
C GLY A 29 17.58 -56.83 -45.05
N ILE A 30 17.36 -56.44 -43.79
CA ILE A 30 16.03 -56.40 -43.20
C ILE A 30 15.40 -55.05 -43.57
N GLN A 31 14.10 -55.07 -43.90
CA GLN A 31 13.38 -53.85 -44.22
C GLN A 31 12.90 -53.16 -42.94
N PRO A 32 12.68 -51.81 -42.94
CA PRO A 32 12.19 -51.14 -41.73
C PRO A 32 10.79 -51.61 -41.24
N ASP A 33 10.26 -52.67 -41.91
CA ASP A 33 9.00 -53.37 -41.62
C ASP A 33 9.26 -54.75 -40.99
N GLY A 34 10.50 -55.21 -41.10
CA GLY A 34 10.95 -56.48 -40.56
C GLY A 34 11.11 -57.57 -41.62
N GLN A 35 10.22 -57.59 -42.62
CA GLN A 35 10.31 -58.61 -43.68
C GLN A 35 11.52 -58.44 -44.56
N MET A 36 12.26 -59.55 -44.77
CA MET A 36 13.47 -59.53 -45.59
C MET A 36 13.50 -60.62 -46.69
N PRO A 37 13.73 -60.24 -47.97
CA PRO A 37 13.75 -61.24 -49.05
C PRO A 37 15.18 -61.70 -49.39
N SER A 38 15.27 -62.72 -50.25
CA SER A 38 16.55 -63.30 -50.72
C SER A 38 17.16 -62.46 -51.85
N ASP A 46 23.76 -66.92 -43.28
CA ASP A 46 24.31 -68.04 -42.49
C ASP A 46 23.41 -68.47 -41.31
N ASP A 47 22.30 -67.71 -41.07
CA ASP A 47 21.29 -67.86 -39.99
C ASP A 47 21.67 -67.22 -38.66
N SER A 48 23.00 -66.99 -38.41
CA SER A 48 23.52 -66.38 -37.18
C SER A 48 23.08 -64.92 -36.94
N PHE A 49 22.53 -64.26 -37.99
CA PHE A 49 21.94 -62.91 -37.93
C PHE A 49 20.80 -62.91 -36.90
N ASN A 50 20.12 -64.06 -36.73
CA ASN A 50 19.01 -64.30 -35.83
C ASN A 50 19.39 -64.25 -34.36
N THR A 51 20.71 -64.20 -34.02
CA THR A 51 21.15 -64.06 -32.61
C THR A 51 20.52 -62.76 -32.02
N PHE A 52 20.14 -61.80 -32.89
CA PHE A 52 19.52 -60.52 -32.57
C PHE A 52 18.09 -60.32 -33.14
N PHE A 53 17.59 -61.25 -33.99
CA PHE A 53 16.27 -61.07 -34.60
C PHE A 53 15.34 -62.26 -34.46
N SER A 54 14.25 -62.02 -33.73
CA SER A 54 13.19 -62.99 -33.45
C SER A 54 12.04 -62.89 -34.49
N GLU A 55 11.98 -63.85 -35.43
CA GLU A 55 10.97 -63.88 -36.49
C GLU A 55 9.55 -64.15 -35.97
N THR A 56 8.53 -63.49 -36.57
CA THR A 56 7.10 -63.63 -36.21
C THR A 56 6.34 -64.44 -37.29
N GLY A 57 5.03 -64.70 -37.05
CA GLY A 57 4.15 -65.43 -37.97
C GLY A 57 4.01 -64.80 -39.34
N ALA A 58 4.36 -63.50 -39.43
CA ALA A 58 4.37 -62.71 -40.66
C ALA A 58 5.76 -62.76 -41.34
N GLY A 59 6.67 -63.58 -40.80
CA GLY A 59 8.02 -63.74 -41.31
C GLY A 59 8.92 -62.54 -41.03
N LYS A 60 8.42 -61.55 -40.25
CA LYS A 60 9.18 -60.36 -39.92
C LYS A 60 10.11 -60.58 -38.74
N HIS A 61 11.39 -60.21 -38.93
CA HIS A 61 12.49 -60.33 -37.97
C HIS A 61 12.59 -59.14 -36.96
N VAL A 62 11.74 -59.18 -35.90
CA VAL A 62 11.66 -58.19 -34.83
C VAL A 62 12.98 -58.23 -34.03
N PRO A 63 13.68 -57.09 -33.88
CA PRO A 63 14.92 -57.10 -33.09
C PRO A 63 14.71 -57.53 -31.64
N ARG A 64 15.68 -58.30 -31.11
CA ARG A 64 15.76 -58.72 -29.71
C ARG A 64 16.43 -57.52 -28.97
N ALA A 65 15.66 -56.41 -28.80
CA ALA A 65 16.07 -55.12 -28.19
C ALA A 65 14.97 -54.54 -27.32
N VAL A 66 15.35 -53.82 -26.24
CA VAL A 66 14.39 -53.18 -25.34
C VAL A 66 14.78 -51.71 -25.03
N PHE A 67 14.04 -50.75 -25.64
CA PHE A 67 14.28 -49.32 -25.53
C PHE A 67 13.57 -48.72 -24.32
N VAL A 68 14.34 -48.07 -23.41
CA VAL A 68 13.84 -47.46 -22.17
C VAL A 68 14.27 -45.98 -22.06
N ASP A 69 13.31 -45.10 -21.70
CA ASP A 69 13.55 -43.67 -21.47
C ASP A 69 12.56 -43.24 -20.40
N LEU A 70 13.01 -42.48 -19.39
CA LEU A 70 12.07 -42.06 -18.35
C LEU A 70 11.10 -40.95 -18.80
N GLU A 71 11.38 -40.32 -19.96
CA GLU A 71 10.55 -39.29 -20.59
C GLU A 71 10.13 -39.75 -21.99
N PRO A 72 8.91 -39.39 -22.46
CA PRO A 72 8.45 -39.86 -23.80
C PRO A 72 9.28 -39.51 -25.04
N THR A 73 9.10 -38.28 -25.61
CA THR A 73 9.73 -37.69 -26.81
C THR A 73 10.61 -38.59 -27.68
N VAL A 74 11.78 -39.03 -27.14
CA VAL A 74 12.85 -39.84 -27.78
C VAL A 74 12.40 -41.20 -28.36
N ILE A 75 11.73 -42.03 -27.54
CA ILE A 75 11.20 -43.33 -27.98
C ILE A 75 10.03 -43.10 -28.96
N ASP A 76 9.35 -41.97 -28.80
CA ASP A 76 8.25 -41.59 -29.67
C ASP A 76 8.76 -41.13 -31.03
N GLU A 77 10.06 -40.83 -31.12
CA GLU A 77 10.65 -40.47 -32.40
C GLU A 77 10.88 -41.72 -33.25
N VAL A 78 10.94 -42.90 -32.60
CA VAL A 78 11.06 -44.21 -33.26
C VAL A 78 9.67 -44.60 -33.76
N ARG A 79 8.65 -44.50 -32.86
CA ARG A 79 7.23 -44.77 -33.13
C ARG A 79 6.67 -43.88 -34.29
N THR A 80 7.53 -42.99 -34.81
CA THR A 80 7.31 -42.06 -35.91
C THR A 80 8.19 -42.50 -37.10
N GLY A 81 9.45 -42.85 -36.81
CA GLY A 81 10.47 -43.24 -37.77
C GLY A 81 10.10 -44.31 -38.76
N THR A 82 10.92 -44.48 -39.82
CA THR A 82 10.77 -45.50 -40.88
C THR A 82 10.74 -46.91 -40.27
N TYR A 83 11.57 -47.11 -39.22
CA TYR A 83 11.76 -48.34 -38.45
C TYR A 83 10.73 -48.57 -37.31
N ARG A 84 9.54 -47.95 -37.40
CA ARG A 84 8.47 -48.12 -36.41
C ARG A 84 7.78 -49.46 -36.62
N GLN A 85 7.85 -50.00 -37.87
CA GLN A 85 7.27 -51.27 -38.29
C GLN A 85 8.14 -52.48 -37.85
N LEU A 86 9.38 -52.20 -37.41
CA LEU A 86 10.39 -53.15 -36.95
C LEU A 86 10.10 -53.75 -35.56
N PHE A 87 9.94 -52.90 -34.54
CA PHE A 87 9.74 -53.26 -33.13
C PHE A 87 8.27 -53.36 -32.72
N HIS A 88 7.97 -54.18 -31.68
CA HIS A 88 6.62 -54.34 -31.13
C HIS A 88 6.29 -53.17 -30.18
N PRO A 89 4.99 -52.87 -29.86
CA PRO A 89 4.70 -51.70 -29.01
C PRO A 89 5.22 -51.84 -27.58
N GLU A 90 5.34 -53.09 -27.14
CA GLU A 90 5.77 -53.48 -25.83
C GLU A 90 7.25 -53.17 -25.52
N GLN A 91 8.18 -53.41 -26.46
CA GLN A 91 9.63 -53.22 -26.29
C GLN A 91 10.16 -51.78 -26.07
N LEU A 92 9.40 -50.76 -26.53
CA LEU A 92 9.71 -49.35 -26.35
C LEU A 92 8.99 -48.89 -25.06
N ILE A 93 9.78 -48.67 -24.00
CA ILE A 93 9.32 -48.25 -22.67
C ILE A 93 9.56 -46.74 -22.47
N THR A 94 8.49 -45.97 -22.12
CA THR A 94 8.55 -44.53 -21.87
C THR A 94 7.71 -44.05 -20.71
N GLY A 95 8.37 -43.59 -19.67
CA GLY A 95 7.71 -43.04 -18.49
C GLY A 95 7.12 -41.66 -18.70
N LYS A 96 6.72 -41.00 -17.59
CA LYS A 96 6.10 -39.67 -17.61
C LYS A 96 7.12 -38.52 -17.69
N GLU A 97 8.16 -38.57 -16.81
CA GLU A 97 9.20 -37.54 -16.70
C GLU A 97 10.59 -38.13 -16.49
N ASP A 98 11.64 -37.49 -17.09
CA ASP A 98 13.03 -37.92 -16.94
C ASP A 98 13.61 -37.60 -15.56
N ALA A 99 14.75 -38.22 -15.21
CA ALA A 99 15.39 -38.04 -13.92
C ALA A 99 15.91 -36.62 -13.70
N ALA A 100 15.81 -35.76 -14.75
CA ALA A 100 16.25 -34.36 -14.82
C ALA A 100 17.74 -34.18 -14.47
N ASN A 101 18.62 -34.88 -15.23
CA ASN A 101 20.09 -34.89 -15.08
C ASN A 101 20.59 -35.40 -13.72
N ASN A 102 19.71 -36.01 -12.93
CA ASN A 102 19.95 -36.53 -11.58
C ASN A 102 20.09 -38.09 -11.56
N TYR A 103 21.21 -38.60 -10.98
CA TYR A 103 21.46 -40.04 -10.83
C TYR A 103 20.44 -40.58 -9.81
N ALA A 104 20.40 -39.97 -8.60
CA ALA A 104 19.54 -40.36 -7.49
C ALA A 104 18.04 -40.40 -7.81
N ARG A 105 17.57 -39.51 -8.70
CA ARG A 105 16.17 -39.50 -9.16
C ARG A 105 15.94 -40.74 -10.04
N GLY A 106 16.82 -40.92 -11.03
CA GLY A 106 16.78 -42.05 -11.95
C GLY A 106 16.75 -43.38 -11.24
N HIS A 107 17.66 -43.55 -10.28
CA HIS A 107 17.81 -44.75 -9.47
C HIS A 107 16.62 -45.01 -8.52
N TYR A 108 16.53 -44.30 -7.39
CA TYR A 108 15.53 -44.54 -6.33
C TYR A 108 14.13 -44.00 -6.56
N THR A 109 14.01 -42.84 -7.24
CA THR A 109 12.72 -42.15 -7.47
C THR A 109 11.87 -42.75 -8.60
N ILE A 110 12.19 -42.38 -9.86
CA ILE A 110 11.47 -42.86 -11.06
C ILE A 110 11.91 -44.30 -11.45
N GLY A 111 13.06 -44.74 -10.91
CA GLY A 111 13.60 -46.08 -11.13
C GLY A 111 12.73 -47.18 -10.57
N LYS A 112 12.31 -47.03 -9.28
CA LYS A 112 11.40 -47.94 -8.56
C LYS A 112 10.10 -48.15 -9.34
N GLU A 113 9.52 -47.01 -9.78
CA GLU A 113 8.31 -46.85 -10.58
C GLU A 113 8.32 -47.72 -11.86
N ILE A 114 9.45 -47.73 -12.58
CA ILE A 114 9.57 -48.43 -13.86
C ILE A 114 10.34 -49.76 -13.89
N ILE A 115 11.11 -50.08 -12.83
CA ILE A 115 11.93 -51.32 -12.77
C ILE A 115 11.23 -52.62 -13.20
N ASP A 116 10.36 -53.20 -12.36
CA ASP A 116 9.65 -54.45 -12.61
C ASP A 116 9.23 -54.59 -14.07
N LEU A 117 8.42 -53.59 -14.53
CA LEU A 117 7.86 -53.41 -15.88
C LEU A 117 8.91 -53.56 -16.97
N VAL A 118 10.11 -52.97 -16.77
CA VAL A 118 11.23 -53.00 -17.71
C VAL A 118 11.77 -54.44 -17.79
N LEU A 119 11.98 -55.09 -16.61
CA LEU A 119 12.46 -56.47 -16.48
C LEU A 119 11.43 -57.48 -17.05
N ASP A 120 10.13 -57.10 -17.02
CA ASP A 120 9.04 -57.89 -17.56
C ASP A 120 9.21 -58.04 -19.07
N ARG A 121 9.47 -56.92 -19.77
CA ARG A 121 9.71 -56.93 -21.22
C ARG A 121 10.96 -57.75 -21.52
N ILE A 122 11.94 -57.66 -20.63
CA ILE A 122 13.19 -58.40 -20.67
C ILE A 122 12.88 -59.88 -20.49
N ARG A 123 11.96 -60.23 -19.54
CA ARG A 123 11.54 -61.61 -19.28
C ARG A 123 10.91 -62.20 -20.51
N LYS A 124 9.89 -61.51 -21.01
CA LYS A 124 9.14 -61.84 -22.20
C LYS A 124 10.03 -61.90 -23.45
N LEU A 125 11.16 -61.19 -23.44
CA LEU A 125 12.13 -61.22 -24.53
C LEU A 125 12.97 -62.50 -24.41
N ALA A 126 13.37 -62.85 -23.15
CA ALA A 126 14.24 -63.98 -22.76
C ALA A 126 13.51 -65.34 -22.63
N ASP A 127 12.16 -65.30 -22.63
CA ASP A 127 11.30 -66.48 -22.59
C ASP A 127 11.43 -67.26 -23.92
N GLN A 128 11.59 -66.51 -25.02
CA GLN A 128 11.73 -66.99 -26.40
C GLN A 128 13.21 -67.21 -26.76
N CYS A 129 14.01 -67.74 -25.81
CA CYS A 129 15.46 -67.95 -26.01
C CYS A 129 15.99 -69.38 -25.79
N THR A 130 16.74 -69.92 -26.79
CA THR A 130 17.34 -71.28 -26.82
C THR A 130 18.73 -71.39 -26.15
N GLY A 131 19.16 -70.29 -25.52
CA GLY A 131 20.43 -70.22 -24.83
C GLY A 131 21.03 -68.83 -24.83
N LEU A 132 20.25 -67.85 -24.33
CA LEU A 132 20.63 -66.44 -24.23
C LEU A 132 21.94 -66.19 -23.49
N GLN A 133 22.98 -65.84 -24.28
CA GLN A 133 24.37 -65.53 -23.90
C GLN A 133 24.46 -64.51 -22.75
N GLY A 134 23.83 -63.35 -22.95
CA GLY A 134 23.77 -62.26 -22.00
C GLY A 134 22.95 -61.08 -22.48
N PHE A 135 23.46 -59.86 -22.22
CA PHE A 135 22.83 -58.58 -22.54
C PHE A 135 23.84 -57.54 -23.02
N LEU A 136 23.41 -56.66 -23.95
CA LEU A 136 24.25 -55.58 -24.48
C LEU A 136 23.65 -54.20 -24.15
N VAL A 137 24.05 -53.65 -22.99
CA VAL A 137 23.54 -52.40 -22.43
C VAL A 137 24.05 -51.15 -23.10
N PHE A 138 23.12 -50.24 -23.45
CA PHE A 138 23.42 -48.99 -24.11
C PHE A 138 22.92 -47.81 -23.28
N HIS A 139 23.83 -46.94 -22.91
CA HIS A 139 23.50 -45.81 -22.05
C HIS A 139 24.54 -44.71 -22.13
N SER A 140 24.19 -43.59 -21.51
CA SER A 140 25.00 -42.39 -21.34
C SER A 140 25.99 -42.69 -20.20
N PHE A 141 26.14 -41.77 -19.25
CA PHE A 141 27.02 -41.91 -18.09
C PHE A 141 26.64 -40.80 -17.11
N GLY A 142 26.70 -39.55 -17.59
CA GLY A 142 26.35 -38.36 -16.82
C GLY A 142 24.90 -37.93 -16.99
N GLY A 143 24.15 -38.74 -17.77
CA GLY A 143 22.72 -38.54 -18.03
C GLY A 143 21.87 -38.91 -16.86
N GLY A 144 20.73 -38.22 -16.74
CA GLY A 144 19.76 -38.45 -15.68
C GLY A 144 19.31 -39.90 -15.60
N THR A 145 18.89 -40.43 -16.80
CA THR A 145 18.41 -41.80 -17.10
C THR A 145 19.61 -42.80 -17.37
N GLY A 146 20.59 -42.40 -18.22
CA GLY A 146 21.75 -43.22 -18.58
C GLY A 146 22.80 -43.40 -17.49
N SER A 147 22.36 -43.43 -16.22
CA SER A 147 23.18 -43.58 -15.01
C SER A 147 22.33 -44.11 -13.83
N GLY A 148 21.21 -43.43 -13.55
CA GLY A 148 20.28 -43.76 -12.47
C GLY A 148 19.59 -45.08 -12.68
N PHE A 149 18.92 -45.23 -13.83
CA PHE A 149 18.24 -46.48 -14.14
C PHE A 149 19.16 -47.59 -14.62
N THR A 150 20.15 -47.27 -15.47
CA THR A 150 21.09 -48.24 -16.01
C THR A 150 21.74 -49.03 -14.89
N SER A 151 22.32 -48.35 -13.89
CA SER A 151 22.96 -49.02 -12.76
C SER A 151 21.95 -49.83 -11.95
N LEU A 152 20.69 -49.36 -11.87
CA LEU A 152 19.62 -50.08 -11.18
C LEU A 152 19.20 -51.35 -11.96
N LEU A 153 19.23 -51.26 -13.31
CA LEU A 153 18.89 -52.34 -14.22
C LEU A 153 19.91 -53.47 -14.12
N MET A 154 21.22 -53.15 -14.19
CA MET A 154 22.35 -54.07 -14.03
C MET A 154 22.20 -54.81 -12.71
N GLU A 155 21.84 -54.06 -11.63
CA GLU A 155 21.65 -54.54 -10.26
C GLU A 155 20.64 -55.69 -10.14
N ARG A 156 19.47 -55.56 -10.80
CA ARG A 156 18.43 -56.59 -10.79
C ARG A 156 18.58 -57.66 -11.87
N LEU A 157 19.17 -57.32 -13.04
CA LEU A 157 19.45 -58.29 -14.11
C LEU A 157 20.49 -59.28 -13.57
N SER A 158 21.48 -58.80 -12.77
CA SER A 158 22.51 -59.65 -12.19
C SER A 158 21.95 -60.63 -11.20
N VAL A 159 20.88 -60.25 -10.51
CA VAL A 159 20.19 -61.13 -9.58
C VAL A 159 19.29 -62.10 -10.39
N ASP A 160 18.27 -61.55 -11.10
CA ASP A 160 17.29 -62.28 -11.91
C ASP A 160 17.87 -63.20 -13.03
N TYR A 161 19.03 -62.81 -13.63
CA TYR A 161 19.70 -63.56 -14.69
C TYR A 161 21.16 -63.71 -14.27
N GLY A 162 21.36 -64.38 -13.14
CA GLY A 162 22.69 -64.64 -12.58
C GLY A 162 23.53 -65.53 -13.46
N LYS A 163 24.89 -65.45 -13.31
CA LYS A 163 25.89 -66.21 -14.10
C LYS A 163 25.68 -66.07 -15.65
N LYS A 164 25.14 -64.89 -16.07
CA LYS A 164 24.85 -64.55 -17.46
C LYS A 164 25.42 -63.19 -17.77
N SER A 165 26.23 -63.11 -18.84
CA SER A 165 26.98 -61.95 -19.32
C SER A 165 26.24 -60.60 -19.51
N LYS A 166 27.01 -59.49 -19.46
CA LYS A 166 26.58 -58.10 -19.64
C LYS A 166 27.70 -57.34 -20.35
N LEU A 167 27.37 -56.80 -21.52
CA LEU A 167 28.30 -56.03 -22.34
C LEU A 167 27.87 -54.57 -22.38
N GLU A 168 28.46 -53.81 -21.47
CA GLU A 168 28.20 -52.41 -21.24
C GLU A 168 28.79 -51.56 -22.36
N PHE A 169 27.91 -50.76 -22.97
CA PHE A 169 28.26 -49.76 -23.98
C PHE A 169 27.81 -48.46 -23.39
N SER A 170 28.79 -47.70 -22.94
CA SER A 170 28.62 -46.43 -22.25
C SER A 170 29.22 -45.27 -23.03
N ILE A 171 28.57 -44.09 -22.95
CA ILE A 171 29.06 -42.87 -23.57
C ILE A 171 29.65 -41.88 -22.53
N TYR A 172 31.00 -41.88 -22.45
CA TYR A 172 31.77 -41.03 -21.54
C TYR A 172 31.49 -39.55 -21.92
N PRO A 173 31.32 -38.58 -20.94
CA PRO A 173 30.96 -37.21 -21.32
C PRO A 173 32.12 -36.28 -21.70
N ALA A 174 31.82 -35.28 -22.53
CA ALA A 174 32.80 -34.29 -23.00
C ALA A 174 32.21 -32.86 -23.11
N PRO A 175 32.97 -31.82 -22.67
CA PRO A 175 32.46 -30.43 -22.75
C PRO A 175 32.20 -29.90 -24.17
N GLN A 176 32.86 -30.49 -25.17
CA GLN A 176 32.79 -30.16 -26.60
C GLN A 176 31.39 -30.48 -27.20
N VAL A 177 30.65 -31.38 -26.56
CA VAL A 177 29.30 -31.78 -26.95
C VAL A 177 28.28 -31.12 -25.99
N SER A 178 26.96 -31.47 -26.11
CA SER A 178 25.92 -30.97 -25.21
C SER A 178 26.18 -31.63 -23.84
N THR A 179 26.82 -30.87 -22.93
CA THR A 179 27.20 -31.31 -21.59
C THR A 179 26.47 -30.56 -20.44
N ALA A 180 26.28 -31.24 -19.30
CA ALA A 180 25.62 -30.74 -18.09
C ALA A 180 26.63 -30.70 -16.98
N VAL A 181 26.52 -29.69 -16.13
CA VAL A 181 27.43 -29.43 -15.01
C VAL A 181 27.55 -30.56 -13.96
N VAL A 182 26.43 -31.25 -13.65
CA VAL A 182 26.40 -32.36 -12.68
C VAL A 182 27.00 -33.67 -13.23
N GLU A 183 27.19 -33.76 -14.55
CA GLU A 183 27.70 -34.97 -15.21
C GLU A 183 28.75 -35.77 -14.44
N PRO A 184 29.94 -35.22 -13.99
CA PRO A 184 30.92 -36.05 -13.22
C PRO A 184 30.43 -36.75 -11.94
N TYR A 185 29.33 -36.22 -11.36
CA TYR A 185 28.65 -36.73 -10.18
C TYR A 185 27.94 -38.05 -10.53
N ASN A 186 27.16 -38.04 -11.62
CA ASN A 186 26.40 -39.19 -12.11
C ASN A 186 27.36 -40.28 -12.62
N SER A 187 28.42 -39.86 -13.33
CA SER A 187 29.45 -40.71 -13.90
C SER A 187 30.14 -41.58 -12.86
N ILE A 188 30.52 -41.01 -11.68
CA ILE A 188 31.19 -41.78 -10.62
C ILE A 188 30.27 -42.75 -9.87
N LEU A 189 29.10 -42.23 -9.39
CA LEU A 189 28.06 -42.98 -8.68
C LEU A 189 27.65 -44.22 -9.50
N THR A 190 27.47 -44.03 -10.84
CA THR A 190 27.13 -45.12 -11.75
C THR A 190 28.25 -46.13 -11.91
N THR A 191 29.50 -45.68 -12.18
CA THR A 191 30.66 -46.57 -12.35
C THR A 191 30.80 -47.51 -11.16
N HIS A 192 30.70 -46.97 -9.93
CA HIS A 192 30.79 -47.71 -8.67
C HIS A 192 29.65 -48.71 -8.48
N THR A 193 28.43 -48.38 -8.97
CA THR A 193 27.27 -49.26 -8.85
C THR A 193 27.27 -50.33 -9.92
N THR A 194 27.75 -50.00 -11.13
CA THR A 194 27.84 -50.92 -12.27
C THR A 194 29.12 -51.81 -12.19
N LEU A 195 30.11 -51.39 -11.37
CA LEU A 195 31.40 -52.02 -11.09
C LEU A 195 31.39 -53.54 -11.04
N GLU A 196 30.72 -54.14 -10.03
CA GLU A 196 30.65 -55.60 -9.82
C GLU A 196 29.64 -56.32 -10.73
N HIS A 197 28.62 -55.58 -11.21
CA HIS A 197 27.55 -56.06 -12.09
C HIS A 197 27.93 -56.15 -13.56
N SER A 198 28.93 -55.38 -14.00
CA SER A 198 29.37 -55.44 -15.40
C SER A 198 30.46 -56.52 -15.55
N ASP A 199 30.40 -57.24 -16.68
CA ASP A 199 31.31 -58.33 -17.05
C ASP A 199 32.40 -57.78 -17.99
N CYS A 200 32.00 -56.86 -18.90
CA CYS A 200 32.87 -56.09 -19.78
C CYS A 200 32.21 -54.78 -20.19
N ALA A 201 32.95 -53.66 -20.10
CA ALA A 201 32.46 -52.32 -20.41
C ALA A 201 33.30 -51.61 -21.45
N PHE A 202 32.65 -51.06 -22.49
CA PHE A 202 33.34 -50.34 -23.54
C PHE A 202 33.10 -48.84 -23.41
N MET A 203 34.06 -48.13 -22.78
CA MET A 203 33.98 -46.68 -22.56
C MET A 203 34.16 -45.96 -23.91
N VAL A 204 33.30 -44.97 -24.21
CA VAL A 204 33.37 -44.22 -25.48
C VAL A 204 33.42 -42.71 -25.18
N ASP A 205 34.64 -42.08 -25.30
CA ASP A 205 34.82 -40.65 -25.03
C ASP A 205 34.25 -39.84 -26.18
N ASN A 206 33.21 -39.01 -25.87
CA ASN A 206 32.48 -38.14 -26.79
C ASN A 206 33.32 -37.06 -27.48
N GLU A 207 34.46 -36.65 -26.86
CA GLU A 207 35.40 -35.65 -27.39
C GLU A 207 36.18 -36.29 -28.53
N ALA A 208 36.51 -37.60 -28.41
CA ALA A 208 37.25 -38.36 -29.41
C ALA A 208 36.43 -38.54 -30.67
N ILE A 209 35.11 -38.75 -30.55
CA ILE A 209 34.19 -38.91 -31.69
C ILE A 209 34.05 -37.55 -32.39
N TYR A 210 33.97 -36.47 -31.56
CA TYR A 210 33.90 -35.05 -31.92
C TYR A 210 34.98 -34.71 -32.96
N ASP A 211 36.28 -34.70 -32.56
CA ASP A 211 37.40 -34.39 -33.47
C ASP A 211 37.58 -35.35 -34.65
N ILE A 212 37.09 -36.59 -34.51
CA ILE A 212 37.13 -37.62 -35.55
C ILE A 212 36.16 -37.25 -36.69
N CYS A 213 35.05 -36.60 -36.33
CA CYS A 213 34.06 -36.10 -37.27
C CYS A 213 34.53 -34.78 -37.89
N ARG A 214 35.57 -34.15 -37.31
CA ARG A 214 36.10 -32.84 -37.72
C ARG A 214 37.35 -32.91 -38.59
N ARG A 215 38.35 -33.65 -38.13
CA ARG A 215 39.66 -33.78 -38.78
C ARG A 215 39.62 -34.68 -40.02
N ASN A 216 38.75 -35.71 -40.02
CA ASN A 216 38.67 -36.72 -41.10
C ASN A 216 37.39 -36.64 -41.93
N LEU A 217 36.23 -36.53 -41.27
CA LEU A 217 34.94 -36.42 -41.93
C LEU A 217 34.66 -34.99 -42.39
N ASP A 218 35.37 -34.00 -41.82
CA ASP A 218 35.27 -32.58 -42.12
C ASP A 218 34.00 -31.85 -41.66
N ILE A 219 33.32 -32.38 -40.62
CA ILE A 219 32.14 -31.78 -40.00
C ILE A 219 32.62 -31.13 -38.68
N GLU A 220 32.86 -29.79 -38.70
CA GLU A 220 33.32 -29.00 -37.53
C GLU A 220 32.25 -29.04 -36.44
N ARG A 221 30.98 -28.87 -36.87
CA ARG A 221 29.80 -28.94 -36.02
C ARG A 221 28.96 -30.18 -36.41
N PRO A 222 29.35 -31.37 -35.87
CA PRO A 222 28.66 -32.61 -36.23
C PRO A 222 27.38 -32.85 -35.44
N THR A 223 26.35 -33.37 -36.13
CA THR A 223 25.05 -33.68 -35.50
C THR A 223 25.21 -34.95 -34.65
N TYR A 224 24.30 -35.17 -33.66
CA TYR A 224 24.31 -36.35 -32.80
C TYR A 224 24.33 -37.59 -33.66
N THR A 225 23.54 -37.55 -34.76
CA THR A 225 23.42 -38.55 -35.80
C THR A 225 24.76 -38.84 -36.47
N ASN A 226 25.53 -37.78 -36.85
CA ASN A 226 26.87 -37.86 -37.46
C ASN A 226 27.86 -38.60 -36.54
N LEU A 227 27.90 -38.19 -35.26
CA LEU A 227 28.73 -38.75 -34.21
C LEU A 227 28.33 -40.22 -34.02
N ASN A 228 27.01 -40.49 -33.93
CA ASN A 228 26.41 -41.84 -33.78
C ASN A 228 26.73 -42.74 -34.99
N ARG A 229 26.73 -42.17 -36.23
CA ARG A 229 27.05 -42.83 -37.52
C ARG A 229 28.33 -43.68 -37.39
N LEU A 230 29.35 -43.11 -36.71
CA LEU A 230 30.64 -43.74 -36.40
C LEU A 230 30.49 -44.73 -35.27
N ILE A 231 29.96 -44.27 -34.10
CA ILE A 231 29.73 -45.06 -32.89
C ILE A 231 29.15 -46.44 -33.27
N GLY A 232 27.99 -46.45 -33.97
CA GLY A 232 27.29 -47.64 -34.46
C GLY A 232 28.13 -48.45 -35.44
N GLN A 233 28.95 -47.76 -36.28
CA GLN A 233 29.83 -48.40 -37.26
C GLN A 233 31.00 -49.09 -36.56
N ILE A 234 31.48 -48.55 -35.43
CA ILE A 234 32.54 -49.19 -34.65
C ILE A 234 31.88 -50.30 -33.80
N VAL A 235 30.62 -50.06 -33.35
CA VAL A 235 29.79 -51.02 -32.59
C VAL A 235 29.51 -52.28 -33.42
N SER A 236 29.09 -52.12 -34.71
CA SER A 236 28.80 -53.22 -35.64
C SER A 236 30.02 -54.11 -35.88
N SER A 237 31.24 -53.52 -35.74
CA SER A 237 32.53 -54.19 -35.90
C SER A 237 32.81 -55.13 -34.73
N ILE A 238 32.37 -54.74 -33.52
CA ILE A 238 32.48 -55.52 -32.28
C ILE A 238 31.49 -56.69 -32.32
N THR A 239 30.30 -56.47 -32.93
CA THR A 239 29.21 -57.44 -33.06
C THR A 239 29.13 -58.22 -34.39
N ALA A 240 30.03 -57.91 -35.35
CA ALA A 240 30.14 -58.60 -36.65
C ALA A 240 30.41 -60.10 -36.44
N SER A 241 31.29 -60.38 -35.44
CA SER A 241 31.73 -61.68 -34.95
C SER A 241 30.56 -62.50 -34.35
N LEU A 242 29.45 -61.81 -34.01
CA LEU A 242 28.24 -62.39 -33.42
C LEU A 242 27.09 -62.61 -34.41
N ARG A 243 26.71 -61.58 -35.19
CA ARG A 243 25.61 -61.62 -36.16
C ARG A 243 25.95 -62.47 -37.42
N PHE A 244 27.24 -62.67 -37.67
CA PHE A 244 27.71 -63.45 -38.81
C PHE A 244 28.42 -64.73 -38.35
N ASP A 245 29.07 -65.48 -39.27
CA ASP A 245 29.72 -66.74 -38.87
C ASP A 245 31.25 -66.71 -38.84
N GLY A 246 31.79 -65.75 -38.09
CA GLY A 246 33.22 -65.57 -37.88
C GLY A 246 33.77 -66.42 -36.74
N ALA A 247 35.09 -66.75 -36.79
CA ALA A 247 35.75 -67.57 -35.77
C ALA A 247 36.01 -66.83 -34.45
N LEU A 248 36.69 -65.67 -34.52
CA LEU A 248 36.99 -64.82 -33.34
C LEU A 248 35.70 -64.15 -32.81
N ASN A 249 35.66 -63.85 -31.48
CA ASN A 249 34.58 -63.21 -30.72
C ASN A 249 33.14 -63.67 -31.04
N VAL A 250 32.99 -64.99 -31.25
CA VAL A 250 31.74 -65.67 -31.58
C VAL A 250 30.70 -65.58 -30.43
N ASP A 251 31.20 -65.60 -29.18
CA ASP A 251 30.39 -65.54 -27.97
C ASP A 251 30.68 -64.27 -27.17
N LEU A 252 29.72 -63.89 -26.30
CA LEU A 252 29.86 -62.71 -25.43
C LEU A 252 31.02 -62.94 -24.47
N THR A 253 31.13 -64.19 -23.96
CA THR A 253 32.12 -64.65 -23.00
C THR A 253 33.57 -64.65 -23.52
N GLU A 254 33.76 -64.34 -24.81
CA GLU A 254 35.07 -64.27 -25.42
C GLU A 254 35.79 -62.99 -25.05
N PHE A 255 35.09 -61.83 -25.04
CA PHE A 255 35.67 -60.54 -24.64
C PHE A 255 36.11 -60.63 -23.18
N GLN A 256 35.19 -61.10 -22.31
CA GLN A 256 35.36 -61.33 -20.86
C GLN A 256 36.64 -62.15 -20.55
N THR A 257 37.05 -63.00 -21.50
CA THR A 257 38.22 -63.86 -21.41
C THR A 257 39.38 -63.17 -22.14
N ASN A 258 39.29 -63.04 -23.48
CA ASN A 258 40.29 -62.47 -24.38
C ASN A 258 40.84 -61.10 -23.96
N LEU A 259 39.92 -60.21 -23.50
CA LEU A 259 40.25 -58.85 -23.09
C LEU A 259 40.36 -58.65 -21.59
N VAL A 260 39.32 -59.03 -20.82
CA VAL A 260 39.31 -58.86 -19.36
C VAL A 260 40.17 -59.92 -18.63
N PRO A 261 41.45 -59.64 -18.27
CA PRO A 261 42.22 -60.63 -17.50
C PRO A 261 41.95 -60.42 -15.99
N TYR A 262 42.19 -59.18 -15.45
CA TYR A 262 41.85 -58.78 -14.08
C TYR A 262 40.38 -58.31 -14.18
N PRO A 263 39.45 -58.94 -13.42
CA PRO A 263 38.02 -58.57 -13.51
C PRO A 263 37.64 -57.09 -13.43
N ARG A 264 38.20 -56.35 -12.44
CA ARG A 264 37.91 -54.93 -12.15
C ARG A 264 38.32 -53.97 -13.28
N ILE A 265 39.45 -54.27 -13.95
CA ILE A 265 40.00 -53.50 -15.06
C ILE A 265 39.38 -54.05 -16.36
N HIS A 266 38.07 -53.79 -16.51
CA HIS A 266 37.24 -54.24 -17.62
C HIS A 266 36.79 -53.12 -18.58
N PHE A 267 37.72 -52.20 -18.89
CA PHE A 267 37.39 -51.10 -19.77
C PHE A 267 38.29 -51.08 -21.01
N PRO A 268 38.02 -51.94 -22.02
CA PRO A 268 38.82 -51.91 -23.25
C PRO A 268 38.61 -50.62 -24.06
N LEU A 269 39.74 -50.09 -24.57
CA LEU A 269 39.83 -48.91 -25.42
C LEU A 269 39.51 -49.37 -26.86
N ALA A 270 38.86 -48.53 -27.66
CA ALA A 270 38.51 -48.94 -29.02
C ALA A 270 39.19 -48.07 -30.06
N THR A 271 39.62 -48.69 -31.17
CA THR A 271 40.29 -47.99 -32.27
C THR A 271 39.64 -48.40 -33.61
N TYR A 272 39.50 -47.44 -34.57
CA TYR A 272 38.91 -47.73 -35.89
C TYR A 272 39.54 -47.02 -37.09
N ALA A 273 39.84 -47.82 -38.13
CA ALA A 273 40.41 -47.39 -39.40
C ALA A 273 39.65 -48.09 -40.54
N PRO A 274 39.34 -47.42 -41.66
CA PRO A 274 39.68 -46.04 -42.01
C PRO A 274 38.61 -45.04 -41.61
N VAL A 275 39.04 -43.80 -41.37
CA VAL A 275 38.16 -42.69 -41.03
C VAL A 275 37.98 -41.98 -42.37
N ILE A 276 36.86 -42.27 -43.05
CA ILE A 276 36.64 -41.79 -44.40
C ILE A 276 35.29 -41.14 -44.75
N SER A 277 35.39 -40.07 -45.59
CA SER A 277 34.32 -39.23 -46.12
C SER A 277 34.13 -39.49 -47.61
N ALA A 278 32.89 -39.33 -48.08
CA ALA A 278 32.49 -39.53 -49.48
C ALA A 278 32.66 -38.27 -50.33
N GLU A 279 32.42 -37.09 -49.73
CA GLU A 279 32.57 -35.82 -50.42
C GLU A 279 34.04 -35.37 -50.41
N LYS A 280 34.88 -36.10 -51.18
CA LYS A 280 36.32 -35.85 -51.38
C LYS A 280 36.86 -36.62 -52.60
N ALA A 281 37.83 -35.99 -53.31
CA ALA A 281 38.49 -36.48 -54.53
C ALA A 281 38.83 -37.97 -54.45
N TYR A 282 38.20 -38.76 -55.33
CA TYR A 282 38.37 -40.22 -55.38
C TYR A 282 39.77 -40.66 -55.78
N HIS A 283 40.29 -41.65 -55.05
CA HIS A 283 41.65 -42.17 -55.21
C HIS A 283 41.75 -43.68 -54.93
N GLU A 284 43.00 -44.20 -54.87
CA GLU A 284 43.33 -45.59 -54.59
C GLU A 284 42.95 -45.91 -53.14
N GLN A 285 41.98 -46.85 -52.94
CA GLN A 285 41.49 -47.25 -51.61
C GLN A 285 42.56 -47.94 -50.77
N LEU A 286 42.46 -47.77 -49.43
CA LEU A 286 43.37 -48.31 -48.40
C LEU A 286 43.54 -49.83 -48.41
N SER A 287 44.80 -50.27 -48.19
CA SER A 287 45.23 -51.68 -48.11
C SER A 287 45.63 -52.02 -46.68
N VAL A 288 45.65 -53.33 -46.33
CA VAL A 288 46.01 -53.90 -45.02
C VAL A 288 47.27 -53.28 -44.37
N ALA A 289 48.29 -52.96 -45.19
CA ALA A 289 49.55 -52.35 -44.75
C ALA A 289 49.33 -50.93 -44.20
N GLU A 290 48.32 -50.20 -44.73
CA GLU A 290 47.98 -48.84 -44.34
C GLU A 290 47.25 -48.79 -42.98
N ILE A 291 46.08 -49.46 -42.91
CA ILE A 291 45.17 -49.54 -41.75
C ILE A 291 45.77 -50.05 -40.42
N THR A 292 46.92 -50.76 -40.47
CA THR A 292 47.60 -51.26 -39.27
C THR A 292 48.34 -50.09 -38.59
N ASN A 293 48.99 -49.24 -39.40
CA ASN A 293 49.70 -48.05 -38.91
C ASN A 293 48.69 -46.96 -38.47
N ALA A 294 47.46 -47.03 -39.02
CA ALA A 294 46.35 -46.13 -38.72
C ALA A 294 45.71 -46.49 -37.38
N CYS A 295 45.65 -47.80 -37.06
CA CYS A 295 45.09 -48.30 -35.81
C CYS A 295 46.01 -48.02 -34.62
N PHE A 296 47.31 -47.82 -34.87
CA PHE A 296 48.25 -47.55 -33.78
C PHE A 296 48.56 -46.09 -33.47
N GLU A 297 47.81 -45.16 -34.09
CA GLU A 297 47.90 -43.72 -33.87
C GLU A 297 46.61 -43.21 -33.19
N PRO A 298 46.70 -42.61 -31.96
CA PRO A 298 45.47 -42.18 -31.25
C PRO A 298 44.52 -41.21 -31.97
N ALA A 299 44.86 -40.78 -33.20
CA ALA A 299 44.05 -39.89 -34.02
C ALA A 299 42.76 -40.59 -34.52
N ASN A 300 42.58 -41.87 -34.15
CA ASN A 300 41.44 -42.70 -34.53
C ASN A 300 40.82 -43.40 -33.31
N GLN A 301 41.47 -43.24 -32.14
CA GLN A 301 41.09 -43.77 -30.83
C GLN A 301 39.72 -43.26 -30.37
N MET A 302 38.98 -44.10 -29.61
CA MET A 302 37.64 -43.80 -29.10
C MET A 302 37.64 -43.05 -27.77
N VAL A 303 38.72 -43.19 -26.98
CA VAL A 303 38.92 -42.51 -25.70
C VAL A 303 40.27 -41.79 -25.72
N LYS A 304 40.29 -40.49 -25.38
CA LYS A 304 41.50 -39.66 -25.42
C LYS A 304 42.42 -39.84 -24.20
N CYS A 305 43.28 -40.88 -24.26
CA CYS A 305 44.24 -41.21 -23.23
C CYS A 305 45.44 -41.92 -23.83
N ASP A 306 46.57 -41.21 -23.86
CA ASP A 306 47.88 -41.60 -24.42
C ASP A 306 48.34 -43.03 -24.01
N PRO A 307 48.32 -44.02 -24.96
CA PRO A 307 48.70 -45.40 -24.59
C PRO A 307 50.20 -45.67 -24.63
N ARG A 308 50.94 -44.80 -25.35
CA ARG A 308 52.40 -44.80 -25.55
C ARG A 308 53.14 -44.75 -24.19
N HIS A 309 52.45 -44.24 -23.16
CA HIS A 309 52.89 -44.15 -21.77
C HIS A 309 51.78 -44.78 -20.92
N GLY A 310 51.55 -46.08 -21.16
CA GLY A 310 50.54 -46.90 -20.49
C GLY A 310 50.68 -48.36 -20.87
N LYS A 311 50.93 -49.23 -19.85
CA LYS A 311 51.13 -50.68 -19.99
C LYS A 311 49.90 -51.44 -20.53
N TYR A 312 50.06 -52.20 -21.65
CA TYR A 312 49.00 -53.02 -22.27
C TYR A 312 48.89 -54.37 -21.55
N MET A 313 47.81 -55.13 -21.85
CA MET A 313 47.56 -56.49 -21.31
C MET A 313 46.66 -57.37 -22.19
N ALA A 314 46.22 -56.83 -23.35
CA ALA A 314 45.36 -57.50 -24.32
C ALA A 314 45.37 -56.72 -25.63
N CYS A 315 45.04 -57.42 -26.74
CA CYS A 315 44.94 -56.88 -28.10
C CYS A 315 44.22 -57.85 -29.05
N CYS A 316 43.38 -57.30 -29.96
CA CYS A 316 42.60 -58.03 -31.00
C CYS A 316 42.52 -57.10 -32.21
N LEU A 317 42.93 -57.55 -33.39
CA LEU A 317 42.84 -56.70 -34.60
C LEU A 317 41.73 -57.24 -35.50
N LEU A 318 40.50 -56.74 -35.32
CA LEU A 318 39.28 -57.20 -35.99
C LEU A 318 38.94 -56.62 -37.39
N TYR A 319 39.63 -57.15 -38.43
CA TYR A 319 39.49 -56.77 -39.84
C TYR A 319 38.13 -57.15 -40.43
N ARG A 320 37.66 -56.42 -41.48
CA ARG A 320 36.35 -56.66 -42.11
C ARG A 320 36.32 -56.45 -43.64
N GLY A 321 35.89 -57.48 -44.38
CA GLY A 321 35.75 -57.45 -45.84
C GLY A 321 36.76 -58.20 -46.68
N ASP A 322 37.41 -57.45 -47.62
CA ASP A 322 38.39 -57.86 -48.65
C ASP A 322 39.85 -58.10 -48.13
N VAL A 323 40.01 -58.30 -46.81
CA VAL A 323 41.30 -58.51 -46.15
C VAL A 323 41.80 -59.98 -46.25
N VAL A 324 43.15 -60.19 -46.37
CA VAL A 324 43.84 -61.50 -46.49
C VAL A 324 44.90 -61.65 -45.33
N PRO A 325 45.00 -62.84 -44.66
CA PRO A 325 45.92 -62.99 -43.51
C PRO A 325 47.41 -62.75 -43.71
N LYS A 326 47.97 -62.96 -44.93
CA LYS A 326 49.40 -62.76 -45.17
C LYS A 326 49.81 -61.29 -45.00
N ASP A 327 49.02 -60.38 -45.60
CA ASP A 327 49.19 -58.92 -45.55
C ASP A 327 48.94 -58.39 -44.13
N VAL A 328 48.11 -59.13 -43.35
CA VAL A 328 47.78 -58.86 -41.96
C VAL A 328 49.08 -59.03 -41.14
N ASN A 329 49.71 -60.22 -41.24
CA ASN A 329 50.97 -60.55 -40.56
C ASN A 329 52.20 -59.94 -41.22
N ALA A 330 52.05 -59.41 -42.46
CA ALA A 330 53.12 -58.70 -43.17
C ALA A 330 53.23 -57.28 -42.58
N ALA A 331 52.11 -56.75 -42.05
CA ALA A 331 51.98 -55.45 -41.39
C ALA A 331 52.33 -55.55 -39.88
N ILE A 332 51.92 -56.66 -39.23
CA ILE A 332 52.14 -56.99 -37.80
C ILE A 332 53.65 -57.01 -37.47
N ALA A 333 54.43 -57.70 -38.30
CA ALA A 333 55.86 -57.83 -38.16
C ALA A 333 56.54 -56.47 -38.32
N THR A 334 56.04 -55.63 -39.25
CA THR A 334 56.60 -54.32 -39.52
C THR A 334 56.29 -53.32 -38.40
N ILE A 335 55.20 -53.54 -37.62
CA ILE A 335 54.88 -52.65 -36.51
C ILE A 335 55.75 -52.91 -35.27
N LYS A 336 56.10 -54.19 -35.01
CA LYS A 336 56.98 -54.55 -33.90
C LYS A 336 58.44 -54.15 -34.21
N THR A 337 58.74 -53.92 -35.52
CA THR A 337 60.05 -53.51 -36.06
C THR A 337 60.40 -52.08 -35.60
N LYS A 338 59.47 -51.11 -35.80
CA LYS A 338 59.66 -49.71 -35.39
C LYS A 338 59.17 -49.52 -33.94
N ARG A 339 57.85 -49.73 -33.68
CA ARG A 339 57.24 -49.62 -32.36
C ARG A 339 57.57 -50.82 -31.49
N THR A 340 57.86 -50.59 -30.20
CA THR A 340 58.20 -51.63 -29.23
C THR A 340 56.99 -52.06 -28.33
N ILE A 341 55.82 -51.36 -28.46
CA ILE A 341 54.52 -51.54 -27.76
C ILE A 341 54.58 -52.32 -26.41
N GLN A 342 54.77 -51.57 -25.30
CA GLN A 342 54.92 -52.08 -23.94
C GLN A 342 53.72 -52.89 -23.42
N PHE A 343 54.02 -54.09 -22.89
CA PHE A 343 53.07 -55.04 -22.32
C PHE A 343 53.49 -55.33 -20.88
N VAL A 344 52.50 -55.59 -19.99
CA VAL A 344 52.75 -55.95 -18.56
C VAL A 344 53.50 -57.28 -18.48
N ASP A 345 54.24 -57.48 -17.37
CA ASP A 345 55.04 -58.69 -17.11
C ASP A 345 54.23 -59.98 -17.12
N TRP A 346 53.05 -59.98 -16.47
CA TRP A 346 52.15 -61.13 -16.35
C TRP A 346 51.44 -61.54 -17.65
N CYS A 347 51.49 -60.69 -18.70
CA CYS A 347 50.82 -60.93 -19.98
C CYS A 347 51.71 -61.25 -21.19
N PRO A 348 51.28 -62.21 -22.06
CA PRO A 348 52.07 -62.52 -23.25
C PRO A 348 51.89 -61.44 -24.32
N THR A 349 53.01 -60.92 -24.84
CA THR A 349 53.01 -59.86 -25.85
C THR A 349 52.40 -60.36 -27.18
N GLY A 350 51.15 -60.01 -27.44
CA GLY A 350 50.49 -60.43 -28.66
C GLY A 350 48.99 -60.22 -28.75
N PHE A 351 48.50 -60.31 -30.00
CA PHE A 351 47.12 -60.08 -30.46
C PHE A 351 46.40 -61.27 -31.10
N LYS A 352 45.12 -61.45 -30.70
CA LYS A 352 44.22 -62.46 -31.23
C LYS A 352 43.50 -61.76 -32.40
N VAL A 353 44.11 -61.79 -33.59
CA VAL A 353 43.60 -61.18 -34.83
C VAL A 353 42.35 -61.95 -35.29
N GLY A 354 41.52 -61.32 -36.14
CA GLY A 354 40.31 -61.92 -36.68
C GLY A 354 39.71 -61.15 -37.84
N ILE A 355 39.51 -61.83 -39.00
CA ILE A 355 38.90 -61.19 -40.18
C ILE A 355 37.49 -61.71 -40.43
N ASN A 356 36.47 -60.86 -40.35
CA ASN A 356 35.12 -61.29 -40.73
C ASN A 356 35.02 -60.89 -42.21
N TYR A 357 34.85 -61.90 -43.07
CA TYR A 357 34.81 -61.76 -44.52
C TYR A 357 33.68 -60.88 -45.07
N GLN A 358 32.55 -60.78 -44.34
CA GLN A 358 31.40 -59.94 -44.74
C GLN A 358 31.82 -58.45 -44.91
N PRO A 359 31.18 -57.69 -45.82
CA PRO A 359 31.67 -56.33 -46.09
C PRO A 359 31.27 -55.23 -45.11
N PRO A 360 32.16 -54.20 -44.95
CA PRO A 360 31.80 -53.07 -44.08
C PRO A 360 30.76 -52.20 -44.77
N THR A 361 29.56 -52.13 -44.15
CA THR A 361 28.42 -51.36 -44.64
C THR A 361 28.48 -49.91 -44.12
N VAL A 362 28.12 -48.95 -45.00
CA VAL A 362 28.02 -47.52 -44.68
C VAL A 362 26.54 -47.12 -44.83
N VAL A 363 26.17 -45.90 -44.38
CA VAL A 363 24.78 -45.44 -44.40
C VAL A 363 24.38 -44.79 -45.74
N PRO A 364 23.27 -45.26 -46.41
CA PRO A 364 22.86 -44.65 -47.68
C PRO A 364 22.18 -43.31 -47.41
N GLY A 365 22.82 -42.25 -47.88
CA GLY A 365 22.40 -40.86 -47.66
C GLY A 365 23.12 -40.28 -46.46
N GLY A 366 24.34 -40.78 -46.21
CA GLY A 366 25.20 -40.38 -45.10
C GLY A 366 26.57 -39.92 -45.53
N ASP A 367 27.38 -39.51 -44.52
CA ASP A 367 28.75 -38.98 -44.61
C ASP A 367 29.79 -40.05 -44.98
N LEU A 368 29.73 -41.21 -44.29
CA LEU A 368 30.65 -42.36 -44.39
C LEU A 368 30.79 -42.94 -45.80
N ALA A 369 32.05 -43.19 -46.20
CA ALA A 369 32.40 -43.74 -47.52
C ALA A 369 32.60 -45.26 -47.46
N LYS A 370 32.00 -45.97 -48.44
CA LYS A 370 32.05 -47.42 -48.59
C LYS A 370 33.50 -47.88 -48.85
N VAL A 371 34.06 -48.61 -47.87
CA VAL A 371 35.42 -49.15 -47.89
C VAL A 371 35.39 -50.69 -47.88
N GLN A 372 36.04 -51.32 -48.88
CA GLN A 372 36.13 -52.77 -49.03
C GLN A 372 36.83 -53.42 -47.83
N ARG A 373 37.95 -52.79 -47.37
CA ARG A 373 38.78 -53.22 -46.24
C ARG A 373 38.71 -52.18 -45.07
N ALA A 374 38.34 -52.66 -43.86
CA ALA A 374 38.23 -51.88 -42.63
C ALA A 374 38.72 -52.70 -41.42
N VAL A 375 39.01 -52.04 -40.28
CA VAL A 375 39.53 -52.68 -39.07
C VAL A 375 39.23 -51.97 -37.73
N CYS A 376 38.59 -52.68 -36.80
CA CYS A 376 38.34 -52.24 -35.42
C CYS A 376 39.61 -52.62 -34.61
N MET A 377 39.60 -52.47 -33.26
CA MET A 377 40.73 -52.83 -32.42
C MET A 377 40.43 -52.74 -30.93
N LEU A 378 40.08 -53.88 -30.36
CA LEU A 378 39.80 -53.92 -28.94
C LEU A 378 41.14 -54.17 -28.21
N SER A 379 41.54 -53.21 -27.35
CA SER A 379 42.82 -53.23 -26.62
C SER A 379 42.73 -52.78 -25.15
N ASN A 380 43.19 -53.64 -24.22
CA ASN A 380 43.21 -53.30 -22.78
C ASN A 380 44.55 -52.62 -22.39
N THR A 381 44.49 -51.29 -22.15
CA THR A 381 45.60 -50.40 -21.79
C THR A 381 45.36 -49.79 -20.39
N THR A 382 46.41 -49.79 -19.50
CA THR A 382 46.33 -49.19 -18.14
C THR A 382 46.12 -47.66 -18.25
N ALA A 383 46.44 -47.12 -19.46
CA ALA A 383 46.31 -45.73 -19.88
C ALA A 383 44.85 -45.26 -19.88
N ILE A 384 43.86 -46.19 -19.76
CA ILE A 384 42.43 -45.84 -19.71
C ILE A 384 42.08 -45.11 -18.39
N ALA A 385 42.96 -45.21 -17.37
CA ALA A 385 42.82 -44.53 -16.08
C ALA A 385 43.05 -43.03 -16.21
N GLU A 386 43.59 -42.58 -17.36
CA GLU A 386 43.86 -41.19 -17.72
C GLU A 386 42.56 -40.50 -18.18
N ALA A 387 41.44 -41.27 -18.22
CA ALA A 387 40.07 -40.84 -18.53
C ALA A 387 39.25 -40.75 -17.22
N TRP A 388 39.52 -41.68 -16.27
CA TRP A 388 38.91 -41.71 -14.94
C TRP A 388 39.50 -40.55 -14.12
N ALA A 389 40.87 -40.35 -14.17
CA ALA A 389 41.64 -39.30 -13.48
C ALA A 389 41.02 -37.95 -13.74
N ARG A 390 40.54 -37.75 -14.99
CA ARG A 390 39.85 -36.55 -15.48
C ARG A 390 38.57 -36.36 -14.69
N LEU A 391 37.68 -37.37 -14.74
CA LEU A 391 36.40 -37.36 -14.08
C LEU A 391 36.50 -37.38 -12.58
N ASP A 392 37.49 -38.06 -12.05
CA ASP A 392 37.64 -38.11 -10.61
C ASP A 392 37.96 -36.76 -10.01
N HIS A 393 38.81 -35.95 -10.67
CA HIS A 393 39.15 -34.60 -10.19
C HIS A 393 37.94 -33.64 -10.23
N LYS A 394 37.18 -33.62 -11.34
CA LYS A 394 35.95 -32.81 -11.50
C LYS A 394 34.92 -33.11 -10.40
N PHE A 395 34.81 -34.40 -10.03
CA PHE A 395 33.97 -34.91 -8.97
C PHE A 395 34.54 -34.46 -7.62
N ASP A 396 35.88 -34.57 -7.48
CA ASP A 396 36.61 -34.21 -6.28
C ASP A 396 36.49 -32.75 -5.99
N LEU A 397 36.49 -31.90 -7.04
CA LEU A 397 36.37 -30.44 -6.95
C LEU A 397 35.02 -30.00 -6.36
N MET A 398 33.94 -30.45 -7.01
CA MET A 398 32.55 -30.15 -6.67
C MET A 398 32.19 -30.60 -5.26
N TYR A 399 32.37 -31.90 -4.98
CA TYR A 399 32.05 -32.54 -3.71
C TYR A 399 32.81 -31.97 -2.51
N ALA A 400 34.07 -31.53 -2.76
CA ALA A 400 34.94 -30.92 -1.75
C ALA A 400 34.24 -29.73 -1.12
N LYS A 401 33.61 -28.85 -1.96
CA LYS A 401 32.84 -27.68 -1.54
C LYS A 401 31.31 -28.01 -1.50
N ARG A 402 30.97 -29.31 -1.69
CA ARG A 402 29.62 -29.89 -1.65
C ARG A 402 28.55 -29.29 -2.56
N ALA A 403 28.96 -28.79 -3.75
CA ALA A 403 28.06 -28.20 -4.74
C ALA A 403 27.13 -29.25 -5.39
N PHE A 404 25.84 -28.89 -5.56
CA PHE A 404 24.76 -29.70 -6.18
C PHE A 404 24.23 -30.91 -5.42
N VAL A 405 24.95 -31.39 -4.38
CA VAL A 405 24.64 -32.56 -3.54
C VAL A 405 23.15 -32.66 -3.11
N HIS A 406 22.59 -31.54 -2.58
CA HIS A 406 21.23 -31.38 -2.07
C HIS A 406 20.13 -31.90 -2.99
N TRP A 407 20.39 -31.87 -4.33
CA TRP A 407 19.48 -32.36 -5.37
C TRP A 407 19.41 -33.89 -5.26
N TYR A 408 20.58 -34.55 -4.99
CA TYR A 408 20.71 -35.99 -4.88
C TYR A 408 20.12 -36.56 -3.57
N VAL A 409 20.42 -35.90 -2.42
CA VAL A 409 19.91 -36.32 -1.10
C VAL A 409 18.40 -36.07 -0.90
N GLY A 410 17.88 -35.17 -1.73
CA GLY A 410 16.47 -34.81 -1.76
C GLY A 410 15.70 -35.90 -2.45
N GLU A 411 16.40 -36.68 -3.32
CA GLU A 411 15.83 -37.79 -4.08
C GLU A 411 15.74 -39.10 -3.31
N GLY A 412 16.26 -39.11 -2.08
CA GLY A 412 16.24 -40.27 -1.20
C GLY A 412 17.59 -40.89 -0.93
N MET A 413 18.64 -40.41 -1.63
CA MET A 413 20.01 -40.90 -1.48
C MET A 413 20.57 -40.53 -0.09
N GLU A 414 21.82 -40.95 0.20
CA GLU A 414 22.54 -40.64 1.43
C GLU A 414 23.80 -39.90 1.03
N GLU A 415 24.45 -39.13 1.94
CA GLU A 415 25.69 -38.44 1.56
C GLU A 415 26.83 -39.44 1.37
N GLY A 416 26.70 -40.57 2.07
CA GLY A 416 27.61 -41.70 2.03
C GLY A 416 27.88 -42.19 0.63
N GLU A 417 26.80 -42.48 -0.16
CA GLU A 417 26.85 -42.92 -1.56
C GLU A 417 27.86 -42.13 -2.43
N PHE A 418 28.08 -40.83 -2.13
CA PHE A 418 29.03 -39.99 -2.87
C PHE A 418 30.47 -40.35 -2.54
N SER A 419 30.80 -40.37 -1.24
CA SER A 419 32.13 -40.69 -0.71
C SER A 419 32.46 -42.15 -1.05
N GLU A 420 31.50 -43.08 -0.77
CA GLU A 420 31.49 -44.52 -1.04
C GLU A 420 32.00 -44.77 -2.46
N ALA A 421 31.37 -44.12 -3.46
CA ALA A 421 31.71 -44.20 -4.87
C ALA A 421 33.10 -43.71 -5.20
N ARG A 422 33.54 -42.54 -4.66
CA ARG A 422 34.89 -41.97 -4.89
C ARG A 422 36.00 -42.75 -4.20
N GLU A 423 35.71 -43.30 -2.99
CA GLU A 423 36.64 -44.13 -2.20
C GLU A 423 37.06 -45.36 -3.03
N ASP A 424 36.06 -45.93 -3.75
CA ASP A 424 36.18 -47.07 -4.66
C ASP A 424 36.76 -46.68 -6.04
N MET A 425 36.52 -45.42 -6.48
CA MET A 425 37.04 -44.89 -7.76
C MET A 425 38.50 -44.62 -7.62
N ALA A 426 38.93 -44.42 -6.36
CA ALA A 426 40.31 -44.26 -5.99
C ALA A 426 40.91 -45.66 -6.02
N ALA A 427 40.20 -46.67 -5.44
CA ALA A 427 40.62 -48.08 -5.41
C ALA A 427 40.92 -48.57 -6.83
N LEU A 428 40.06 -48.17 -7.80
CA LEU A 428 40.19 -48.49 -9.22
C LEU A 428 41.39 -47.76 -9.83
N GLU A 429 41.59 -46.44 -9.53
CA GLU A 429 42.74 -45.65 -10.01
C GLU A 429 44.10 -46.27 -9.57
N LYS A 430 44.09 -46.97 -8.39
CA LYS A 430 45.20 -47.69 -7.76
C LYS A 430 45.38 -49.07 -8.38
N ASP A 431 44.28 -49.71 -8.80
CA ASP A 431 44.29 -51.00 -9.47
C ASP A 431 44.99 -50.86 -10.81
N TYR A 432 45.05 -49.63 -11.34
CA TYR A 432 45.75 -49.30 -12.57
C TYR A 432 47.23 -48.97 -12.27
N GLU A 433 47.53 -48.74 -10.97
CA GLU A 433 48.89 -48.49 -10.48
C GLU A 433 49.44 -49.86 -10.11
N GLU A 434 48.63 -50.71 -9.45
CA GLU A 434 48.95 -52.09 -9.01
C GLU A 434 49.30 -53.00 -10.17
N VAL A 435 48.69 -52.75 -11.36
CA VAL A 435 48.87 -53.49 -12.62
C VAL A 435 49.88 -52.75 -13.54
N GLY A 436 49.63 -51.48 -13.80
CA GLY A 436 50.53 -50.65 -14.59
C GLY A 436 51.72 -50.27 -13.73
N VAL A 437 52.69 -51.23 -13.59
CA VAL A 437 53.92 -51.10 -12.79
C VAL A 437 55.14 -50.63 -13.62
N GLU B 3 4.87 -29.01 -19.53
CA GLU B 3 3.75 -28.08 -19.24
C GLU B 3 4.05 -27.05 -18.13
N ILE B 4 3.69 -25.78 -18.39
CA ILE B 4 3.90 -24.67 -17.45
C ILE B 4 2.59 -23.91 -17.24
N VAL B 5 2.30 -23.60 -15.95
CA VAL B 5 1.16 -22.82 -15.50
C VAL B 5 1.76 -21.48 -15.09
N HIS B 6 1.30 -20.42 -15.77
CA HIS B 6 1.75 -19.05 -15.59
C HIS B 6 0.77 -18.19 -14.80
N ILE B 7 1.11 -17.91 -13.56
CA ILE B 7 0.29 -17.04 -12.73
C ILE B 7 0.87 -15.61 -12.84
N GLN B 8 -0.01 -14.61 -13.00
CA GLN B 8 0.44 -13.21 -13.03
C GLN B 8 -0.26 -12.36 -11.99
N ALA B 9 0.51 -11.97 -10.96
CA ALA B 9 0.06 -11.22 -9.79
C ALA B 9 0.39 -9.68 -9.71
N GLY B 10 -0.64 -8.88 -9.44
CA GLY B 10 -0.50 -7.45 -9.26
C GLY B 10 -0.41 -6.61 -10.52
N GLN B 11 -0.30 -5.27 -10.30
CA GLN B 11 -0.19 -4.17 -11.25
C GLN B 11 0.96 -4.46 -12.22
N CYS B 12 2.14 -4.68 -11.65
CA CYS B 12 3.37 -4.99 -12.35
C CYS B 12 3.29 -6.35 -13.05
N GLY B 13 3.12 -7.43 -12.26
CA GLY B 13 3.02 -8.81 -12.74
C GLY B 13 2.11 -9.05 -13.94
N ASN B 14 0.95 -8.40 -13.96
CA ASN B 14 -0.01 -8.52 -15.06
C ASN B 14 0.46 -7.78 -16.31
N GLN B 15 1.09 -6.61 -16.13
CA GLN B 15 1.61 -5.79 -17.22
C GLN B 15 2.79 -6.51 -17.88
N ILE B 16 3.81 -6.86 -17.04
CA ILE B 16 5.04 -7.58 -17.36
C ILE B 16 4.72 -8.88 -18.09
N GLY B 17 3.77 -9.64 -17.54
CA GLY B 17 3.30 -10.92 -18.07
C GLY B 17 2.65 -10.81 -19.43
N ALA B 18 1.75 -9.80 -19.61
CA ALA B 18 1.04 -9.52 -20.85
C ALA B 18 2.02 -9.11 -21.95
N LYS B 19 3.08 -8.41 -21.56
CA LYS B 19 4.13 -7.98 -22.48
C LYS B 19 4.81 -9.21 -23.10
N PHE B 20 5.15 -10.22 -22.27
CA PHE B 20 5.77 -11.50 -22.71
C PHE B 20 4.74 -12.34 -23.49
N TRP B 21 3.47 -12.34 -23.03
CA TRP B 21 2.37 -13.06 -23.65
C TRP B 21 1.91 -12.59 -25.05
N GLU B 22 2.55 -11.55 -25.59
CA GLU B 22 2.31 -11.04 -26.96
C GLU B 22 3.61 -11.21 -27.73
N VAL B 23 4.75 -11.03 -27.02
CA VAL B 23 6.11 -11.18 -27.51
C VAL B 23 6.32 -12.61 -27.99
N ILE B 24 5.86 -13.61 -27.19
CA ILE B 24 5.94 -15.04 -27.50
C ILE B 24 4.97 -15.45 -28.59
N SER B 25 3.74 -14.94 -28.56
CA SER B 25 2.70 -15.20 -29.54
C SER B 25 3.14 -14.78 -30.93
N ASP B 26 3.99 -13.74 -31.03
CA ASP B 26 4.53 -13.27 -32.31
C ASP B 26 5.48 -14.33 -32.87
N GLU B 27 6.34 -14.86 -32.00
CA GLU B 27 7.30 -15.91 -32.30
C GLU B 27 6.59 -17.27 -32.53
N HIS B 28 5.34 -17.41 -32.02
CA HIS B 28 4.52 -18.63 -32.09
C HIS B 28 3.29 -18.56 -33.01
N GLY B 29 3.16 -17.46 -33.73
CA GLY B 29 2.09 -17.22 -34.69
C GLY B 29 0.67 -17.13 -34.15
N ILE B 30 0.49 -17.10 -32.80
CA ILE B 30 -0.84 -17.01 -32.18
C ILE B 30 -1.38 -15.57 -32.28
N ASP B 31 -2.14 -15.30 -33.38
CA ASP B 31 -2.74 -13.99 -33.71
C ASP B 31 -3.54 -13.43 -32.54
N PRO B 32 -3.58 -12.08 -32.31
CA PRO B 32 -4.30 -11.53 -31.15
C PRO B 32 -5.64 -12.13 -30.70
N THR B 33 -6.34 -12.86 -31.60
CA THR B 33 -7.63 -13.55 -31.34
C THR B 33 -7.45 -15.00 -30.89
N GLY B 34 -6.32 -15.60 -31.23
CA GLY B 34 -5.99 -16.97 -30.85
C GLY B 34 -6.25 -17.97 -31.95
N SER B 35 -5.21 -18.17 -32.81
CA SER B 35 -5.15 -19.12 -33.93
C SER B 35 -3.76 -19.06 -34.57
N TYR B 36 -3.22 -20.23 -34.96
CA TYR B 36 -1.92 -20.33 -35.62
C TYR B 36 -1.94 -19.83 -37.06
N HIS B 37 -0.89 -19.08 -37.43
CA HIS B 37 -0.69 -18.49 -38.76
C HIS B 37 0.77 -18.49 -39.23
N GLY B 38 1.69 -18.84 -38.34
CA GLY B 38 3.13 -18.85 -38.57
C GLY B 38 3.65 -19.47 -39.85
N ASP B 39 4.87 -19.04 -40.26
CA ASP B 39 5.60 -19.50 -41.45
C ASP B 39 5.98 -20.99 -41.41
N SER B 40 6.43 -21.50 -40.24
CA SER B 40 6.84 -22.90 -40.06
C SER B 40 6.17 -23.59 -38.86
N ASP B 41 6.26 -24.94 -38.82
CA ASP B 41 5.71 -25.79 -37.76
C ASP B 41 6.76 -26.15 -36.67
N LEU B 42 7.93 -25.44 -36.69
CA LEU B 42 9.00 -25.53 -35.69
C LEU B 42 8.52 -24.78 -34.42
N GLN B 43 7.54 -23.87 -34.62
CA GLN B 43 6.83 -23.09 -33.60
C GLN B 43 5.92 -24.06 -32.83
N LEU B 44 4.89 -24.60 -33.52
CA LEU B 44 3.87 -25.55 -33.04
C LEU B 44 4.40 -26.80 -32.37
N GLU B 45 5.63 -27.23 -32.70
CA GLU B 45 6.30 -28.42 -32.15
C GLU B 45 6.24 -28.39 -30.59
N ARG B 46 6.79 -27.32 -29.98
CA ARG B 46 6.78 -27.13 -28.53
C ARG B 46 5.87 -25.94 -28.16
N ILE B 47 4.56 -26.08 -28.47
CA ILE B 47 3.52 -25.07 -28.25
C ILE B 47 2.52 -25.44 -27.15
N ASN B 48 2.54 -26.72 -26.74
CA ASN B 48 1.71 -27.25 -25.65
C ASN B 48 2.35 -26.84 -24.31
N VAL B 49 3.59 -26.30 -24.37
CA VAL B 49 4.40 -25.77 -23.26
C VAL B 49 3.63 -24.64 -22.58
N TYR B 50 3.15 -23.67 -23.39
CA TYR B 50 2.43 -22.50 -22.90
C TYR B 50 0.96 -22.45 -23.27
N TYR B 51 0.59 -22.81 -24.51
CA TYR B 51 -0.81 -22.74 -24.98
C TYR B 51 -1.58 -24.04 -24.95
N ASN B 52 -2.91 -23.94 -24.95
CA ASN B 52 -3.87 -25.05 -24.94
C ASN B 52 -4.87 -24.91 -26.12
N GLU B 53 -5.65 -25.96 -26.42
CA GLU B 53 -6.59 -25.95 -27.53
C GLU B 53 -8.06 -25.87 -27.11
N ALA B 54 -8.87 -25.13 -27.92
CA ALA B 54 -10.33 -24.96 -27.79
C ALA B 54 -11.05 -25.92 -28.79
N THR B 55 -10.41 -27.12 -28.98
CA THR B 55 -10.73 -28.30 -29.83
C THR B 55 -11.86 -28.18 -30.91
N GLY B 56 -11.61 -27.49 -32.03
CA GLY B 56 -10.38 -26.76 -32.35
C GLY B 56 -10.64 -25.49 -33.13
N ASN B 57 -9.61 -24.64 -33.33
CA ASN B 57 -8.27 -24.82 -32.80
C ASN B 57 -8.07 -23.88 -31.65
N LYS B 58 -8.30 -22.57 -31.88
CA LYS B 58 -8.16 -21.47 -30.93
C LYS B 58 -7.21 -21.74 -29.75
N TYR B 59 -5.95 -21.31 -29.88
CA TYR B 59 -4.89 -21.48 -28.88
C TYR B 59 -5.10 -20.54 -27.70
N VAL B 60 -5.19 -21.10 -26.48
CA VAL B 60 -5.40 -20.37 -25.22
C VAL B 60 -4.14 -20.49 -24.33
N PRO B 61 -3.53 -19.38 -23.83
CA PRO B 61 -2.34 -19.52 -22.96
C PRO B 61 -2.65 -20.22 -21.63
N ARG B 62 -1.65 -20.81 -20.98
CA ARG B 62 -1.88 -21.44 -19.69
C ARG B 62 -1.54 -20.42 -18.63
N ALA B 63 -2.10 -19.19 -18.81
CA ALA B 63 -1.92 -18.01 -17.97
C ALA B 63 -3.13 -17.76 -17.06
N ILE B 64 -2.86 -17.53 -15.74
CA ILE B 64 -3.84 -17.23 -14.68
C ILE B 64 -3.61 -15.78 -14.27
N LEU B 65 -4.66 -14.96 -14.36
CA LEU B 65 -4.59 -13.54 -14.03
C LEU B 65 -5.13 -13.26 -12.62
N VAL B 66 -4.30 -12.60 -11.79
CA VAL B 66 -4.65 -12.30 -10.41
C VAL B 66 -4.34 -10.85 -10.05
N ASP B 67 -5.29 -10.17 -9.39
CA ASP B 67 -5.17 -8.79 -8.89
C ASP B 67 -6.25 -8.50 -7.87
N LEU B 68 -5.90 -7.89 -6.72
CA LEU B 68 -6.86 -7.55 -5.68
C LEU B 68 -7.77 -6.36 -6.02
N GLU B 69 -7.51 -5.70 -7.18
CA GLU B 69 -8.27 -4.59 -7.77
C GLU B 69 -8.59 -4.89 -9.27
N PRO B 70 -9.69 -4.34 -9.82
CA PRO B 70 -10.02 -4.65 -11.22
C PRO B 70 -9.42 -3.71 -12.27
N GLY B 71 -8.65 -2.73 -11.82
CA GLY B 71 -8.02 -1.73 -12.69
C GLY B 71 -7.08 -2.32 -13.74
N THR B 72 -6.10 -3.11 -13.27
CA THR B 72 -5.07 -3.76 -14.10
C THR B 72 -5.66 -4.84 -14.98
N MET B 73 -6.72 -5.54 -14.48
CA MET B 73 -7.39 -6.62 -15.21
C MET B 73 -8.15 -6.13 -16.41
N ASP B 74 -8.85 -4.98 -16.27
CA ASP B 74 -9.60 -4.36 -17.34
C ASP B 74 -8.70 -3.80 -18.44
N SER B 75 -7.43 -3.48 -18.09
CA SER B 75 -6.37 -2.99 -19.00
C SER B 75 -5.99 -4.11 -19.95
N VAL B 76 -5.60 -5.28 -19.39
CA VAL B 76 -5.23 -6.49 -20.13
C VAL B 76 -6.43 -6.89 -21.01
N ARG B 77 -7.65 -6.94 -20.41
CA ARG B 77 -8.94 -7.25 -21.03
C ARG B 77 -9.16 -6.39 -22.29
N SER B 78 -8.82 -5.09 -22.19
CA SER B 78 -8.94 -4.14 -23.27
C SER B 78 -7.74 -4.21 -24.21
N GLY B 79 -6.56 -4.49 -23.65
CA GLY B 79 -5.26 -4.60 -24.30
C GLY B 79 -5.22 -5.33 -25.64
N PRO B 80 -4.26 -4.95 -26.54
CA PRO B 80 -4.16 -5.57 -27.88
C PRO B 80 -4.35 -7.08 -28.01
N PHE B 81 -3.77 -7.84 -27.07
CA PHE B 81 -3.84 -9.29 -27.04
C PHE B 81 -4.77 -9.83 -25.94
N GLY B 82 -5.63 -8.97 -25.40
CA GLY B 82 -6.55 -9.31 -24.32
C GLY B 82 -7.53 -10.46 -24.57
N GLN B 83 -8.10 -10.52 -25.77
CA GLN B 83 -9.06 -11.53 -26.20
C GLN B 83 -8.55 -12.99 -26.09
N ILE B 84 -7.22 -13.18 -26.25
CA ILE B 84 -6.50 -14.46 -26.21
C ILE B 84 -6.59 -15.25 -24.89
N PHE B 85 -6.95 -14.58 -23.78
CA PHE B 85 -7.04 -15.16 -22.44
C PHE B 85 -8.42 -15.72 -22.12
N ARG B 86 -8.48 -16.80 -21.31
CA ARG B 86 -9.74 -17.46 -20.92
C ARG B 86 -10.49 -16.62 -19.89
N PRO B 87 -11.71 -16.14 -20.22
CA PRO B 87 -12.47 -15.29 -19.28
C PRO B 87 -12.61 -15.81 -17.85
N ASP B 88 -12.54 -17.15 -17.67
CA ASP B 88 -12.60 -17.79 -16.36
C ASP B 88 -11.20 -17.99 -15.73
N ASN B 89 -10.22 -17.14 -16.12
CA ASN B 89 -8.87 -17.16 -15.56
C ASN B 89 -8.47 -15.82 -14.94
N PHE B 90 -9.41 -14.86 -14.89
CA PHE B 90 -9.23 -13.52 -14.29
C PHE B 90 -9.87 -13.56 -12.91
N VAL B 91 -9.02 -13.64 -11.87
CA VAL B 91 -9.45 -13.72 -10.47
C VAL B 91 -9.12 -12.38 -9.83
N PHE B 92 -10.13 -11.50 -9.69
CA PHE B 92 -9.89 -10.17 -9.13
C PHE B 92 -10.89 -9.68 -8.11
N GLY B 93 -10.37 -9.00 -7.10
CA GLY B 93 -11.13 -8.39 -6.02
C GLY B 93 -11.48 -6.94 -6.31
N GLN B 94 -11.84 -6.21 -5.25
CA GLN B 94 -12.23 -4.80 -5.32
C GLN B 94 -11.44 -3.98 -4.30
N SER B 95 -11.01 -4.61 -3.18
CA SER B 95 -10.22 -4.02 -2.07
C SER B 95 -8.69 -3.98 -2.40
N GLY B 96 -8.37 -3.39 -3.54
CA GLY B 96 -7.06 -3.26 -4.20
C GLY B 96 -5.69 -3.40 -3.55
N ALA B 97 -5.53 -4.24 -2.46
CA ALA B 97 -4.30 -4.50 -1.69
C ALA B 97 -3.55 -3.25 -1.16
N GLY B 98 -3.58 -2.18 -1.96
CA GLY B 98 -3.02 -0.85 -1.72
C GLY B 98 -1.61 -0.84 -1.18
N ASN B 99 -0.62 -1.27 -2.00
CA ASN B 99 0.83 -1.32 -1.70
C ASN B 99 1.18 -1.77 -0.27
N ASN B 100 0.47 -2.81 0.20
CA ASN B 100 0.64 -3.38 1.52
C ASN B 100 0.78 -4.88 1.40
N TRP B 101 2.02 -5.38 1.64
CA TRP B 101 2.37 -6.79 1.60
C TRP B 101 1.40 -7.49 2.51
N ALA B 102 1.25 -6.99 3.76
CA ALA B 102 0.36 -7.52 4.79
C ALA B 102 -1.11 -7.72 4.32
N LYS B 103 -1.65 -6.78 3.51
CA LYS B 103 -3.02 -6.81 2.95
C LYS B 103 -3.10 -7.87 1.89
N GLY B 104 -2.16 -7.86 0.95
CA GLY B 104 -2.08 -8.85 -0.11
C GLY B 104 -1.79 -10.23 0.42
N HIS B 105 -0.72 -10.39 1.21
CA HIS B 105 -0.31 -11.65 1.80
C HIS B 105 -1.29 -12.22 2.80
N TYR B 106 -1.76 -11.42 3.76
CA TYR B 106 -2.74 -11.87 4.76
C TYR B 106 -4.10 -11.31 4.33
N THR B 107 -5.01 -11.05 5.29
CA THR B 107 -6.37 -10.50 5.12
C THR B 107 -7.00 -10.62 3.71
N GLU B 108 -6.91 -9.50 2.93
CA GLU B 108 -7.48 -9.24 1.59
C GLU B 108 -7.12 -10.29 0.57
N GLY B 109 -5.84 -10.46 0.31
CA GLY B 109 -5.41 -11.50 -0.63
C GLY B 109 -5.80 -12.91 -0.23
N ALA B 110 -5.71 -13.23 1.09
CA ALA B 110 -6.07 -14.51 1.69
C ALA B 110 -7.57 -14.79 1.50
N GLU B 111 -8.38 -13.72 1.35
CA GLU B 111 -9.80 -13.89 1.06
C GLU B 111 -9.93 -14.47 -0.35
N LEU B 112 -9.14 -13.96 -1.32
CA LEU B 112 -9.14 -14.41 -2.73
C LEU B 112 -8.23 -15.64 -3.08
N VAL B 113 -7.24 -15.98 -2.24
CA VAL B 113 -6.29 -17.08 -2.48
C VAL B 113 -6.96 -18.33 -3.02
N ASP B 114 -7.79 -18.98 -2.18
CA ASP B 114 -8.57 -20.21 -2.38
C ASP B 114 -9.29 -20.19 -3.73
N SER B 115 -9.88 -19.03 -4.09
CA SER B 115 -10.57 -18.76 -5.35
C SER B 115 -9.62 -18.95 -6.54
N VAL B 116 -8.37 -18.43 -6.42
CA VAL B 116 -7.33 -18.53 -7.45
C VAL B 116 -6.76 -19.97 -7.53
N LEU B 117 -6.62 -20.65 -6.38
CA LEU B 117 -6.12 -22.02 -6.32
C LEU B 117 -7.03 -23.02 -7.03
N ASP B 118 -8.35 -22.73 -7.05
CA ASP B 118 -9.38 -23.52 -7.74
C ASP B 118 -9.04 -23.49 -9.24
N VAL B 119 -8.59 -22.32 -9.73
CA VAL B 119 -8.20 -22.08 -11.11
C VAL B 119 -6.96 -22.92 -11.47
N VAL B 120 -5.88 -22.85 -10.64
CA VAL B 120 -4.66 -23.64 -10.87
C VAL B 120 -4.94 -25.15 -10.83
N ARG B 121 -5.74 -25.63 -9.83
CA ARG B 121 -6.18 -27.01 -9.65
C ARG B 121 -6.70 -27.50 -11.02
N LYS B 122 -7.78 -26.83 -11.50
CA LYS B 122 -8.46 -27.06 -12.78
C LYS B 122 -7.47 -26.95 -13.94
N GLU B 123 -6.71 -25.86 -14.01
CA GLU B 123 -5.75 -25.65 -15.10
C GLU B 123 -4.62 -26.69 -15.18
N SER B 124 -4.32 -27.36 -14.04
CA SER B 124 -3.30 -28.42 -13.98
C SER B 124 -3.84 -29.76 -14.51
N GLU B 125 -5.21 -29.91 -14.53
CA GLU B 125 -5.90 -31.12 -15.01
C GLU B 125 -5.66 -31.40 -16.48
N SER B 126 -5.74 -30.34 -17.34
CA SER B 126 -5.52 -30.43 -18.79
C SER B 126 -4.09 -30.90 -19.18
N CYS B 127 -3.11 -30.74 -18.26
CA CYS B 127 -1.69 -31.08 -18.42
C CYS B 127 -1.40 -32.58 -18.23
N ASP B 128 -0.78 -33.20 -19.26
CA ASP B 128 -0.39 -34.62 -19.30
C ASP B 128 0.59 -34.94 -18.18
N CYS B 129 1.66 -34.11 -18.06
CA CYS B 129 2.69 -34.14 -17.01
C CYS B 129 3.32 -32.73 -16.87
N LEU B 130 2.79 -31.94 -15.92
CA LEU B 130 3.25 -30.57 -15.63
C LEU B 130 4.73 -30.51 -15.15
N GLN B 131 5.49 -29.45 -15.58
CA GLN B 131 6.90 -29.19 -15.22
C GLN B 131 6.90 -28.47 -13.91
N GLY B 132 6.12 -27.39 -13.91
CA GLY B 132 5.97 -26.51 -12.78
C GLY B 132 5.18 -25.26 -13.14
N PHE B 133 5.39 -24.23 -12.30
CA PHE B 133 4.72 -22.94 -12.34
C PHE B 133 5.68 -21.78 -12.54
N GLN B 134 5.14 -20.72 -13.15
CA GLN B 134 5.83 -19.49 -13.50
C GLN B 134 5.04 -18.32 -12.96
N LEU B 135 5.69 -17.45 -12.16
CA LEU B 135 5.03 -16.27 -11.61
C LEU B 135 5.74 -14.95 -11.90
N THR B 136 4.97 -14.00 -12.41
CA THR B 136 5.49 -12.67 -12.66
C THR B 136 4.82 -11.80 -11.63
N HIS B 137 5.60 -11.00 -10.88
CA HIS B 137 5.12 -10.11 -9.80
C HIS B 137 6.17 -9.08 -9.39
N SER B 138 5.70 -7.99 -8.78
CA SER B 138 6.49 -6.88 -8.25
C SER B 138 6.72 -7.10 -6.78
N LEU B 139 7.91 -6.69 -6.28
CA LEU B 139 8.24 -6.85 -4.86
C LEU B 139 8.04 -5.63 -3.91
N GLY B 140 7.50 -4.54 -4.45
CA GLY B 140 7.20 -3.34 -3.68
C GLY B 140 5.76 -3.15 -3.23
N GLY B 141 4.80 -3.64 -4.01
CA GLY B 141 3.37 -3.48 -3.73
C GLY B 141 2.71 -4.53 -2.85
N GLY B 142 1.38 -4.61 -2.96
CA GLY B 142 0.52 -5.49 -2.16
C GLY B 142 0.13 -6.84 -2.75
N THR B 143 -0.60 -6.84 -3.91
CA THR B 143 -1.06 -8.07 -4.58
C THR B 143 0.15 -8.94 -4.91
N GLY B 144 1.00 -8.45 -5.83
CA GLY B 144 2.21 -9.11 -6.31
C GLY B 144 3.20 -9.51 -5.23
N SER B 145 3.63 -8.52 -4.42
CA SER B 145 4.57 -8.75 -3.33
C SER B 145 4.04 -9.68 -2.21
N GLY B 146 2.81 -9.42 -1.75
CA GLY B 146 2.15 -10.16 -0.69
C GLY B 146 1.43 -11.42 -1.11
N MET B 147 0.30 -11.28 -1.86
CA MET B 147 -0.57 -12.40 -2.34
C MET B 147 0.20 -13.41 -3.21
N GLY B 148 1.18 -12.90 -3.95
CA GLY B 148 2.07 -13.67 -4.81
C GLY B 148 2.79 -14.68 -3.95
N THR B 149 3.53 -14.18 -2.92
CA THR B 149 4.26 -15.01 -1.94
C THR B 149 3.31 -16.00 -1.22
N LEU B 150 2.03 -15.59 -1.09
CA LEU B 150 0.97 -16.40 -0.47
C LEU B 150 0.68 -17.69 -1.28
N LEU B 151 0.36 -17.55 -2.62
CA LEU B 151 0.14 -18.68 -3.55
C LEU B 151 1.42 -19.50 -3.60
N ILE B 152 2.60 -18.85 -3.75
CA ILE B 152 3.89 -19.53 -3.76
C ILE B 152 3.99 -20.58 -2.63
N SER B 153 3.48 -20.24 -1.42
CA SER B 153 3.45 -21.16 -0.28
C SER B 153 2.33 -22.17 -0.49
N LYS B 154 1.15 -21.67 -0.86
CA LYS B 154 -0.04 -22.51 -1.09
C LYS B 154 0.18 -23.60 -2.13
N ILE B 155 0.89 -23.24 -3.21
CA ILE B 155 1.21 -24.09 -4.36
C ILE B 155 2.30 -25.12 -4.00
N ARG B 156 3.30 -24.68 -3.24
CA ARG B 156 4.37 -25.50 -2.68
C ARG B 156 3.71 -26.61 -1.82
N GLU B 157 2.52 -26.36 -1.26
CA GLU B 157 1.78 -27.31 -0.43
C GLU B 157 0.93 -28.25 -1.31
N GLU B 158 0.21 -27.68 -2.31
CA GLU B 158 -0.65 -28.42 -3.21
C GLU B 158 0.15 -29.32 -4.17
N TYR B 159 1.34 -28.85 -4.65
CA TYR B 159 2.23 -29.59 -5.59
C TYR B 159 3.68 -29.52 -5.07
N PRO B 160 4.01 -30.27 -4.01
CA PRO B 160 5.36 -30.14 -3.40
C PRO B 160 6.63 -30.41 -4.23
N ASP B 161 6.50 -31.29 -5.23
CA ASP B 161 7.55 -31.76 -6.16
C ASP B 161 7.62 -30.91 -7.45
N ARG B 162 6.63 -29.99 -7.65
CA ARG B 162 6.57 -29.12 -8.82
C ARG B 162 7.41 -27.88 -8.68
N ILE B 163 8.26 -27.65 -9.70
CA ILE B 163 9.22 -26.56 -9.76
C ILE B 163 8.62 -25.16 -9.76
N MET B 164 9.13 -24.36 -8.81
CA MET B 164 8.74 -22.99 -8.56
C MET B 164 9.65 -21.95 -9.22
N ASN B 165 9.13 -21.37 -10.31
CA ASN B 165 9.78 -20.32 -11.08
C ASN B 165 9.02 -18.99 -10.96
N THR B 166 9.78 -17.90 -10.69
CA THR B 166 9.31 -16.52 -10.54
C THR B 166 10.17 -15.56 -11.36
N PHE B 167 9.57 -14.43 -11.69
CA PHE B 167 10.16 -13.30 -12.37
C PHE B 167 9.82 -12.09 -11.51
N SER B 168 10.77 -11.72 -10.65
CA SER B 168 10.57 -10.72 -9.61
C SER B 168 11.21 -9.38 -9.84
N VAL B 169 10.40 -8.33 -10.09
CA VAL B 169 10.96 -6.99 -10.25
C VAL B 169 11.26 -6.48 -8.83
N MET B 170 12.49 -5.96 -8.62
CA MET B 170 12.94 -5.48 -7.31
C MET B 170 12.61 -3.99 -7.12
N PRO B 171 12.17 -3.53 -5.92
CA PRO B 171 11.86 -2.11 -5.75
C PRO B 171 13.12 -1.25 -5.70
N SER B 172 13.04 -0.05 -6.30
CA SER B 172 14.17 0.88 -6.36
C SER B 172 13.77 2.20 -5.71
N PRO B 173 14.73 3.00 -5.15
CA PRO B 173 14.36 4.31 -4.60
C PRO B 173 14.06 5.35 -5.70
N LYS B 174 14.68 5.15 -6.89
CA LYS B 174 14.56 5.95 -8.12
C LYS B 174 13.15 5.78 -8.67
N VAL B 175 12.79 4.53 -9.00
CA VAL B 175 11.47 4.25 -9.55
C VAL B 175 10.42 3.87 -8.50
N SER B 176 9.25 4.55 -8.57
CA SER B 176 8.08 4.49 -7.68
C SER B 176 8.41 5.15 -6.34
N ASP B 177 7.49 6.02 -5.92
CA ASP B 177 7.64 6.82 -4.70
C ASP B 177 7.04 6.22 -3.42
N THR B 178 6.38 5.01 -3.50
CA THR B 178 5.84 4.35 -2.31
C THR B 178 6.97 4.05 -1.31
N VAL B 179 6.92 4.73 -0.18
CA VAL B 179 7.91 4.71 0.89
C VAL B 179 8.14 3.33 1.53
N VAL B 180 7.05 2.59 1.68
CA VAL B 180 7.01 1.27 2.32
C VAL B 180 7.81 0.14 1.66
N GLU B 181 7.92 0.16 0.31
CA GLU B 181 8.65 -0.79 -0.56
C GLU B 181 9.75 -1.66 0.07
N PRO B 182 10.80 -1.12 0.78
CA PRO B 182 11.79 -2.03 1.42
C PRO B 182 11.15 -3.01 2.42
N TYR B 183 9.99 -2.62 3.05
CA TYR B 183 9.20 -3.42 3.98
C TYR B 183 8.49 -4.54 3.24
N ASN B 184 7.92 -4.27 2.05
CA ASN B 184 7.28 -5.33 1.28
C ASN B 184 8.33 -6.31 0.71
N ALA B 185 9.40 -5.76 0.10
CA ALA B 185 10.51 -6.50 -0.50
C ALA B 185 11.18 -7.48 0.46
N THR B 186 11.67 -6.98 1.63
CA THR B 186 12.33 -7.79 2.67
C THR B 186 11.44 -8.98 3.06
N LEU B 187 10.13 -8.71 3.29
CA LEU B 187 9.14 -9.71 3.69
C LEU B 187 8.90 -10.78 2.61
N SER B 188 8.93 -10.36 1.32
CA SER B 188 8.74 -11.25 0.16
C SER B 188 10.02 -12.01 -0.23
N VAL B 189 11.20 -11.41 0.02
CA VAL B 189 12.48 -12.08 -0.26
C VAL B 189 12.55 -13.29 0.66
N HIS B 190 12.22 -13.06 1.93
CA HIS B 190 12.13 -14.04 3.03
C HIS B 190 11.43 -15.36 2.62
N GLN B 191 10.26 -15.22 1.93
CA GLN B 191 9.40 -16.30 1.42
C GLN B 191 10.06 -16.91 0.19
N LEU B 192 10.51 -16.09 -0.77
CA LEU B 192 11.18 -16.59 -1.97
C LEU B 192 12.45 -17.42 -1.66
N VAL B 193 13.16 -17.08 -0.55
CA VAL B 193 14.37 -17.78 -0.08
C VAL B 193 14.04 -19.24 0.32
N GLU B 194 12.82 -19.44 0.86
CA GLU B 194 12.35 -20.75 1.34
C GLU B 194 11.31 -21.49 0.42
N ASN B 195 10.61 -20.75 -0.43
CA ASN B 195 9.54 -21.30 -1.24
C ASN B 195 9.78 -21.44 -2.73
N THR B 196 10.93 -21.01 -3.28
CA THR B 196 11.13 -21.18 -4.73
C THR B 196 12.37 -21.94 -5.09
N ASP B 197 12.31 -22.65 -6.23
CA ASP B 197 13.43 -23.46 -6.72
C ASP B 197 14.40 -22.58 -7.50
N GLU B 198 13.86 -21.52 -8.17
CA GLU B 198 14.61 -20.51 -8.93
C GLU B 198 13.85 -19.18 -8.97
N THR B 199 14.60 -18.06 -8.88
CA THR B 199 14.04 -16.71 -8.93
C THR B 199 14.88 -15.77 -9.78
N TYR B 200 14.22 -15.14 -10.75
CA TYR B 200 14.82 -14.17 -11.66
C TYR B 200 14.71 -12.77 -11.07
N SER B 201 15.84 -12.27 -10.55
CA SER B 201 15.97 -10.97 -9.92
C SER B 201 16.13 -9.90 -11.01
N ILE B 202 15.07 -9.15 -11.25
CA ILE B 202 14.99 -8.07 -12.23
C ILE B 202 14.96 -6.79 -11.35
N ASP B 203 15.79 -5.79 -11.65
CA ASP B 203 15.83 -4.55 -10.87
C ASP B 203 15.44 -3.33 -11.68
N ASN B 204 14.46 -2.54 -11.16
CA ASN B 204 13.97 -1.28 -11.73
C ASN B 204 15.05 -0.17 -11.72
N GLU B 205 15.97 -0.25 -10.73
CA GLU B 205 17.14 0.63 -10.63
C GLU B 205 17.89 0.39 -11.95
N ALA B 206 18.31 -0.89 -12.21
CA ALA B 206 19.02 -1.36 -13.41
C ALA B 206 18.22 -1.11 -14.69
N LEU B 207 16.89 -1.25 -14.62
CA LEU B 207 15.99 -1.04 -15.74
C LEU B 207 15.88 0.42 -16.12
N TYR B 208 15.76 1.34 -15.12
CA TYR B 208 15.64 2.77 -15.39
C TYR B 208 16.89 3.29 -16.06
N ASP B 209 18.06 2.80 -15.59
CA ASP B 209 19.38 3.18 -16.05
C ASP B 209 19.74 2.71 -17.45
N ILE B 210 19.25 1.52 -17.87
CA ILE B 210 19.42 1.02 -19.25
C ILE B 210 18.65 1.98 -20.20
N CYS B 211 17.37 2.28 -19.88
CA CYS B 211 16.56 3.20 -20.65
C CYS B 211 17.29 4.55 -20.70
N PHE B 212 17.64 5.10 -19.53
CA PHE B 212 18.30 6.39 -19.40
C PHE B 212 19.74 6.52 -19.91
N ARG B 213 20.72 5.98 -19.17
CA ARG B 213 22.15 6.09 -19.52
C ARG B 213 22.52 5.51 -20.91
N THR B 214 21.91 4.35 -21.29
CA THR B 214 22.19 3.56 -22.49
C THR B 214 21.28 3.78 -23.74
N LEU B 215 19.95 3.52 -23.62
CA LEU B 215 18.99 3.72 -24.72
C LEU B 215 18.78 5.20 -24.95
N LYS B 216 19.42 6.00 -24.08
CA LYS B 216 19.43 7.45 -24.03
C LYS B 216 18.06 8.07 -23.65
N LEU B 217 17.02 7.20 -23.45
CA LEU B 217 15.62 7.55 -23.07
C LEU B 217 15.58 8.49 -21.89
N THR B 218 15.28 9.76 -22.17
CA THR B 218 15.24 10.89 -21.24
C THR B 218 14.01 10.89 -20.30
N THR B 219 12.91 10.24 -20.73
CA THR B 219 11.72 10.06 -19.91
C THR B 219 11.24 8.62 -20.06
N PRO B 220 11.88 7.67 -19.30
CA PRO B 220 11.52 6.26 -19.39
C PRO B 220 10.12 5.98 -18.84
N THR B 221 9.24 5.52 -19.71
CA THR B 221 7.88 5.18 -19.35
C THR B 221 7.89 3.68 -19.01
N TYR B 222 6.80 3.13 -18.45
CA TYR B 222 6.77 1.70 -18.11
C TYR B 222 6.90 0.85 -19.35
N GLY B 223 6.22 1.25 -20.41
CA GLY B 223 6.22 0.60 -21.72
C GLY B 223 7.60 0.31 -22.26
N ASP B 224 8.57 1.21 -21.99
CA ASP B 224 9.99 1.09 -22.38
C ASP B 224 10.71 0.12 -21.45
N LEU B 225 10.41 0.22 -20.14
CA LEU B 225 10.97 -0.59 -19.05
C LEU B 225 10.50 -2.05 -19.21
N ASN B 226 9.18 -2.26 -19.34
CA ASN B 226 8.52 -3.55 -19.51
C ASN B 226 8.96 -4.26 -20.76
N HIS B 227 9.28 -3.51 -21.85
CA HIS B 227 9.75 -4.02 -23.16
C HIS B 227 11.10 -4.79 -23.07
N LEU B 228 12.03 -4.30 -22.25
CA LEU B 228 13.33 -4.94 -22.02
C LEU B 228 13.15 -6.25 -21.27
N VAL B 229 12.15 -6.32 -20.36
CA VAL B 229 11.83 -7.48 -19.55
C VAL B 229 11.24 -8.58 -20.42
N SER B 230 10.17 -8.25 -21.18
CA SER B 230 9.48 -9.17 -22.10
C SER B 230 10.49 -9.90 -23.03
N ALA B 231 11.55 -9.15 -23.44
CA ALA B 231 12.64 -9.64 -24.26
C ALA B 231 13.40 -10.71 -23.50
N THR B 232 13.84 -10.43 -22.24
CA THR B 232 14.58 -11.37 -21.40
C THR B 232 13.72 -12.58 -21.02
N MET B 233 12.38 -12.38 -20.95
CA MET B 233 11.40 -13.44 -20.63
C MET B 233 11.35 -14.53 -21.73
N SER B 234 11.13 -14.13 -23.00
CA SER B 234 11.15 -15.05 -24.14
C SER B 234 12.57 -15.52 -24.46
N GLY B 235 13.54 -14.68 -24.13
CA GLY B 235 14.95 -14.95 -24.31
C GLY B 235 15.47 -16.07 -23.44
N VAL B 236 14.93 -16.21 -22.21
CA VAL B 236 15.34 -17.31 -21.30
C VAL B 236 14.49 -18.56 -21.57
N THR B 237 13.30 -18.36 -22.13
CA THR B 237 12.39 -19.44 -22.46
C THR B 237 12.48 -19.82 -23.95
N THR B 238 13.70 -19.81 -24.51
CA THR B 238 13.92 -20.22 -25.89
C THR B 238 14.24 -21.71 -25.84
N CYS B 239 14.91 -22.14 -24.75
CA CYS B 239 15.27 -23.53 -24.55
C CYS B 239 14.06 -24.41 -24.27
N LEU B 240 12.92 -23.80 -23.88
CA LEU B 240 11.63 -24.48 -23.66
C LEU B 240 10.84 -24.40 -24.96
N ARG B 241 10.33 -23.19 -25.30
CA ARG B 241 9.51 -22.90 -26.49
C ARG B 241 10.06 -23.39 -27.83
N PHE B 242 11.40 -23.34 -28.03
CA PHE B 242 12.02 -23.73 -29.29
C PHE B 242 12.85 -25.01 -29.31
N PRO B 243 12.39 -26.01 -30.11
CA PRO B 243 13.13 -27.28 -30.23
C PRO B 243 14.53 -27.18 -30.86
N GLY B 244 15.36 -28.17 -30.54
CA GLY B 244 16.73 -28.30 -31.02
C GLY B 244 17.45 -29.43 -30.32
N GLN B 245 18.79 -29.25 -30.08
CA GLN B 245 19.64 -30.22 -29.38
C GLN B 245 19.22 -30.28 -27.90
N LEU B 246 18.60 -29.17 -27.43
CA LEU B 246 18.00 -29.00 -26.11
C LEU B 246 16.47 -28.92 -26.37
N ASN B 247 15.61 -29.88 -25.89
CA ASN B 247 15.81 -31.04 -25.01
C ASN B 247 16.29 -30.73 -23.59
N ALA B 248 15.49 -29.86 -22.89
CA ALA B 248 15.74 -29.34 -21.54
C ALA B 248 14.46 -28.94 -20.83
N ASP B 249 14.51 -28.86 -19.48
CA ASP B 249 13.35 -28.49 -18.67
C ASP B 249 13.67 -27.63 -17.43
N LEU B 250 12.62 -27.03 -16.82
CA LEU B 250 12.61 -26.20 -15.61
C LEU B 250 13.41 -26.79 -14.44
N ARG B 251 13.32 -28.14 -14.24
CA ARG B 251 14.04 -28.91 -13.21
C ARG B 251 15.50 -29.17 -13.64
N LYS B 252 15.71 -29.50 -14.93
CA LYS B 252 17.06 -29.71 -15.47
C LYS B 252 17.84 -28.40 -15.27
N LEU B 253 17.22 -27.25 -15.68
CA LEU B 253 17.76 -25.89 -15.55
C LEU B 253 18.17 -25.63 -14.10
N ALA B 254 17.25 -25.88 -13.16
CA ALA B 254 17.43 -25.66 -11.73
C ALA B 254 18.49 -26.55 -11.14
N VAL B 255 18.48 -27.83 -11.52
CA VAL B 255 19.46 -28.83 -11.07
C VAL B 255 20.89 -28.37 -11.39
N ASN B 256 21.17 -28.04 -12.66
CA ASN B 256 22.47 -27.57 -13.18
C ASN B 256 22.83 -26.11 -12.79
N MET B 257 21.86 -25.35 -12.31
CA MET B 257 22.10 -23.95 -11.97
C MET B 257 22.29 -23.73 -10.49
N VAL B 258 21.37 -24.27 -9.68
CA VAL B 258 21.38 -24.08 -8.24
C VAL B 258 22.32 -25.08 -7.55
N PRO B 259 23.50 -24.60 -7.07
CA PRO B 259 24.48 -25.51 -6.45
C PRO B 259 24.23 -25.80 -4.95
N PHE B 260 23.54 -24.85 -4.30
CA PHE B 260 23.14 -24.82 -2.89
C PHE B 260 21.72 -24.21 -2.89
N PRO B 261 20.77 -24.79 -2.13
CA PRO B 261 19.35 -24.40 -2.25
C PRO B 261 18.95 -22.94 -2.34
N ARG B 262 19.26 -22.18 -1.26
CA ARG B 262 18.95 -20.78 -1.01
C ARG B 262 19.59 -19.84 -2.03
N LEU B 263 20.77 -20.21 -2.56
CA LEU B 263 21.54 -19.45 -3.55
C LEU B 263 20.98 -19.69 -4.96
N HIS B 264 19.67 -19.41 -5.13
CA HIS B 264 18.89 -19.64 -6.35
C HIS B 264 18.39 -18.35 -7.00
N PHE B 265 18.99 -17.22 -6.63
CA PHE B 265 18.58 -15.91 -7.16
C PHE B 265 19.43 -15.54 -8.38
N PHE B 266 18.76 -15.32 -9.53
CA PHE B 266 19.37 -15.15 -10.84
C PHE B 266 19.51 -13.76 -11.32
N MET B 267 20.57 -13.53 -12.10
CA MET B 267 20.96 -12.23 -12.65
C MET B 267 20.74 -12.26 -14.18
N PRO B 268 19.54 -11.81 -14.66
CA PRO B 268 19.24 -11.85 -16.09
C PRO B 268 20.01 -10.82 -16.87
N GLY B 269 20.33 -11.15 -18.12
CA GLY B 269 21.11 -10.29 -19.01
C GLY B 269 20.58 -10.27 -20.43
N PHE B 270 21.17 -9.40 -21.27
CA PHE B 270 20.76 -9.25 -22.67
C PHE B 270 21.83 -8.65 -23.60
N ALA B 271 21.65 -8.85 -24.92
CA ALA B 271 22.46 -8.34 -26.02
C ALA B 271 21.64 -8.57 -27.30
N PRO B 272 21.29 -7.52 -28.08
CA PRO B 272 21.63 -6.10 -27.91
C PRO B 272 20.55 -5.36 -27.13
N LEU B 273 20.94 -4.26 -26.46
CA LEU B 273 19.99 -3.46 -25.69
C LEU B 273 19.27 -2.55 -26.65
N THR B 274 18.11 -3.02 -27.15
CA THR B 274 17.29 -2.32 -28.13
C THR B 274 16.29 -1.39 -27.48
N SER B 275 16.10 -0.22 -28.09
CA SER B 275 15.14 0.78 -27.62
C SER B 275 13.73 0.36 -28.10
N ARG B 276 12.68 0.73 -27.31
CA ARG B 276 11.27 0.44 -27.60
C ARG B 276 10.85 1.16 -28.90
N GLY B 277 10.67 0.37 -29.97
CA GLY B 277 10.31 0.85 -31.29
C GLY B 277 11.54 1.18 -32.14
N SER B 278 12.20 2.31 -31.81
CA SER B 278 13.41 2.81 -32.49
C SER B 278 14.64 1.91 -32.30
N GLN B 279 15.51 1.72 -33.32
CA GLN B 279 15.40 2.25 -34.69
C GLN B 279 15.64 1.10 -35.68
N GLN B 280 15.72 -0.16 -35.18
CA GLN B 280 15.99 -1.42 -35.91
C GLN B 280 17.39 -1.37 -36.59
N TYR B 281 17.60 -2.15 -37.68
CA TYR B 281 18.83 -2.22 -38.49
C TYR B 281 20.17 -2.46 -37.74
N ARG B 282 21.32 -2.34 -38.47
CA ARG B 282 22.72 -2.50 -38.02
C ARG B 282 23.01 -3.79 -37.23
N ALA B 283 23.26 -4.89 -37.97
CA ALA B 283 23.57 -6.24 -37.47
C ALA B 283 24.75 -6.26 -36.48
N LEU B 284 24.78 -7.24 -35.55
CA LEU B 284 25.87 -7.36 -34.58
C LEU B 284 26.73 -8.60 -34.82
N THR B 285 28.05 -8.40 -34.71
CA THR B 285 29.06 -9.45 -34.90
C THR B 285 29.10 -10.40 -33.70
N VAL B 286 29.71 -11.59 -33.87
CA VAL B 286 29.82 -12.58 -32.79
C VAL B 286 30.57 -12.04 -31.56
N PRO B 287 31.88 -11.64 -31.65
CA PRO B 287 32.55 -11.09 -30.45
C PRO B 287 31.76 -9.94 -29.82
N GLU B 288 31.20 -9.04 -30.63
CA GLU B 288 30.37 -7.91 -30.20
C GLU B 288 29.24 -8.38 -29.30
N LEU B 289 28.56 -9.48 -29.68
CA LEU B 289 27.44 -10.12 -28.99
C LEU B 289 27.83 -10.75 -27.64
N THR B 290 29.06 -11.29 -27.50
CA THR B 290 29.47 -11.92 -26.24
C THR B 290 29.87 -10.92 -25.16
N GLN B 291 30.89 -10.04 -25.44
CA GLN B 291 31.41 -9.03 -24.50
C GLN B 291 30.36 -8.07 -23.98
N GLN B 292 29.33 -7.75 -24.81
CA GLN B 292 28.22 -6.86 -24.44
C GLN B 292 27.45 -7.53 -23.33
N MET B 293 26.85 -8.68 -23.65
CA MET B 293 26.06 -9.57 -22.79
C MET B 293 26.70 -9.83 -21.40
N PHE B 294 28.01 -10.04 -21.36
CA PHE B 294 28.77 -10.33 -20.14
C PHE B 294 29.26 -9.10 -19.38
N ASP B 295 28.90 -7.88 -19.84
CA ASP B 295 29.28 -6.62 -19.21
C ASP B 295 28.09 -6.04 -18.41
N SER B 296 28.33 -5.67 -17.13
CA SER B 296 27.39 -5.11 -16.15
C SER B 296 26.35 -4.14 -16.71
N LYS B 297 26.69 -3.47 -17.83
CA LYS B 297 25.85 -2.50 -18.54
C LYS B 297 24.77 -3.18 -19.39
N ASN B 298 24.63 -4.51 -19.25
CA ASN B 298 23.69 -5.38 -19.97
C ASN B 298 22.93 -6.37 -19.04
N MET B 299 23.02 -6.18 -17.69
CA MET B 299 22.37 -7.00 -16.64
C MET B 299 21.14 -6.27 -16.05
N MET B 300 19.97 -6.95 -16.04
CA MET B 300 18.70 -6.43 -15.49
C MET B 300 18.70 -6.46 -13.95
N ALA B 301 19.74 -7.04 -13.33
CA ALA B 301 19.92 -7.04 -11.88
C ALA B 301 21.06 -6.02 -11.60
N ALA B 302 20.82 -5.09 -10.64
CA ALA B 302 21.76 -4.01 -10.29
C ALA B 302 22.85 -4.41 -9.27
N CYS B 303 23.87 -5.11 -9.78
CA CYS B 303 25.05 -5.64 -9.09
C CYS B 303 26.19 -5.58 -10.09
N ASP B 304 27.44 -5.61 -9.61
CA ASP B 304 28.58 -5.70 -10.52
C ASP B 304 29.08 -7.15 -10.46
N PRO B 305 29.06 -7.91 -11.59
CA PRO B 305 29.56 -9.28 -11.56
C PRO B 305 31.04 -9.37 -11.18
N ARG B 306 31.81 -8.26 -11.43
CA ARG B 306 33.24 -8.11 -11.13
C ARG B 306 33.42 -7.89 -9.62
N HIS B 307 32.29 -7.83 -8.88
CA HIS B 307 32.24 -7.68 -7.43
C HIS B 307 32.06 -9.01 -6.71
N GLY B 308 31.32 -9.92 -7.32
CA GLY B 308 31.11 -11.26 -6.80
C GLY B 308 31.98 -12.28 -7.52
N ARG B 309 31.46 -13.51 -7.65
CA ARG B 309 32.09 -14.65 -8.31
C ARG B 309 30.99 -15.60 -8.83
N TYR B 310 30.93 -15.79 -10.18
CA TYR B 310 29.92 -16.62 -10.86
C TYR B 310 30.03 -18.07 -10.47
N LEU B 311 28.92 -18.62 -9.98
CA LEU B 311 28.86 -20.02 -9.59
C LEU B 311 28.56 -20.90 -10.82
N THR B 312 27.53 -20.51 -11.58
CA THR B 312 27.02 -21.17 -12.79
C THR B 312 26.50 -20.08 -13.74
N VAL B 313 26.61 -20.29 -15.07
CA VAL B 313 26.21 -19.29 -16.09
C VAL B 313 25.41 -19.93 -17.23
N ALA B 314 24.35 -19.25 -17.72
CA ALA B 314 23.59 -19.70 -18.89
C ALA B 314 23.63 -18.61 -19.97
N ALA B 315 23.57 -18.99 -21.26
CA ALA B 315 23.61 -18.04 -22.39
C ALA B 315 22.90 -18.52 -23.70
N VAL B 316 21.61 -18.21 -23.87
CA VAL B 316 20.91 -18.59 -25.10
C VAL B 316 21.16 -17.61 -26.23
N PHE B 317 22.04 -17.95 -27.15
CA PHE B 317 22.26 -17.13 -28.32
C PHE B 317 21.17 -17.49 -29.34
N ARG B 318 20.39 -16.50 -29.80
CA ARG B 318 19.38 -16.71 -30.84
C ARG B 318 20.00 -16.19 -32.15
N GLY B 319 19.21 -16.12 -33.23
CA GLY B 319 19.70 -15.63 -34.51
C GLY B 319 20.75 -16.48 -35.20
N ARG B 320 20.78 -16.36 -36.54
CA ARG B 320 21.69 -17.10 -37.43
C ARG B 320 23.17 -16.75 -37.24
N MET B 321 23.95 -17.72 -36.78
CA MET B 321 25.39 -17.60 -36.55
C MET B 321 26.13 -18.93 -36.77
N SER B 322 27.46 -18.94 -36.57
CA SER B 322 28.26 -20.15 -36.69
C SER B 322 28.90 -20.43 -35.34
N MET B 323 28.59 -21.62 -34.80
CA MET B 323 29.01 -22.17 -33.52
C MET B 323 30.54 -22.06 -33.24
N LYS B 324 31.38 -22.16 -34.29
CA LYS B 324 32.84 -22.01 -34.15
C LYS B 324 33.15 -20.59 -33.69
N GLU B 325 32.42 -19.60 -34.22
CA GLU B 325 32.56 -18.19 -33.88
C GLU B 325 32.14 -17.94 -32.42
N VAL B 326 30.92 -18.41 -32.05
CA VAL B 326 30.24 -18.34 -30.75
C VAL B 326 31.08 -18.95 -29.62
N ASP B 327 31.43 -20.24 -29.75
CA ASP B 327 32.20 -21.05 -28.80
C ASP B 327 33.55 -20.44 -28.52
N GLU B 328 34.26 -19.98 -29.58
CA GLU B 328 35.57 -19.35 -29.49
C GLU B 328 35.59 -18.14 -28.56
N GLN B 329 34.51 -17.35 -28.59
CA GLN B 329 34.41 -16.14 -27.76
C GLN B 329 34.05 -16.38 -26.31
N MET B 330 33.39 -17.51 -26.01
CA MET B 330 33.01 -17.89 -24.64
C MET B 330 34.26 -18.37 -23.89
N LEU B 331 35.06 -19.24 -24.53
CA LEU B 331 36.31 -19.80 -23.99
C LEU B 331 37.40 -18.74 -23.86
N ASN B 332 37.21 -17.62 -24.58
CA ASN B 332 38.05 -16.41 -24.62
C ASN B 332 37.79 -15.62 -23.32
N VAL B 333 36.50 -15.56 -22.91
CA VAL B 333 35.95 -14.87 -21.73
C VAL B 333 36.36 -15.54 -20.40
N GLN B 334 36.25 -16.88 -20.32
CA GLN B 334 36.62 -17.64 -19.12
C GLN B 334 38.14 -17.62 -18.88
N ASN B 335 38.94 -17.44 -19.97
CA ASN B 335 40.40 -17.30 -19.93
C ASN B 335 40.76 -15.91 -19.34
N LYS B 336 40.01 -14.85 -19.73
CA LYS B 336 40.19 -13.48 -19.25
C LYS B 336 39.71 -13.35 -17.79
N ASN B 337 38.37 -13.51 -17.57
CA ASN B 337 37.71 -13.34 -16.26
C ASN B 337 37.80 -14.56 -15.32
N SER B 338 38.91 -15.33 -15.40
CA SER B 338 39.19 -16.52 -14.57
C SER B 338 38.90 -16.33 -13.05
N SER B 339 39.16 -15.11 -12.54
CA SER B 339 38.98 -14.69 -11.15
C SER B 339 37.52 -14.60 -10.71
N TYR B 340 36.59 -14.32 -11.65
CA TYR B 340 35.17 -14.13 -11.37
C TYR B 340 34.26 -15.29 -11.64
N PHE B 341 34.83 -16.49 -11.93
CA PHE B 341 34.13 -17.77 -12.16
C PHE B 341 34.63 -18.81 -11.15
N VAL B 342 33.70 -19.49 -10.43
CA VAL B 342 34.08 -20.52 -9.45
C VAL B 342 34.81 -21.75 -10.04
N GLU B 343 36.10 -21.90 -9.64
CA GLU B 343 37.00 -22.96 -10.10
C GLU B 343 36.59 -24.38 -9.66
N TRP B 344 35.90 -24.47 -8.51
CA TRP B 344 35.44 -25.72 -7.88
C TRP B 344 34.05 -26.26 -8.38
N ILE B 345 33.59 -25.75 -9.55
CA ILE B 345 32.39 -26.17 -10.30
C ILE B 345 32.85 -26.28 -11.76
N PRO B 346 33.49 -27.42 -12.11
CA PRO B 346 34.04 -27.56 -13.46
C PRO B 346 33.06 -27.41 -14.62
N ASN B 347 33.54 -26.71 -15.67
CA ASN B 347 32.85 -26.36 -16.94
C ASN B 347 31.50 -25.70 -16.68
N ASN B 348 31.49 -24.79 -15.68
CA ASN B 348 30.34 -24.06 -15.18
C ASN B 348 29.74 -22.95 -16.08
N VAL B 349 30.06 -22.92 -17.38
CA VAL B 349 29.49 -21.88 -18.24
C VAL B 349 28.83 -22.51 -19.47
N LYS B 350 27.50 -22.68 -19.43
CA LYS B 350 26.77 -23.32 -20.52
C LYS B 350 26.17 -22.42 -21.60
N THR B 351 26.52 -22.70 -22.86
CA THR B 351 26.05 -22.03 -24.07
C THR B 351 24.89 -22.80 -24.70
N ALA B 352 23.86 -22.06 -25.10
CA ALA B 352 22.70 -22.58 -25.80
C ALA B 352 22.58 -21.74 -27.07
N VAL B 353 22.27 -22.38 -28.20
CA VAL B 353 22.09 -21.67 -29.49
C VAL B 353 20.70 -21.98 -30.05
N CYS B 354 20.29 -21.27 -31.12
CA CYS B 354 19.00 -21.44 -31.80
C CYS B 354 19.03 -20.60 -33.08
N ASP B 355 19.00 -21.25 -34.26
CA ASP B 355 19.07 -20.47 -35.51
C ASP B 355 17.73 -19.89 -35.99
N ILE B 356 17.05 -19.23 -35.03
CA ILE B 356 15.78 -18.48 -35.17
C ILE B 356 15.98 -17.14 -34.39
N PRO B 357 16.04 -15.99 -35.08
CA PRO B 357 16.16 -14.71 -34.36
C PRO B 357 14.82 -14.24 -33.77
N PRO B 358 14.80 -13.47 -32.66
CA PRO B 358 13.51 -12.96 -32.14
C PRO B 358 12.88 -11.91 -33.08
N ARG B 359 11.67 -11.39 -32.73
CA ARG B 359 10.96 -10.38 -33.55
C ARG B 359 11.79 -9.11 -33.86
N GLY B 360 11.94 -8.83 -35.15
CA GLY B 360 12.66 -7.68 -35.69
C GLY B 360 14.13 -7.97 -35.88
N LEU B 361 14.90 -7.83 -34.78
CA LEU B 361 16.35 -8.04 -34.71
C LEU B 361 16.80 -9.47 -35.13
N LYS B 362 17.86 -9.54 -35.95
CA LYS B 362 18.42 -10.76 -36.50
C LYS B 362 19.70 -11.22 -35.80
N MET B 363 19.54 -11.53 -34.49
CA MET B 363 20.46 -12.02 -33.46
C MET B 363 19.83 -11.79 -32.08
N SER B 364 20.52 -12.15 -30.97
CA SER B 364 20.15 -12.02 -29.56
C SER B 364 21.14 -12.80 -28.74
N ALA B 365 21.20 -12.57 -27.42
CA ALA B 365 22.11 -13.26 -26.51
C ALA B 365 21.67 -13.06 -25.06
N THR B 366 20.63 -13.81 -24.63
CA THR B 366 20.11 -13.75 -23.26
C THR B 366 21.09 -14.42 -22.25
N PHE B 367 21.20 -13.86 -21.05
CA PHE B 367 22.19 -14.30 -20.06
C PHE B 367 21.52 -14.59 -18.74
N ILE B 368 22.06 -15.52 -17.94
CA ILE B 368 21.54 -15.84 -16.62
C ILE B 368 22.70 -16.24 -15.74
N GLY B 369 23.32 -15.29 -15.12
CA GLY B 369 24.42 -15.62 -14.23
C GLY B 369 23.90 -15.97 -12.87
N ASN B 370 24.62 -16.82 -12.18
CA ASN B 370 24.35 -17.15 -10.78
C ASN B 370 25.63 -16.76 -9.98
N SER B 371 25.90 -15.40 -9.96
CA SER B 371 27.04 -14.73 -9.28
C SER B 371 26.67 -14.37 -7.84
N THR B 372 27.69 -14.43 -6.95
CA THR B 372 27.53 -14.10 -5.54
C THR B 372 27.38 -12.61 -5.33
N ALA B 373 27.65 -11.79 -6.39
CA ALA B 373 27.51 -10.32 -6.42
C ALA B 373 26.12 -9.88 -5.98
N ILE B 374 25.05 -10.65 -6.36
CA ILE B 374 23.64 -10.41 -6.01
C ILE B 374 23.39 -10.06 -4.54
N GLN B 375 24.31 -10.42 -3.61
CA GLN B 375 24.20 -10.00 -2.21
C GLN B 375 24.21 -8.44 -2.06
N GLU B 376 24.65 -7.69 -3.12
CA GLU B 376 24.65 -6.22 -3.24
C GLU B 376 23.20 -5.72 -3.49
N LEU B 377 22.38 -6.55 -4.16
CA LEU B 377 20.97 -6.28 -4.43
C LEU B 377 20.23 -6.37 -3.08
N PHE B 378 20.59 -7.41 -2.26
CA PHE B 378 20.01 -7.65 -0.94
C PHE B 378 20.49 -6.64 0.11
N LYS B 379 21.77 -6.20 0.02
CA LYS B 379 22.31 -5.20 0.93
C LYS B 379 21.51 -3.89 0.76
N ARG B 380 21.25 -3.47 -0.52
CA ARG B 380 20.48 -2.30 -0.93
C ARG B 380 19.16 -2.21 -0.16
N ILE B 381 18.32 -3.26 -0.30
CA ILE B 381 17.00 -3.42 0.34
C ILE B 381 17.10 -3.35 1.87
N SER B 382 17.97 -4.21 2.46
CA SER B 382 18.18 -4.37 3.91
C SER B 382 18.55 -3.09 4.56
N GLU B 383 19.31 -2.27 3.86
CA GLU B 383 19.71 -0.97 4.36
C GLU B 383 18.51 -0.02 4.33
N GLN B 384 17.80 0.07 3.17
CA GLN B 384 16.59 0.90 2.95
C GLN B 384 15.54 0.57 4.00
N PHE B 385 15.43 -0.72 4.38
CA PHE B 385 14.54 -1.26 5.40
C PHE B 385 14.90 -0.64 6.77
N THR B 386 16.15 -0.93 7.22
CA THR B 386 16.79 -0.53 8.49
C THR B 386 16.72 0.97 8.80
N ALA B 387 16.54 1.79 7.76
CA ALA B 387 16.38 3.22 7.86
C ALA B 387 15.09 3.45 8.64
N MET B 388 13.96 3.12 8.01
CA MET B 388 12.61 3.23 8.54
C MET B 388 12.47 2.41 9.83
N PHE B 389 12.93 1.13 9.82
CA PHE B 389 12.77 0.18 10.93
C PHE B 389 13.40 0.47 12.26
N ARG B 390 14.59 1.08 12.29
CA ARG B 390 15.25 1.41 13.56
C ARG B 390 14.49 2.48 14.37
N ARG B 391 13.67 3.28 13.64
CA ARG B 391 12.76 4.31 14.14
C ARG B 391 11.30 3.82 13.91
N LYS B 392 11.14 2.53 13.48
CA LYS B 392 9.88 1.81 13.24
C LYS B 392 8.82 2.65 12.47
N ALA B 393 9.26 3.46 11.49
CA ALA B 393 8.37 4.33 10.71
C ALA B 393 7.51 3.60 9.69
N PHE B 394 6.21 4.01 9.53
CA PHE B 394 5.15 3.46 8.61
C PHE B 394 4.77 2.01 8.91
N LEU B 395 5.28 1.51 10.04
CA LEU B 395 5.09 0.15 10.53
C LEU B 395 3.65 -0.04 10.95
N HIS B 396 3.05 0.98 11.58
CA HIS B 396 1.67 0.93 12.04
C HIS B 396 0.73 0.43 10.94
N TRP B 397 1.01 0.78 9.65
CA TRP B 397 0.24 0.43 8.44
C TRP B 397 0.16 -1.10 8.33
N TYR B 398 1.27 -1.77 8.71
CA TYR B 398 1.45 -3.21 8.72
C TYR B 398 0.90 -3.83 9.97
N THR B 399 1.40 -3.41 11.16
CA THR B 399 0.96 -3.94 12.46
C THR B 399 -0.55 -3.82 12.69
N GLY B 400 -1.19 -2.90 11.97
CA GLY B 400 -2.63 -2.68 11.97
C GLY B 400 -3.41 -3.75 11.22
N GLU B 401 -2.70 -4.60 10.42
CA GLU B 401 -3.24 -5.72 9.64
C GLU B 401 -3.15 -7.10 10.38
N GLY B 402 -2.66 -7.07 11.62
CA GLY B 402 -2.54 -8.25 12.48
C GLY B 402 -1.12 -8.72 12.62
N MET B 403 -0.18 -8.01 11.96
CA MET B 403 1.23 -8.37 12.00
C MET B 403 1.92 -7.89 13.27
N ASP B 404 2.97 -8.63 13.66
CA ASP B 404 3.81 -8.31 14.82
C ASP B 404 5.18 -7.80 14.37
N GLU B 405 5.79 -6.91 15.18
CA GLU B 405 7.12 -6.33 14.93
C GLU B 405 8.17 -7.41 14.65
N MET B 406 8.01 -8.58 15.31
CA MET B 406 8.82 -9.80 15.22
C MET B 406 8.96 -10.33 13.78
N GLU B 407 7.89 -10.26 12.96
CA GLU B 407 7.94 -10.73 11.58
C GLU B 407 8.98 -9.97 10.77
N PHE B 408 9.03 -8.64 10.92
CA PHE B 408 10.00 -7.75 10.27
C PHE B 408 11.43 -8.11 10.75
N THR B 409 11.60 -8.30 12.09
CA THR B 409 12.82 -8.69 12.80
C THR B 409 13.42 -9.94 12.15
N GLU B 410 12.59 -11.00 12.00
CA GLU B 410 12.91 -12.30 11.44
C GLU B 410 13.22 -12.28 9.95
N ALA B 411 12.32 -11.67 9.13
CA ALA B 411 12.43 -11.58 7.68
C ALA B 411 13.66 -10.85 7.23
N GLU B 412 14.10 -9.84 8.01
CA GLU B 412 15.31 -9.08 7.76
C GLU B 412 16.49 -9.95 8.09
N SER B 413 16.45 -10.54 9.31
CA SER B 413 17.48 -11.44 9.83
C SER B 413 17.75 -12.59 8.87
N ASN B 414 16.67 -13.21 8.32
CA ASN B 414 16.73 -14.30 7.35
C ASN B 414 17.42 -13.88 6.02
N MET B 415 17.28 -12.58 5.65
CA MET B 415 17.92 -12.01 4.46
C MET B 415 19.41 -11.77 4.73
N ASN B 416 19.77 -11.22 5.92
CA ASN B 416 21.16 -11.04 6.34
C ASN B 416 21.91 -12.38 6.32
N ASP B 417 21.22 -13.47 6.72
CA ASP B 417 21.75 -14.83 6.68
C ASP B 417 22.07 -15.20 5.23
N LEU B 418 21.21 -14.79 4.27
CA LEU B 418 21.43 -15.06 2.84
C LEU B 418 22.55 -14.18 2.28
N VAL B 419 22.60 -12.94 2.73
CA VAL B 419 23.63 -12.00 2.33
C VAL B 419 24.98 -12.63 2.69
N SER B 420 25.14 -13.07 3.96
CA SER B 420 26.32 -13.73 4.54
C SER B 420 26.64 -15.06 3.84
N GLU B 421 25.61 -15.87 3.54
CA GLU B 421 25.70 -17.17 2.87
C GLU B 421 26.31 -17.04 1.47
N TYR B 422 25.92 -15.97 0.72
CA TYR B 422 26.43 -15.64 -0.61
C TYR B 422 27.91 -15.29 -0.50
N GLN B 423 28.28 -14.68 0.64
CA GLN B 423 29.64 -14.28 0.96
C GLN B 423 30.53 -15.49 1.12
N GLN B 424 30.07 -16.53 1.83
CA GLN B 424 30.79 -17.79 2.09
C GLN B 424 31.46 -18.39 0.86
N TYR B 425 30.78 -18.29 -0.31
CA TYR B 425 31.23 -18.85 -1.60
C TYR B 425 32.00 -17.84 -2.52
N GLN B 426 31.82 -16.52 -2.28
CA GLN B 426 32.48 -15.40 -2.97
C GLN B 426 33.98 -15.39 -2.60
N ASP B 427 34.27 -15.86 -1.37
CA ASP B 427 35.58 -15.97 -0.74
C ASP B 427 36.11 -17.42 -0.84
N ALA B 428 35.23 -18.40 -1.23
CA ALA B 428 35.57 -19.82 -1.35
C ALA B 428 36.59 -20.14 -2.44
N THR B 429 37.63 -20.92 -2.03
CA THR B 429 38.78 -21.39 -2.82
C THR B 429 38.94 -22.91 -2.59
N ALA B 430 39.04 -23.69 -3.70
CA ALA B 430 39.20 -25.15 -3.69
C ALA B 430 40.48 -25.61 -2.96
N MET C 1 -18.86 1.15 -6.16
CA MET C 1 -17.61 0.78 -5.51
C MET C 1 -16.83 2.02 -5.11
N ARG C 2 -15.82 1.83 -4.21
CA ARG C 2 -14.89 2.85 -3.67
C ARG C 2 -15.64 4.04 -3.05
N GLU C 3 -16.81 3.80 -2.44
CA GLU C 3 -17.71 4.82 -1.90
C GLU C 3 -17.13 5.81 -0.86
N CYS C 4 -17.75 7.03 -0.77
CA CYS C 4 -17.30 8.07 0.16
CA CYS C 4 -17.30 8.09 0.15
C CYS C 4 -18.40 8.94 0.75
N ILE C 5 -18.75 8.68 2.03
CA ILE C 5 -19.77 9.44 2.77
C ILE C 5 -19.13 10.72 3.35
N SER C 6 -19.54 11.90 2.84
CA SER C 6 -19.07 13.22 3.29
C SER C 6 -19.98 13.76 4.40
N ILE C 7 -19.43 14.23 5.55
CA ILE C 7 -20.30 14.73 6.63
C ILE C 7 -20.04 16.20 6.98
N HIS C 8 -21.08 17.07 6.88
CA HIS C 8 -20.98 18.52 7.15
C HIS C 8 -21.62 18.95 8.45
N VAL C 9 -20.77 19.41 9.38
CA VAL C 9 -21.17 19.78 10.75
C VAL C 9 -21.09 21.29 11.04
N GLY C 10 -22.27 21.89 11.18
CA GLY C 10 -22.54 23.28 11.54
C GLY C 10 -21.75 24.44 10.96
N GLN C 11 -22.49 25.47 10.54
CA GLN C 11 -21.99 26.74 9.99
C GLN C 11 -20.78 26.60 9.03
N ALA C 12 -19.53 26.56 9.58
CA ALA C 12 -18.27 26.41 8.82
C ALA C 12 -18.28 25.16 8.00
N GLY C 13 -18.67 24.07 8.65
CA GLY C 13 -18.75 22.71 8.11
C GLY C 13 -19.74 22.58 6.99
N VAL C 14 -20.95 23.15 7.20
CA VAL C 14 -22.04 23.13 6.23
C VAL C 14 -21.73 24.07 5.04
N GLN C 15 -21.51 25.37 5.31
CA GLN C 15 -21.24 26.38 4.29
C GLN C 15 -20.13 26.01 3.31
N ILE C 16 -19.05 25.37 3.84
CA ILE C 16 -17.91 24.89 3.04
C ILE C 16 -18.38 23.78 2.08
N GLY C 17 -19.32 22.95 2.57
CA GLY C 17 -19.90 21.80 1.88
C GLY C 17 -20.63 22.23 0.66
N ASN C 18 -21.32 23.38 0.74
CA ASN C 18 -22.06 23.99 -0.36
C ASN C 18 -21.17 24.53 -1.46
N ALA C 19 -19.92 24.88 -1.14
CA ALA C 19 -18.99 25.38 -2.15
C ALA C 19 -18.36 24.14 -2.82
N CYS C 20 -18.20 23.07 -2.01
CA CYS C 20 -17.67 21.79 -2.42
C CYS C 20 -18.66 21.14 -3.36
N TRP C 21 -19.89 20.92 -2.89
CA TRP C 21 -20.93 20.27 -3.67
C TRP C 21 -21.40 20.96 -4.95
N GLU C 22 -21.34 22.29 -5.00
CA GLU C 22 -21.67 23.08 -6.19
C GLU C 22 -20.61 22.84 -7.27
N LEU C 23 -19.34 22.81 -6.85
CA LEU C 23 -18.16 22.58 -7.68
C LEU C 23 -18.20 21.19 -8.35
N TYR C 24 -18.50 20.14 -7.56
CA TYR C 24 -18.60 18.76 -8.00
C TYR C 24 -19.70 18.67 -9.07
N CYS C 25 -20.85 19.31 -8.83
CA CYS C 25 -21.92 19.43 -9.82
C CYS C 25 -21.41 20.08 -11.14
N LEU C 26 -20.34 20.89 -11.07
CA LEU C 26 -19.80 21.55 -12.25
C LEU C 26 -18.76 20.63 -12.87
N GLU C 27 -17.85 20.09 -12.01
CA GLU C 27 -16.78 19.15 -12.33
C GLU C 27 -17.31 17.97 -13.17
N HIS C 28 -18.53 17.50 -12.87
CA HIS C 28 -19.18 16.39 -13.56
C HIS C 28 -20.54 16.81 -14.12
N GLY C 29 -20.57 18.02 -14.69
CA GLY C 29 -21.74 18.66 -15.31
C GLY C 29 -23.13 18.32 -14.80
N ILE C 30 -23.26 18.10 -13.47
CA ILE C 30 -24.52 17.79 -12.78
C ILE C 30 -25.35 19.08 -12.57
N GLN C 31 -26.64 18.98 -12.88
CA GLN C 31 -27.55 20.10 -12.75
C GLN C 31 -28.10 20.14 -11.31
N PRO C 32 -28.52 21.33 -10.77
CA PRO C 32 -29.04 21.41 -9.38
C PRO C 32 -30.32 20.63 -9.03
N ASP C 33 -30.73 19.71 -9.91
CA ASP C 33 -31.86 18.79 -9.77
C ASP C 33 -31.33 17.39 -9.48
N GLY C 34 -30.09 17.11 -9.91
CA GLY C 34 -29.41 15.84 -9.73
C GLY C 34 -29.03 15.13 -11.02
N GLN C 35 -29.69 15.49 -12.13
CA GLN C 35 -29.46 14.89 -13.44
C GLN C 35 -28.23 15.49 -14.17
N MET C 36 -27.75 14.80 -15.23
CA MET C 36 -26.61 15.18 -16.08
C MET C 36 -26.66 14.48 -17.47
N PRO C 37 -26.05 15.05 -18.57
CA PRO C 37 -26.10 14.35 -19.88
C PRO C 37 -25.00 13.30 -20.09
N ASP C 46 -16.31 7.52 -17.99
CA ASP C 46 -15.80 7.51 -16.61
C ASP C 46 -16.92 7.73 -15.57
N ASP C 47 -17.42 6.63 -14.97
CA ASP C 47 -18.44 6.64 -13.92
C ASP C 47 -17.78 6.62 -12.52
N SER C 48 -16.47 6.98 -12.43
CA SER C 48 -15.69 7.01 -11.19
C SER C 48 -16.12 8.14 -10.24
N PHE C 49 -17.01 9.05 -10.71
CA PHE C 49 -17.58 10.13 -9.90
C PHE C 49 -18.68 9.62 -8.99
N ASN C 50 -19.18 8.40 -9.27
CA ASN C 50 -20.22 7.74 -8.49
C ASN C 50 -19.71 7.23 -7.10
N THR C 51 -18.48 7.62 -6.73
CA THR C 51 -17.87 7.31 -5.43
C THR C 51 -18.37 8.33 -4.41
N PHE C 52 -18.94 9.46 -4.92
CA PHE C 52 -19.50 10.63 -4.20
C PHE C 52 -20.98 10.88 -4.52
N PHE C 53 -21.45 10.41 -5.68
CA PHE C 53 -22.83 10.59 -6.13
C PHE C 53 -23.51 9.26 -6.29
N SER C 54 -24.80 9.22 -6.01
CA SER C 54 -25.58 7.99 -6.16
C SER C 54 -26.69 8.16 -7.17
N GLU C 55 -26.54 7.47 -8.31
CA GLU C 55 -27.49 7.49 -9.41
C GLU C 55 -28.77 6.74 -8.98
N THR C 56 -29.96 7.30 -9.32
CA THR C 56 -31.26 6.72 -9.00
C THR C 56 -31.97 6.15 -10.26
N GLY C 57 -33.22 5.69 -10.11
CA GLY C 57 -34.04 5.15 -11.20
C GLY C 57 -34.31 6.19 -12.27
N ALA C 58 -34.55 7.43 -11.84
CA ALA C 58 -34.77 8.59 -12.70
C ALA C 58 -33.43 9.05 -13.34
N GLY C 59 -32.32 8.54 -12.82
CA GLY C 59 -30.97 8.87 -13.29
C GLY C 59 -30.37 10.04 -12.54
N LYS C 60 -31.08 10.55 -11.52
CA LYS C 60 -30.68 11.68 -10.67
C LYS C 60 -29.50 11.25 -9.78
N HIS C 61 -28.41 12.04 -9.80
CA HIS C 61 -27.18 11.80 -9.03
C HIS C 61 -27.16 12.59 -7.73
N VAL C 62 -27.60 11.93 -6.63
CA VAL C 62 -27.68 12.48 -5.28
C VAL C 62 -26.35 12.28 -4.51
N PRO C 63 -25.79 13.35 -3.90
CA PRO C 63 -24.53 13.20 -3.17
C PRO C 63 -24.61 12.24 -1.97
N ARG C 64 -23.49 11.58 -1.72
CA ARG C 64 -23.27 10.68 -0.60
C ARG C 64 -22.89 11.53 0.64
N ALA C 65 -23.68 12.59 0.90
CA ALA C 65 -23.43 13.58 1.95
C ALA C 65 -24.56 13.75 2.98
N VAL C 66 -24.20 14.33 4.16
CA VAL C 66 -25.07 14.58 5.32
C VAL C 66 -24.77 15.98 5.84
N PHE C 67 -25.79 16.86 5.86
CA PHE C 67 -25.64 18.24 6.37
C PHE C 67 -26.29 18.29 7.74
N VAL C 68 -25.47 18.38 8.80
CA VAL C 68 -25.91 18.34 10.19
C VAL C 68 -25.66 19.67 10.91
N ASP C 69 -26.66 20.21 11.67
CA ASP C 69 -26.53 21.45 12.48
C ASP C 69 -27.48 21.51 13.66
N LEU C 70 -27.02 22.07 14.78
CA LEU C 70 -27.81 22.21 16.00
C LEU C 70 -28.82 23.35 15.95
N GLU C 71 -28.69 24.26 14.99
CA GLU C 71 -29.68 25.32 14.79
C GLU C 71 -30.20 25.22 13.35
N PRO C 72 -31.43 25.68 13.05
CA PRO C 72 -31.93 25.50 11.69
C PRO C 72 -31.45 26.43 10.60
N THR C 73 -31.33 27.75 10.87
CA THR C 73 -30.97 28.74 9.83
C THR C 73 -29.92 28.38 8.81
N VAL C 74 -28.80 27.75 9.21
CA VAL C 74 -27.78 27.42 8.21
C VAL C 74 -28.28 26.40 7.20
N ILE C 75 -28.78 25.25 7.69
CA ILE C 75 -29.30 24.20 6.79
C ILE C 75 -30.55 24.63 6.02
N ASP C 76 -31.30 25.60 6.59
CA ASP C 76 -32.48 26.20 5.96
C ASP C 76 -32.08 26.86 4.63
N GLU C 77 -30.89 27.49 4.60
CA GLU C 77 -30.36 28.15 3.41
C GLU C 77 -30.05 27.20 2.25
N VAL C 78 -30.09 25.88 2.50
CA VAL C 78 -29.86 24.80 1.51
C VAL C 78 -31.24 24.29 1.03
N ARG C 79 -32.20 24.17 1.97
CA ARG C 79 -33.59 23.72 1.77
C ARG C 79 -34.38 24.72 0.93
N THR C 80 -33.98 25.99 0.98
CA THR C 80 -34.56 27.11 0.24
C THR C 80 -33.67 27.44 -0.96
N GLY C 81 -32.39 27.09 -0.85
CA GLY C 81 -31.35 27.33 -1.85
C GLY C 81 -31.56 26.79 -3.25
N THR C 82 -30.68 27.24 -4.17
CA THR C 82 -30.61 26.91 -5.60
C THR C 82 -30.68 25.42 -5.88
N TYR C 83 -30.00 24.63 -5.04
CA TYR C 83 -29.87 23.17 -5.07
C TYR C 83 -30.77 22.51 -3.99
N ARG C 84 -31.97 23.09 -3.72
CA ARG C 84 -32.93 22.57 -2.72
C ARG C 84 -33.34 21.13 -3.06
N GLN C 85 -33.40 20.84 -4.37
CA GLN C 85 -33.78 19.55 -4.91
C GLN C 85 -32.67 18.54 -4.79
N LEU C 86 -31.40 18.97 -5.04
CA LEU C 86 -30.16 18.16 -5.01
C LEU C 86 -30.01 17.09 -3.92
N PHE C 87 -30.58 17.33 -2.71
CA PHE C 87 -30.53 16.43 -1.55
C PHE C 87 -31.91 15.95 -1.07
N HIS C 88 -31.90 14.95 -0.17
CA HIS C 88 -33.07 14.39 0.51
C HIS C 88 -33.32 15.24 1.73
N PRO C 89 -34.59 15.38 2.19
CA PRO C 89 -34.82 16.17 3.41
C PRO C 89 -34.15 15.49 4.61
N GLU C 90 -34.10 14.13 4.57
CA GLU C 90 -33.53 13.27 5.58
C GLU C 90 -32.05 13.54 5.73
N GLN C 91 -31.32 13.73 4.60
CA GLN C 91 -29.88 13.97 4.62
C GLN C 91 -29.42 15.41 5.03
N LEU C 92 -30.38 16.28 5.45
CA LEU C 92 -30.18 17.65 5.93
C LEU C 92 -30.82 17.75 7.31
N ILE C 93 -30.04 17.37 8.32
CA ILE C 93 -30.45 17.27 9.72
C ILE C 93 -30.27 18.58 10.50
N THR C 94 -31.30 19.04 11.27
CA THR C 94 -31.22 20.28 12.06
C THR C 94 -31.90 20.32 13.42
N GLY C 95 -31.12 20.63 14.44
CA GLY C 95 -31.63 20.86 15.79
C GLY C 95 -32.27 22.24 15.85
N LYS C 96 -33.01 22.54 16.94
CA LYS C 96 -33.64 23.85 17.10
C LYS C 96 -32.73 24.90 17.77
N GLU C 97 -32.02 24.50 18.83
CA GLU C 97 -31.12 25.31 19.66
C GLU C 97 -29.67 24.93 19.34
N ASP C 98 -28.81 25.92 18.99
CA ASP C 98 -27.38 25.68 18.69
C ASP C 98 -26.53 25.34 19.91
N ALA C 99 -25.21 25.21 19.73
CA ALA C 99 -24.36 24.87 20.85
C ALA C 99 -23.82 26.06 21.63
N ALA C 100 -24.22 27.30 21.23
CA ALA C 100 -23.86 28.59 21.84
C ALA C 100 -22.33 28.86 21.96
N ASN C 101 -21.56 28.43 20.90
CA ASN C 101 -20.09 28.52 20.74
C ASN C 101 -19.43 27.76 21.90
N ASN C 102 -20.00 26.60 22.23
CA ASN C 102 -19.57 25.80 23.36
C ASN C 102 -19.53 24.32 23.01
N TYR C 103 -18.31 23.72 23.10
CA TYR C 103 -18.02 22.30 22.84
C TYR C 103 -18.96 21.39 23.72
N ALA C 104 -18.89 21.57 25.07
CA ALA C 104 -19.63 20.82 26.08
C ALA C 104 -21.07 20.60 25.69
N ARG C 105 -21.71 21.61 25.03
CA ARG C 105 -23.11 21.58 24.53
C ARG C 105 -23.25 20.74 23.29
N GLY C 106 -22.38 21.00 22.31
CA GLY C 106 -22.36 20.29 21.04
C GLY C 106 -22.12 18.81 21.25
N HIS C 107 -21.12 18.50 22.10
CA HIS C 107 -20.74 17.13 22.46
C HIS C 107 -21.83 16.48 23.28
N TYR C 108 -22.10 17.00 24.47
CA TYR C 108 -23.12 16.43 25.33
C TYR C 108 -24.52 17.12 25.20
N THR C 109 -24.93 17.90 26.24
CA THR C 109 -26.20 18.61 26.44
C THR C 109 -27.15 18.68 25.26
N ILE C 110 -26.70 19.28 24.15
CA ILE C 110 -27.51 19.47 22.97
C ILE C 110 -27.34 18.33 21.95
N GLY C 111 -26.10 18.04 21.60
CA GLY C 111 -25.76 17.01 20.61
C GLY C 111 -26.35 15.64 20.86
N LYS C 112 -26.51 15.29 22.17
CA LYS C 112 -27.04 13.99 22.62
C LYS C 112 -28.43 13.73 22.06
N GLU C 113 -29.24 14.79 22.00
CA GLU C 113 -30.60 14.81 21.50
C GLU C 113 -30.75 14.51 20.01
N ILE C 114 -29.64 14.60 19.23
CA ILE C 114 -29.66 14.36 17.79
C ILE C 114 -28.85 13.14 17.34
N ILE C 115 -27.64 12.98 17.89
CA ILE C 115 -26.65 11.95 17.57
C ILE C 115 -27.19 10.65 17.00
N ASP C 116 -28.13 10.04 17.71
CA ASP C 116 -28.76 8.77 17.32
C ASP C 116 -29.38 8.89 15.92
N LEU C 117 -30.28 9.89 15.69
CA LEU C 117 -30.91 10.16 14.38
C LEU C 117 -29.86 10.41 13.28
N VAL C 118 -28.85 11.22 13.60
CA VAL C 118 -27.76 11.57 12.70
C VAL C 118 -27.10 10.27 12.14
N LEU C 119 -26.66 9.37 13.03
CA LEU C 119 -26.01 8.11 12.66
C LEU C 119 -26.89 7.20 11.81
N ASP C 120 -28.22 7.35 11.94
CA ASP C 120 -29.16 6.57 11.15
C ASP C 120 -29.09 6.94 9.69
N ARG C 121 -29.05 8.25 9.36
CA ARG C 121 -28.92 8.68 7.96
C ARG C 121 -27.57 8.24 7.40
N ILE C 122 -26.56 8.18 8.26
CA ILE C 122 -25.20 7.73 7.90
C ILE C 122 -25.28 6.22 7.56
N ARG C 123 -26.02 5.44 8.38
CA ARG C 123 -26.22 4.00 8.17
C ARG C 123 -27.11 3.73 6.93
N LYS C 124 -28.18 4.55 6.70
CA LYS C 124 -29.10 4.52 5.55
C LYS C 124 -28.45 5.03 4.24
N LEU C 125 -27.18 5.42 4.33
CA LEU C 125 -26.34 5.87 3.20
C LEU C 125 -25.22 4.83 3.00
N ALA C 126 -24.82 4.20 4.12
CA ALA C 126 -23.83 3.16 4.22
C ALA C 126 -24.32 1.89 3.51
N ASP C 127 -25.64 1.71 3.39
CA ASP C 127 -26.21 0.56 2.69
C ASP C 127 -25.91 0.62 1.23
N GLN C 128 -26.21 1.75 0.57
CA GLN C 128 -26.03 1.91 -0.87
C GLN C 128 -24.57 1.99 -1.34
N CYS C 129 -23.64 1.77 -0.39
CA CYS C 129 -22.21 1.75 -0.65
C CYS C 129 -21.84 0.32 -0.92
N THR C 130 -21.75 -0.06 -2.24
CA THR C 130 -21.37 -1.40 -2.73
C THR C 130 -20.02 -1.88 -2.14
N GLY C 131 -19.11 -0.91 -1.91
CA GLY C 131 -17.78 -1.07 -1.32
C GLY C 131 -17.17 0.26 -0.90
N LEU C 132 -17.56 0.75 0.30
CA LEU C 132 -17.12 2.01 0.91
C LEU C 132 -15.64 2.04 1.23
N GLN C 133 -15.03 3.26 1.10
CA GLN C 133 -13.62 3.58 1.40
C GLN C 133 -13.47 4.12 2.81
N GLY C 134 -14.39 5.04 3.18
CA GLY C 134 -14.45 5.74 4.47
C GLY C 134 -15.19 7.06 4.46
N PHE C 135 -15.01 7.89 5.52
CA PHE C 135 -15.71 9.17 5.70
C PHE C 135 -14.85 10.45 5.54
N LEU C 136 -15.53 11.59 5.23
CA LEU C 136 -14.96 12.93 5.05
C LEU C 136 -15.69 13.97 5.88
N VAL C 137 -15.17 14.17 7.08
CA VAL C 137 -15.71 15.09 8.07
C VAL C 137 -15.22 16.52 7.86
N PHE C 138 -16.15 17.45 7.60
CA PHE C 138 -15.89 18.88 7.41
C PHE C 138 -16.45 19.66 8.61
N HIS C 139 -15.56 20.33 9.32
CA HIS C 139 -16.00 21.05 10.51
C HIS C 139 -15.15 22.30 10.85
N SER C 140 -15.65 23.07 11.83
CA SER C 140 -15.01 24.23 12.42
C SER C 140 -14.13 23.75 13.59
N PHE C 141 -13.08 24.51 13.91
CA PHE C 141 -12.25 24.16 15.05
C PHE C 141 -12.83 24.78 16.33
N GLY C 142 -13.47 25.95 16.20
CA GLY C 142 -14.00 26.67 17.35
C GLY C 142 -15.51 26.80 17.55
N GLY C 143 -16.29 26.14 16.73
CA GLY C 143 -17.74 26.21 16.87
C GLY C 143 -18.25 25.23 17.90
N GLY C 144 -19.40 25.52 18.49
CA GLY C 144 -20.01 24.61 19.46
C GLY C 144 -20.40 23.29 18.80
N THR C 145 -21.04 23.39 17.61
CA THR C 145 -21.44 22.28 16.74
C THR C 145 -20.16 21.75 16.08
N GLY C 146 -19.44 22.65 15.37
CA GLY C 146 -18.17 22.37 14.70
C GLY C 146 -17.19 21.54 15.51
N SER C 147 -17.06 21.82 16.84
CA SER C 147 -16.16 21.08 17.73
C SER C 147 -16.81 19.93 18.50
N GLY C 148 -17.76 20.28 19.38
CA GLY C 148 -18.47 19.35 20.25
C GLY C 148 -19.10 18.17 19.55
N PHE C 149 -20.03 18.48 18.63
CA PHE C 149 -20.73 17.43 17.90
C PHE C 149 -19.79 16.57 17.08
N THR C 150 -18.84 17.21 16.38
CA THR C 150 -17.88 16.49 15.54
C THR C 150 -17.16 15.42 16.34
N SER C 151 -16.61 15.74 17.55
CA SER C 151 -15.92 14.69 18.30
CA SER C 151 -15.94 14.73 18.38
C SER C 151 -16.86 13.57 18.76
N LEU C 152 -18.15 13.88 19.07
CA LEU C 152 -19.17 12.89 19.46
C LEU C 152 -19.48 11.92 18.32
N LEU C 153 -19.54 12.46 17.11
CA LEU C 153 -19.79 11.70 15.89
C LEU C 153 -18.52 10.93 15.53
N MET C 154 -17.35 11.57 15.62
CA MET C 154 -16.10 10.90 15.35
C MET C 154 -15.93 9.71 16.30
N GLU C 155 -16.33 9.91 17.59
CA GLU C 155 -16.31 8.90 18.64
C GLU C 155 -17.28 7.78 18.24
N ARG C 156 -18.60 8.12 18.05
CA ARG C 156 -19.64 7.16 17.67
C ARG C 156 -19.41 6.38 16.40
N LEU C 157 -18.90 7.02 15.34
CA LEU C 157 -18.63 6.36 14.06
C LEU C 157 -17.51 5.35 14.19
N SER C 158 -16.54 5.62 15.08
CA SER C 158 -15.41 4.72 15.30
C SER C 158 -15.81 3.45 16.08
N VAL C 159 -17.03 3.44 16.65
CA VAL C 159 -17.66 2.28 17.29
C VAL C 159 -18.45 1.60 16.14
N ASP C 160 -19.44 2.34 15.61
CA ASP C 160 -20.34 2.01 14.51
C ASP C 160 -19.64 1.46 13.26
N TYR C 161 -18.49 2.02 12.87
CA TYR C 161 -17.79 1.62 11.65
C TYR C 161 -16.36 1.21 11.89
N GLY C 162 -16.03 0.91 13.15
CA GLY C 162 -14.71 0.45 13.54
C GLY C 162 -13.56 1.29 12.99
N LYS C 163 -12.50 0.61 12.51
CA LYS C 163 -11.30 1.26 11.98
C LYS C 163 -11.34 1.74 10.49
N LYS C 164 -12.52 2.19 10.00
CA LYS C 164 -12.66 2.74 8.64
C LYS C 164 -11.99 4.15 8.57
N SER C 165 -11.52 4.54 7.36
CA SER C 165 -10.85 5.84 7.13
C SER C 165 -11.79 7.01 7.38
N LYS C 166 -11.39 7.91 8.31
CA LYS C 166 -12.15 9.12 8.66
C LYS C 166 -11.23 10.29 8.34
N LEU C 167 -11.59 11.06 7.31
CA LEU C 167 -10.73 12.15 6.90
C LEU C 167 -11.25 13.57 7.12
N GLU C 168 -10.80 14.20 8.21
CA GLU C 168 -11.21 15.56 8.55
C GLU C 168 -10.64 16.65 7.65
N PHE C 169 -11.43 17.74 7.54
CA PHE C 169 -11.17 19.02 6.90
C PHE C 169 -11.61 19.99 7.96
N SER C 170 -10.67 20.33 8.84
CA SER C 170 -10.86 21.17 10.02
C SER C 170 -10.45 22.63 9.77
N ILE C 171 -11.36 23.59 10.03
CA ILE C 171 -11.11 25.02 9.82
C ILE C 171 -10.49 25.70 11.04
N TYR C 172 -9.14 25.77 11.07
CA TYR C 172 -8.33 26.43 12.09
C TYR C 172 -8.81 27.87 12.26
N PRO C 173 -8.97 28.37 13.49
CA PRO C 173 -9.50 29.72 13.63
C PRO C 173 -8.47 30.84 13.49
N ALA C 174 -8.93 31.97 12.92
CA ALA C 174 -8.15 33.18 12.74
C ALA C 174 -8.98 34.34 13.24
N PRO C 175 -8.41 35.29 14.01
CA PRO C 175 -9.20 36.42 14.51
C PRO C 175 -9.91 37.28 13.44
N GLN C 176 -9.23 37.53 12.29
CA GLN C 176 -9.74 38.29 11.13
C GLN C 176 -11.06 37.76 10.59
N VAL C 177 -11.22 36.43 10.62
CA VAL C 177 -12.38 35.69 10.12
C VAL C 177 -13.26 35.28 11.32
N SER C 178 -14.05 36.26 11.78
CA SER C 178 -14.92 36.19 12.96
C SER C 178 -14.21 35.82 14.27
N THR C 179 -14.32 34.54 14.69
CA THR C 179 -13.72 34.07 15.94
C THR C 179 -14.63 34.44 17.13
N ALA C 180 -14.24 34.03 18.34
CA ALA C 180 -14.94 34.19 19.62
C ALA C 180 -13.91 33.81 20.65
N VAL C 181 -13.83 34.57 21.74
CA VAL C 181 -12.81 34.37 22.79
C VAL C 181 -12.54 32.93 23.23
N VAL C 182 -13.61 32.13 23.34
CA VAL C 182 -13.62 30.71 23.75
C VAL C 182 -13.01 29.74 22.74
N GLU C 183 -13.01 30.08 21.44
CA GLU C 183 -12.46 29.22 20.37
C GLU C 183 -11.20 28.39 20.72
N PRO C 184 -10.06 28.94 21.20
CA PRO C 184 -8.93 28.06 21.60
C PRO C 184 -9.30 26.88 22.50
N TYR C 185 -10.35 27.02 23.33
CA TYR C 185 -10.85 25.95 24.18
C TYR C 185 -11.47 24.85 23.30
N ASN C 186 -12.51 25.22 22.50
CA ASN C 186 -13.20 24.35 21.55
C ASN C 186 -12.22 23.71 20.58
N SER C 187 -11.16 24.44 20.23
CA SER C 187 -10.05 23.99 19.41
C SER C 187 -9.38 22.81 20.10
N ILE C 188 -8.60 23.06 21.20
CA ILE C 188 -7.87 22.02 21.94
C ILE C 188 -8.78 20.87 22.39
N LEU C 189 -10.04 21.21 22.78
CA LEU C 189 -11.05 20.25 23.26
C LEU C 189 -11.35 19.12 22.28
N THR C 190 -11.73 19.49 21.05
CA THR C 190 -12.03 18.53 20.00
C THR C 190 -10.79 17.77 19.52
N THR C 191 -9.70 18.50 19.19
CA THR C 191 -8.44 17.90 18.75
C THR C 191 -8.14 16.63 19.55
N HIS C 192 -8.17 16.74 20.89
CA HIS C 192 -7.95 15.66 21.83
C HIS C 192 -8.92 14.50 21.60
N THR C 193 -10.24 14.71 21.74
CA THR C 193 -11.25 13.65 21.59
C THR C 193 -11.29 12.97 20.26
N THR C 194 -10.82 13.66 19.21
CA THR C 194 -10.82 13.16 17.84
C THR C 194 -9.50 12.50 17.41
N LEU C 195 -8.38 12.83 18.05
CA LEU C 195 -7.06 12.31 17.72
C LEU C 195 -6.99 10.84 17.38
N GLU C 196 -7.60 9.97 18.22
CA GLU C 196 -7.64 8.50 17.99
C GLU C 196 -8.55 8.17 16.80
N HIS C 197 -9.67 8.87 16.68
CA HIS C 197 -10.67 8.58 15.66
C HIS C 197 -10.36 9.14 14.29
N SER C 198 -9.35 9.95 14.17
CA SER C 198 -9.03 10.52 12.88
C SER C 198 -8.09 9.61 12.19
N ASP C 199 -8.15 9.59 10.88
CA ASP C 199 -7.21 8.80 10.11
C ASP C 199 -6.15 9.76 9.52
N CYS C 200 -6.63 10.89 8.97
CA CYS C 200 -5.83 11.94 8.35
C CYS C 200 -6.58 13.26 8.36
N ALA C 201 -6.02 14.30 9.00
CA ALA C 201 -6.68 15.61 9.14
C ALA C 201 -6.08 16.77 8.35
N PHE C 202 -6.83 17.25 7.36
CA PHE C 202 -6.43 18.38 6.51
C PHE C 202 -6.77 19.71 7.15
N MET C 203 -5.79 20.31 7.88
CA MET C 203 -5.97 21.60 8.56
C MET C 203 -6.03 22.76 7.60
N VAL C 204 -6.96 23.69 7.86
CA VAL C 204 -7.18 24.86 7.01
C VAL C 204 -7.12 26.09 7.92
N ASP C 205 -6.07 26.93 7.79
CA ASP C 205 -5.95 28.15 8.60
C ASP C 205 -6.66 29.30 7.92
N ASN C 206 -7.84 29.67 8.47
CA ASN C 206 -8.70 30.76 8.05
C ASN C 206 -7.94 32.07 7.67
N GLU C 207 -6.80 32.36 8.35
CA GLU C 207 -5.96 33.53 8.09
C GLU C 207 -5.28 33.37 6.74
N ALA C 208 -4.70 32.18 6.46
CA ALA C 208 -4.02 31.87 5.21
C ALA C 208 -4.94 31.92 3.99
N ILE C 209 -6.23 31.60 4.18
CA ILE C 209 -7.25 31.67 3.14
C ILE C 209 -7.62 33.17 2.99
N TYR C 210 -7.66 33.89 4.11
CA TYR C 210 -7.92 35.32 4.13
C TYR C 210 -6.75 35.97 3.40
N ASP C 211 -5.52 35.82 3.93
CA ASP C 211 -4.26 36.36 3.37
C ASP C 211 -4.09 36.17 1.85
N ILE C 212 -4.59 35.06 1.32
CA ILE C 212 -4.54 34.80 -0.11
C ILE C 212 -5.61 35.66 -0.87
N CYS C 213 -6.89 35.66 -0.39
CA CYS C 213 -7.97 36.46 -0.97
C CYS C 213 -7.55 37.92 -1.00
N ARG C 214 -6.76 38.33 -0.01
CA ARG C 214 -6.23 39.67 0.07
C ARG C 214 -5.17 39.83 -1.04
N ARG C 215 -4.09 39.05 -0.97
CA ARG C 215 -2.96 39.14 -1.89
C ARG C 215 -3.22 38.77 -3.34
N ASN C 216 -3.85 37.63 -3.58
CA ASN C 216 -4.03 37.14 -4.95
C ASN C 216 -5.39 37.36 -5.57
N LEU C 217 -6.46 37.21 -4.80
CA LEU C 217 -7.78 37.50 -5.34
C LEU C 217 -8.08 39.02 -5.25
N ASP C 218 -7.22 39.74 -4.51
CA ASP C 218 -7.23 41.19 -4.30
C ASP C 218 -8.39 41.74 -3.46
N ILE C 219 -9.25 40.84 -2.91
CA ILE C 219 -10.39 41.18 -2.04
C ILE C 219 -9.95 41.75 -0.67
N GLU C 220 -10.30 43.03 -0.42
CA GLU C 220 -9.97 43.76 0.81
C GLU C 220 -10.73 43.25 2.04
N ARG C 221 -12.01 42.86 1.86
CA ARG C 221 -12.82 42.31 2.95
C ARG C 221 -13.61 41.08 2.49
N PRO C 222 -12.91 39.90 2.51
CA PRO C 222 -13.52 38.65 2.00
C PRO C 222 -14.80 38.14 2.67
N THR C 223 -15.80 37.81 1.81
CA THR C 223 -17.07 37.23 2.27
C THR C 223 -16.74 35.77 2.54
N TYR C 224 -17.59 35.05 3.29
CA TYR C 224 -17.34 33.64 3.58
C TYR C 224 -17.23 32.82 2.29
N THR C 225 -18.06 33.16 1.29
CA THR C 225 -18.11 32.53 -0.04
C THR C 225 -16.76 32.67 -0.74
N ASN C 226 -16.15 33.88 -0.68
CA ASN C 226 -14.83 34.21 -1.25
C ASN C 226 -13.74 33.22 -0.76
N LEU C 227 -13.80 32.84 0.53
CA LEU C 227 -12.88 31.90 1.17
C LEU C 227 -13.34 30.48 0.89
N ASN C 228 -14.63 30.15 1.17
CA ASN C 228 -15.19 28.80 0.97
C ASN C 228 -14.92 28.28 -0.42
N ARG C 229 -15.13 29.15 -1.45
CA ARG C 229 -14.83 28.87 -2.85
C ARG C 229 -13.33 28.53 -3.06
N LEU C 230 -12.43 29.33 -2.45
CA LEU C 230 -11.00 29.09 -2.53
C LEU C 230 -10.69 27.77 -1.84
N ILE C 231 -11.25 27.54 -0.65
CA ILE C 231 -11.07 26.31 0.12
C ILE C 231 -11.52 25.08 -0.69
N GLY C 232 -12.72 25.16 -1.31
CA GLY C 232 -13.33 24.09 -2.10
C GLY C 232 -12.51 23.70 -3.31
N GLN C 233 -11.66 24.64 -3.81
CA GLN C 233 -10.76 24.42 -4.93
C GLN C 233 -9.65 23.48 -4.47
N ILE C 234 -9.09 23.77 -3.28
CA ILE C 234 -8.06 22.98 -2.61
C ILE C 234 -8.60 21.56 -2.29
N VAL C 235 -9.83 21.47 -1.74
CA VAL C 235 -10.51 20.22 -1.36
C VAL C 235 -10.84 19.35 -2.58
N SER C 236 -11.41 19.92 -3.66
CA SER C 236 -11.68 19.15 -4.88
C SER C 236 -10.34 18.72 -5.44
N SER C 237 -9.32 19.61 -5.38
CA SER C 237 -7.96 19.29 -5.83
C SER C 237 -7.39 18.08 -5.05
N ILE C 238 -7.86 17.84 -3.80
CA ILE C 238 -7.46 16.68 -3.00
C ILE C 238 -8.28 15.47 -3.48
N THR C 239 -9.63 15.60 -3.48
CA THR C 239 -10.56 14.52 -3.91
C THR C 239 -10.78 14.38 -5.42
N ALA C 240 -9.88 14.99 -6.23
CA ALA C 240 -9.92 14.90 -7.71
C ALA C 240 -9.73 13.42 -8.05
N SER C 241 -8.63 12.85 -7.51
CA SER C 241 -8.15 11.47 -7.58
C SER C 241 -9.21 10.41 -7.44
N LEU C 242 -10.30 10.74 -6.73
CA LEU C 242 -11.41 9.81 -6.42
C LEU C 242 -12.62 9.94 -7.36
N ARG C 243 -13.03 11.17 -7.70
CA ARG C 243 -14.15 11.45 -8.60
C ARG C 243 -13.78 11.22 -10.08
N PHE C 244 -12.49 10.98 -10.37
CA PHE C 244 -11.95 10.71 -11.72
C PHE C 244 -10.95 9.57 -11.72
N ASP C 245 -10.79 8.95 -12.88
CA ASP C 245 -9.83 7.89 -13.12
C ASP C 245 -9.06 8.26 -14.39
N GLY C 246 -7.92 8.90 -14.16
CA GLY C 246 -7.06 9.39 -15.23
C GLY C 246 -5.79 8.59 -15.40
N ALA C 247 -5.63 7.97 -16.61
CA ALA C 247 -4.48 7.18 -17.04
C ALA C 247 -3.15 7.88 -16.69
N LEU C 248 -3.15 9.24 -16.83
CA LEU C 248 -2.06 10.18 -16.52
C LEU C 248 -1.44 9.87 -15.14
N ASN C 249 -2.32 9.70 -14.09
CA ASN C 249 -2.02 9.35 -12.69
C ASN C 249 -3.27 9.32 -11.79
N VAL C 250 -3.51 10.35 -10.94
CA VAL C 250 -4.60 10.45 -9.95
C VAL C 250 -4.81 9.18 -9.11
N ASP C 251 -4.18 9.17 -7.90
CA ASP C 251 -4.07 7.99 -7.02
C ASP C 251 -4.04 8.27 -5.47
N LEU C 252 -5.10 8.88 -4.86
CA LEU C 252 -5.12 9.17 -3.41
C LEU C 252 -5.09 7.94 -2.49
N THR C 253 -5.02 8.13 -1.13
CA THR C 253 -4.96 7.10 -0.05
C THR C 253 -3.59 6.43 -0.06
N GLU C 254 -2.98 6.43 -1.24
CA GLU C 254 -1.65 5.93 -1.57
C GLU C 254 -0.69 7.04 -1.14
N PHE C 255 -1.13 8.33 -1.27
CA PHE C 255 -0.38 9.49 -0.84
C PHE C 255 -0.33 9.38 0.67
N GLN C 256 -1.52 9.15 1.29
CA GLN C 256 -1.75 8.96 2.71
C GLN C 256 -0.72 7.99 3.37
N THR C 257 -0.30 6.94 2.62
CA THR C 257 0.70 5.96 3.07
C THR C 257 2.04 6.61 3.36
N ASN C 258 2.48 7.58 2.51
CA ASN C 258 3.73 8.34 2.66
C ASN C 258 3.55 9.52 3.60
N LEU C 259 2.40 10.18 3.49
CA LEU C 259 2.05 11.33 4.32
C LEU C 259 2.04 11.01 5.81
N VAL C 260 1.33 9.92 6.20
CA VAL C 260 1.22 9.48 7.60
C VAL C 260 2.31 8.47 8.01
N PRO C 261 3.47 8.93 8.55
CA PRO C 261 4.51 8.00 8.99
C PRO C 261 4.17 7.26 10.29
N TYR C 262 3.51 7.96 11.21
CA TYR C 262 3.08 7.41 12.49
C TYR C 262 1.58 7.69 12.65
N PRO C 263 0.84 6.99 13.56
CA PRO C 263 -0.60 7.17 13.58
C PRO C 263 -1.00 8.59 13.95
N ARG C 264 -0.40 9.15 15.04
CA ARG C 264 -0.75 10.49 15.53
C ARG C 264 -0.35 11.57 14.56
N ILE C 265 0.81 11.40 13.92
CA ILE C 265 1.41 12.33 12.95
C ILE C 265 0.62 12.32 11.59
N HIS C 266 -0.70 12.61 11.66
CA HIS C 266 -1.59 12.55 10.52
C HIS C 266 -2.02 13.87 9.84
N PHE C 267 -1.42 15.02 10.25
CA PHE C 267 -1.80 16.35 9.72
C PHE C 267 -0.98 16.85 8.52
N PRO C 268 -1.46 16.63 7.27
CA PRO C 268 -0.72 17.17 6.13
C PRO C 268 -1.03 18.65 5.96
N LEU C 269 -0.07 19.37 5.38
CA LEU C 269 -0.19 20.79 5.09
C LEU C 269 -0.46 20.95 3.60
N ALA C 270 -1.48 21.75 3.23
CA ALA C 270 -1.78 21.96 1.82
C ALA C 270 -1.17 23.25 1.27
N THR C 271 -0.73 23.24 0.01
CA THR C 271 -0.17 24.43 -0.63
C THR C 271 -0.67 24.56 -2.06
N TYR C 272 -1.91 25.02 -2.20
CA TYR C 272 -2.52 25.23 -3.52
C TYR C 272 -1.84 26.38 -4.30
N ALA C 273 -1.79 26.24 -5.65
CA ALA C 273 -1.25 27.17 -6.65
C ALA C 273 -1.81 26.76 -8.01
N PRO C 274 -2.25 27.67 -8.90
CA PRO C 274 -2.21 29.12 -8.84
C PRO C 274 -3.55 29.78 -8.50
N VAL C 275 -3.47 30.74 -7.56
CA VAL C 275 -4.61 31.53 -7.12
C VAL C 275 -4.44 32.87 -7.84
N ILE C 276 -5.26 33.07 -8.87
CA ILE C 276 -5.20 34.22 -9.77
C ILE C 276 -6.60 34.79 -9.96
N SER C 277 -6.74 36.12 -9.90
CA SER C 277 -8.05 36.76 -10.04
C SER C 277 -8.49 37.01 -11.48
N ALA C 278 -9.81 37.16 -11.70
CA ALA C 278 -10.39 37.47 -13.00
C ALA C 278 -10.14 38.97 -13.30
N GLU C 279 -8.83 39.34 -13.51
CA GLU C 279 -8.33 40.71 -13.77
C GLU C 279 -6.92 40.74 -14.39
N LYS C 280 -6.31 39.56 -14.65
CA LYS C 280 -4.98 39.45 -15.24
C LYS C 280 -4.94 39.65 -16.78
N ALA C 281 -5.43 38.63 -17.55
CA ALA C 281 -5.49 38.54 -19.02
C ALA C 281 -4.12 38.43 -19.71
N TYR C 282 -3.24 39.45 -19.52
CA TYR C 282 -1.88 39.56 -20.08
C TYR C 282 -0.91 38.45 -19.58
N HIS C 283 -0.89 38.22 -18.25
CA HIS C 283 -0.06 37.25 -17.55
C HIS C 283 -0.18 35.81 -18.06
N GLU C 284 -1.44 35.35 -18.31
CA GLU C 284 -1.80 34.00 -18.78
C GLU C 284 -0.82 33.41 -19.83
N GLN C 285 -0.30 32.16 -19.66
CA GLN C 285 -0.53 31.19 -18.57
C GLN C 285 0.77 30.90 -17.79
N LEU C 286 0.77 29.87 -16.91
CA LEU C 286 1.94 29.52 -16.09
C LEU C 286 2.42 28.10 -16.34
N SER C 287 3.75 27.93 -16.54
CA SER C 287 4.40 26.64 -16.78
C SER C 287 4.40 25.79 -15.53
N VAL C 288 4.64 24.46 -15.69
CA VAL C 288 4.68 23.51 -14.57
C VAL C 288 5.82 23.88 -13.62
N ALA C 289 6.98 24.29 -14.19
CA ALA C 289 8.17 24.69 -13.43
C ALA C 289 7.97 25.96 -12.56
N GLU C 290 6.92 26.75 -12.86
CA GLU C 290 6.56 27.96 -12.11
C GLU C 290 5.72 27.52 -10.89
N ILE C 291 4.63 26.77 -11.15
CA ILE C 291 3.71 26.25 -10.15
C ILE C 291 4.30 25.23 -9.19
N THR C 292 5.32 24.49 -9.62
CA THR C 292 6.01 23.54 -8.75
C THR C 292 6.79 24.35 -7.68
N ASN C 293 7.37 25.50 -8.10
CA ASN C 293 8.13 26.39 -7.23
C ASN C 293 7.18 27.20 -6.34
N ALA C 294 5.94 27.44 -6.82
CA ALA C 294 4.92 28.19 -6.07
C ALA C 294 4.57 27.52 -4.74
N CYS C 295 4.53 26.15 -4.73
CA CYS C 295 4.24 25.22 -3.60
C CYS C 295 5.16 25.40 -2.38
N PHE C 296 6.31 26.07 -2.60
CA PHE C 296 7.34 26.28 -1.60
C PHE C 296 7.40 27.74 -1.13
N GLU C 297 6.34 28.51 -1.45
CA GLU C 297 6.15 29.89 -0.99
C GLU C 297 5.23 29.85 0.25
N PRO C 298 5.74 30.25 1.46
CA PRO C 298 4.88 30.24 2.67
C PRO C 298 3.57 30.99 2.48
N ALA C 299 3.63 32.03 1.62
CA ALA C 299 2.53 32.87 1.21
C ALA C 299 1.40 32.08 0.56
N ASN C 300 1.69 30.88 0.01
CA ASN C 300 0.69 30.05 -0.65
C ASN C 300 0.07 28.93 0.18
N GLN C 301 0.69 28.59 1.34
CA GLN C 301 0.26 27.53 2.28
C GLN C 301 -1.15 27.65 2.83
N MET C 302 -1.77 26.52 3.22
CA MET C 302 -3.12 26.56 3.78
C MET C 302 -3.09 26.91 5.23
N VAL C 303 -1.99 26.54 5.89
CA VAL C 303 -1.77 26.84 7.29
C VAL C 303 -0.52 27.66 7.32
N LYS C 304 -0.56 28.79 8.05
CA LYS C 304 0.58 29.67 8.19
C LYS C 304 1.67 28.96 9.02
N CYS C 305 2.83 28.61 8.38
CA CYS C 305 3.99 27.99 9.06
C CYS C 305 5.37 28.13 8.30
N ASP C 306 6.51 27.79 8.93
CA ASP C 306 7.83 27.84 8.26
C ASP C 306 8.59 26.52 8.13
N PRO C 307 8.26 25.77 7.05
CA PRO C 307 8.92 24.48 6.79
C PRO C 307 10.29 24.62 6.10
N ARG C 308 10.77 25.90 5.97
CA ARG C 308 12.09 26.30 5.46
C ARG C 308 13.03 26.13 6.66
N HIS C 309 12.42 26.18 7.86
CA HIS C 309 13.06 26.02 9.16
C HIS C 309 12.93 24.60 9.66
N GLY C 310 11.75 24.00 9.49
CA GLY C 310 11.44 22.64 9.95
C GLY C 310 11.64 21.49 8.97
N LYS C 311 11.94 20.31 9.53
CA LYS C 311 12.15 19.04 8.80
C LYS C 311 10.88 18.50 8.06
N TYR C 312 11.11 17.62 7.07
CA TYR C 312 10.10 16.98 6.20
C TYR C 312 10.07 15.44 6.39
N MET C 313 8.89 14.85 6.25
CA MET C 313 8.70 13.40 6.34
C MET C 313 7.82 12.91 5.17
N ALA C 314 7.46 13.85 4.27
CA ALA C 314 6.65 13.60 3.07
C ALA C 314 6.50 14.84 2.24
N CYS C 315 6.23 14.59 0.93
CA CYS C 315 5.98 15.60 -0.09
C CYS C 315 5.25 14.95 -1.25
N CYS C 316 4.02 15.38 -1.51
CA CYS C 316 3.17 14.81 -2.55
C CYS C 316 2.55 15.91 -3.35
N LEU C 317 2.78 15.88 -4.66
CA LEU C 317 2.28 16.91 -5.58
C LEU C 317 1.09 16.42 -6.41
N LEU C 318 -0.03 17.14 -6.33
CA LEU C 318 -1.25 16.76 -6.99
C LEU C 318 -1.55 17.65 -8.20
N TYR C 319 -0.89 17.38 -9.34
CA TYR C 319 -1.06 18.13 -10.59
C TYR C 319 -2.37 17.87 -11.31
N ARG C 320 -2.82 18.85 -12.13
CA ARG C 320 -4.03 18.74 -12.96
C ARG C 320 -4.04 19.64 -14.19
N GLY C 321 -4.87 19.28 -15.16
CA GLY C 321 -5.01 20.00 -16.43
C GLY C 321 -4.02 19.63 -17.51
N ASP C 322 -3.02 20.52 -17.74
CA ASP C 322 -1.99 20.43 -18.79
C ASP C 322 -0.58 20.10 -18.21
N VAL C 323 -0.44 18.90 -17.59
CA VAL C 323 0.83 18.50 -16.98
C VAL C 323 1.42 17.23 -17.64
N VAL C 324 2.65 17.34 -18.21
CA VAL C 324 3.34 16.24 -18.90
C VAL C 324 4.68 15.88 -18.23
N PRO C 325 4.80 14.63 -17.71
CA PRO C 325 6.01 14.20 -16.97
C PRO C 325 7.39 14.81 -17.19
N LYS C 326 7.82 15.03 -18.46
CA LYS C 326 9.14 15.57 -18.86
C LYS C 326 9.63 16.72 -17.98
N ASP C 327 8.84 17.79 -17.96
CA ASP C 327 9.08 19.03 -17.25
C ASP C 327 8.84 18.88 -15.76
N VAL C 328 7.91 17.98 -15.35
CA VAL C 328 7.60 17.74 -13.93
C VAL C 328 8.89 17.33 -13.22
N ASN C 329 9.66 16.42 -13.87
CA ASN C 329 10.95 15.89 -13.41
C ASN C 329 12.07 16.93 -13.50
N ALA C 330 11.98 17.86 -14.47
CA ALA C 330 12.94 18.97 -14.65
C ALA C 330 12.69 19.96 -13.54
N ALA C 331 11.39 20.16 -13.19
CA ALA C 331 10.90 21.01 -12.12
C ALA C 331 11.34 20.37 -10.81
N ILE C 332 11.09 19.06 -10.68
CA ILE C 332 11.48 18.24 -9.52
C ILE C 332 13.00 18.25 -9.31
N ALA C 333 13.75 18.30 -10.42
CA ALA C 333 15.21 18.28 -10.45
C ALA C 333 15.83 19.50 -9.78
N THR C 334 15.36 20.70 -10.22
CA THR C 334 15.80 22.03 -9.79
C THR C 334 15.64 22.27 -8.29
N ILE C 335 14.54 21.76 -7.70
CA ILE C 335 14.24 21.86 -6.28
C ILE C 335 15.17 20.95 -5.45
N LYS C 336 15.38 19.68 -5.91
CA LYS C 336 16.21 18.69 -5.22
C LYS C 336 17.66 19.14 -5.10
N THR C 337 18.02 20.22 -5.82
CA THR C 337 19.33 20.87 -5.73
C THR C 337 19.26 21.82 -4.51
N LYS C 338 18.25 22.74 -4.49
CA LYS C 338 17.96 23.72 -3.42
C LYS C 338 17.85 23.05 -2.03
N ARG C 339 18.82 23.37 -1.16
CA ARG C 339 18.99 22.80 0.18
C ARG C 339 18.05 23.26 1.30
N THR C 340 16.87 23.81 0.96
CA THR C 340 15.88 24.16 1.98
C THR C 340 15.05 22.90 2.29
N ILE C 341 14.62 22.16 1.21
CA ILE C 341 13.83 20.92 1.29
C ILE C 341 14.65 19.80 1.94
N GLN C 342 14.68 19.83 3.27
CA GLN C 342 15.42 18.90 4.10
C GLN C 342 14.53 17.87 4.79
N PHE C 343 14.82 16.58 4.56
CA PHE C 343 14.09 15.43 5.10
C PHE C 343 14.84 14.79 6.28
N VAL C 344 14.16 13.86 7.00
CA VAL C 344 14.76 13.09 8.11
C VAL C 344 15.66 11.93 7.57
N ASP C 345 16.70 11.55 8.35
CA ASP C 345 17.61 10.46 7.97
C ASP C 345 16.97 9.04 8.03
N TRP C 346 15.62 8.98 8.09
CA TRP C 346 14.81 7.75 8.05
C TRP C 346 13.77 7.81 6.92
N CYS C 347 13.45 9.05 6.49
CA CYS C 347 12.47 9.33 5.46
C CYS C 347 13.08 9.71 4.12
N PRO C 348 12.87 8.91 3.03
CA PRO C 348 13.43 9.26 1.71
C PRO C 348 13.01 10.62 1.15
N THR C 349 13.91 11.14 0.28
CA THR C 349 13.85 12.44 -0.41
C THR C 349 13.06 12.35 -1.73
N GLY C 350 11.94 11.65 -1.66
CA GLY C 350 11.05 11.41 -2.79
C GLY C 350 9.84 12.30 -2.80
N PHE C 351 9.34 12.55 -4.01
CA PHE C 351 8.20 13.42 -4.24
C PHE C 351 7.10 12.66 -5.02
N LYS C 352 6.08 12.10 -4.30
CA LYS C 352 4.93 11.34 -4.85
C LYS C 352 4.08 12.20 -5.79
N VAL C 353 4.21 12.00 -7.09
CA VAL C 353 3.49 12.80 -8.06
C VAL C 353 2.20 12.12 -8.50
N GLY C 354 1.23 12.89 -8.99
CA GLY C 354 -0.05 12.40 -9.47
C GLY C 354 -0.74 13.42 -10.34
N ILE C 355 -0.74 13.22 -11.66
CA ILE C 355 -1.33 14.14 -12.63
C ILE C 355 -2.78 13.81 -13.02
N ASN C 356 -3.70 14.79 -12.94
CA ASN C 356 -5.09 14.58 -13.39
C ASN C 356 -5.25 14.99 -14.86
N TYR C 357 -6.26 14.41 -15.52
CA TYR C 357 -6.58 14.70 -16.92
C TYR C 357 -7.44 15.94 -17.02
N GLN C 358 -8.41 16.04 -16.11
CA GLN C 358 -9.38 17.12 -16.03
C GLN C 358 -8.75 18.43 -15.58
N PRO C 359 -9.13 19.55 -16.23
CA PRO C 359 -8.56 20.85 -15.82
C PRO C 359 -9.29 21.43 -14.61
N PRO C 360 -8.65 22.35 -13.86
CA PRO C 360 -9.33 22.97 -12.72
C PRO C 360 -10.60 23.69 -13.17
N THR C 361 -11.76 23.11 -12.84
CA THR C 361 -13.05 23.70 -13.22
C THR C 361 -13.30 24.90 -12.32
N VAL C 362 -13.54 26.08 -12.92
CA VAL C 362 -13.80 27.28 -12.12
C VAL C 362 -15.29 27.58 -12.00
N VAL C 363 -15.68 28.23 -10.89
CA VAL C 363 -17.06 28.59 -10.54
C VAL C 363 -17.62 29.73 -11.43
N PRO C 364 -18.62 29.43 -12.31
CA PRO C 364 -19.17 30.48 -13.19
C PRO C 364 -19.70 31.69 -12.45
N GLY C 365 -19.12 32.83 -12.77
CA GLY C 365 -19.44 34.11 -12.15
C GLY C 365 -18.72 34.27 -10.83
N GLY C 366 -17.49 33.70 -10.78
CA GLY C 366 -16.64 33.72 -9.60
C GLY C 366 -15.64 34.85 -9.57
N ASP C 367 -14.61 34.67 -8.73
CA ASP C 367 -13.52 35.61 -8.43
C ASP C 367 -12.20 35.20 -9.09
N LEU C 368 -11.95 33.89 -9.13
CA LEU C 368 -10.76 33.29 -9.73
C LEU C 368 -11.05 33.01 -11.19
N ALA C 369 -10.01 33.09 -12.03
CA ALA C 369 -10.11 32.82 -13.47
C ALA C 369 -9.72 31.38 -13.80
N LYS C 370 -10.12 30.89 -15.00
CA LYS C 370 -9.82 29.53 -15.47
C LYS C 370 -8.32 29.37 -15.76
N VAL C 371 -7.71 28.34 -15.15
CA VAL C 371 -6.28 28.02 -15.32
C VAL C 371 -6.13 26.77 -16.21
N GLN C 372 -4.92 26.60 -16.78
CA GLN C 372 -4.58 25.43 -17.58
C GLN C 372 -4.16 24.36 -16.57
N ARG C 373 -3.08 24.66 -15.83
CA ARG C 373 -2.49 23.76 -14.85
C ARG C 373 -2.55 24.20 -13.37
N ALA C 374 -3.27 23.40 -12.54
CA ALA C 374 -3.41 23.58 -11.09
C ALA C 374 -2.61 22.51 -10.28
N VAL C 375 -1.99 22.93 -9.17
CA VAL C 375 -1.23 22.05 -8.27
C VAL C 375 -1.74 22.21 -6.80
N CYS C 376 -1.47 21.20 -5.95
CA CYS C 376 -1.73 21.16 -4.50
C CYS C 376 -0.68 20.23 -3.92
N MET C 377 0.05 20.70 -2.92
CA MET C 377 1.07 19.87 -2.35
C MET C 377 0.90 19.58 -0.88
N LEU C 378 0.61 18.31 -0.62
CA LEU C 378 0.46 17.69 0.69
C LEU C 378 1.83 17.29 1.14
N SER C 379 2.14 17.62 2.38
CA SER C 379 3.47 17.41 2.90
C SER C 379 3.44 17.24 4.41
N ASN C 380 4.24 16.29 4.91
CA ASN C 380 4.31 16.05 6.34
C ASN C 380 5.59 16.59 6.92
N THR C 381 5.54 17.91 7.24
CA THR C 381 6.59 18.73 7.83
C THR C 381 6.34 19.00 9.30
N THR C 382 7.40 19.03 10.12
CA THR C 382 7.33 19.31 11.57
C THR C 382 6.89 20.79 11.87
N ALA C 383 6.94 21.68 10.84
CA ALA C 383 6.54 23.07 10.92
C ALA C 383 5.01 23.21 11.09
N ILE C 384 4.26 22.10 10.97
CA ILE C 384 2.80 22.17 11.17
C ILE C 384 2.50 22.38 12.66
N ALA C 385 3.35 21.80 13.53
CA ALA C 385 3.22 21.87 14.98
C ALA C 385 3.06 23.29 15.56
N GLU C 386 3.46 24.32 14.76
CA GLU C 386 3.38 25.75 15.05
C GLU C 386 1.93 26.16 15.30
N ALA C 387 0.99 25.60 14.48
CA ALA C 387 -0.45 25.79 14.54
C ALA C 387 -0.95 25.38 15.93
N TRP C 388 -0.45 24.22 16.44
CA TRP C 388 -0.80 23.70 17.76
C TRP C 388 -0.38 24.64 18.88
N ALA C 389 0.92 24.91 19.00
CA ALA C 389 1.47 25.80 20.00
C ALA C 389 0.81 27.19 19.94
N ARG C 390 0.56 27.71 18.72
CA ARG C 390 -0.10 29.00 18.49
C ARG C 390 -1.45 29.09 19.25
N LEU C 391 -2.23 28.00 19.20
CA LEU C 391 -3.53 27.81 19.81
C LEU C 391 -3.43 27.40 21.29
N ASP C 392 -2.46 26.52 21.60
CA ASP C 392 -2.17 26.01 22.95
C ASP C 392 -1.80 27.14 23.92
N HIS C 393 -1.12 28.20 23.42
CA HIS C 393 -0.70 29.37 24.18
C HIS C 393 -1.91 30.21 24.58
N LYS C 394 -2.80 30.52 23.60
CA LYS C 394 -4.05 31.26 23.76
C LYS C 394 -4.93 30.54 24.78
N PHE C 395 -5.02 29.18 24.69
CA PHE C 395 -5.73 28.28 25.59
C PHE C 395 -5.21 28.52 27.02
N ASP C 396 -3.86 28.33 27.22
CA ASP C 396 -3.12 28.45 28.48
C ASP C 396 -3.32 29.76 29.18
N LEU C 397 -3.45 30.85 28.37
CA LEU C 397 -3.65 32.24 28.79
C LEU C 397 -4.95 32.43 29.58
N MET C 398 -6.09 32.03 28.97
CA MET C 398 -7.41 32.12 29.61
C MET C 398 -7.52 31.03 30.65
N TYR C 399 -7.03 29.79 30.33
CA TYR C 399 -7.11 28.65 31.24
C TYR C 399 -6.39 28.83 32.58
N ALA C 400 -5.31 29.63 32.60
CA ALA C 400 -4.59 29.92 33.83
C ALA C 400 -5.57 30.57 34.81
N LYS C 401 -6.21 31.67 34.38
CA LYS C 401 -7.20 32.41 35.17
C LYS C 401 -8.55 31.66 35.19
N ARG C 402 -8.64 30.51 34.45
CA ARG C 402 -9.82 29.67 34.31
C ARG C 402 -11.02 30.43 33.73
N ALA C 403 -10.70 31.41 32.86
CA ALA C 403 -11.64 32.29 32.18
C ALA C 403 -12.57 31.49 31.29
N PHE C 404 -13.90 31.79 31.32
CA PHE C 404 -14.96 31.14 30.52
C PHE C 404 -15.26 29.68 30.87
N VAL C 405 -14.28 28.96 31.48
CA VAL C 405 -14.37 27.54 31.86
C VAL C 405 -15.71 27.16 32.50
N HIS C 406 -16.23 27.99 33.41
CA HIS C 406 -17.53 27.81 34.10
C HIS C 406 -18.67 27.40 33.17
N TRP C 407 -18.75 28.00 31.96
CA TRP C 407 -19.77 27.68 30.95
C TRP C 407 -19.70 26.21 30.54
N TYR C 408 -18.45 25.67 30.42
CA TYR C 408 -18.14 24.28 30.07
C TYR C 408 -18.57 23.40 31.22
N VAL C 409 -17.92 23.59 32.37
CA VAL C 409 -18.22 22.88 33.60
C VAL C 409 -19.74 22.91 33.96
N GLY C 410 -20.43 24.00 33.65
CA GLY C 410 -21.87 24.13 33.89
C GLY C 410 -22.71 23.18 33.06
N GLU C 411 -22.16 22.75 31.91
CA GLU C 411 -22.84 21.82 31.00
C GLU C 411 -22.55 20.32 31.30
N GLY C 412 -21.69 20.06 32.29
CA GLY C 412 -21.36 18.72 32.76
C GLY C 412 -19.91 18.32 32.69
N MET C 413 -19.06 19.18 32.14
CA MET C 413 -17.62 18.89 32.00
C MET C 413 -16.82 18.96 33.30
N GLU C 414 -15.81 18.11 33.40
CA GLU C 414 -14.94 18.07 34.57
C GLU C 414 -13.81 19.06 34.32
N GLU C 415 -13.30 19.65 35.41
CA GLU C 415 -12.19 20.61 35.36
C GLU C 415 -10.92 19.93 34.77
N GLY C 416 -10.88 18.60 34.91
CA GLY C 416 -9.80 17.73 34.45
C GLY C 416 -9.75 17.43 32.97
N GLU C 417 -10.92 17.49 32.28
CA GLU C 417 -11.03 17.25 30.83
C GLU C 417 -10.17 18.27 30.10
N PHE C 418 -10.13 19.52 30.61
CA PHE C 418 -9.35 20.64 30.10
C PHE C 418 -7.83 20.42 30.28
N SER C 419 -7.43 19.77 31.40
CA SER C 419 -6.02 19.48 31.70
C SER C 419 -5.52 18.30 30.85
N GLU C 420 -6.32 17.21 30.81
CA GLU C 420 -6.05 16.01 30.03
C GLU C 420 -5.82 16.36 28.54
N ALA C 421 -6.74 17.16 27.96
CA ALA C 421 -6.74 17.60 26.56
C ALA C 421 -5.50 18.42 26.20
N ARG C 422 -5.02 19.27 27.14
CA ARG C 422 -3.84 20.11 26.93
C ARG C 422 -2.57 19.26 26.90
N GLU C 423 -2.45 18.32 27.86
CA GLU C 423 -1.31 17.40 27.97
C GLU C 423 -1.17 16.60 26.68
N ASP C 424 -2.31 16.15 26.10
CA ASP C 424 -2.32 15.39 24.86
C ASP C 424 -1.65 16.18 23.73
N MET C 425 -1.90 17.50 23.69
CA MET C 425 -1.34 18.42 22.70
C MET C 425 0.11 18.57 22.94
N ALA C 426 0.47 18.76 24.23
CA ALA C 426 1.84 18.92 24.68
C ALA C 426 2.64 17.67 24.29
N ALA C 427 1.97 16.50 24.31
CA ALA C 427 2.52 15.21 23.91
C ALA C 427 2.66 15.24 22.41
N LEU C 428 1.62 15.72 21.69
CA LEU C 428 1.65 15.84 20.22
C LEU C 428 2.73 16.83 19.78
N GLU C 429 2.93 17.91 20.55
CA GLU C 429 3.98 18.90 20.31
C GLU C 429 5.35 18.18 20.44
N LYS C 430 5.49 17.34 21.49
CA LYS C 430 6.69 16.55 21.77
C LYS C 430 6.83 15.47 20.74
N ASP C 431 5.72 15.02 20.17
CA ASP C 431 5.78 13.98 19.17
C ASP C 431 6.33 14.50 17.85
N TYR C 432 6.01 15.78 17.49
CA TYR C 432 6.53 16.43 16.27
C TYR C 432 7.98 16.84 16.50
N GLU C 433 8.34 17.09 17.79
CA GLU C 433 9.68 17.43 18.30
C GLU C 433 10.61 16.22 18.04
N GLU C 434 10.27 15.05 18.63
CA GLU C 434 10.97 13.76 18.57
C GLU C 434 11.24 13.20 17.15
N VAL C 435 10.22 13.25 16.28
CA VAL C 435 10.24 12.75 14.91
C VAL C 435 11.25 13.55 14.05
N GLY C 436 11.33 14.85 14.30
CA GLY C 436 12.24 15.80 13.66
C GLY C 436 13.63 15.82 14.29
N VAL C 437 14.14 14.63 14.64
CA VAL C 437 15.44 14.39 15.23
C VAL C 437 16.10 13.38 14.27
N ASP C 438 17.40 13.61 13.96
CA ASP C 438 18.18 12.76 13.05
C ASP C 438 19.07 11.76 13.84
N ARG D 2 -34.05 31.53 20.20
CA ARG D 2 -35.13 31.88 19.27
C ARG D 2 -36.16 32.96 19.71
N GLU D 3 -36.69 32.93 20.98
CA GLU D 3 -37.71 33.89 21.52
C GLU D 3 -37.31 34.48 22.85
N ILE D 4 -37.79 35.73 23.16
CA ILE D 4 -37.50 36.49 24.40
C ILE D 4 -38.79 36.95 25.17
N VAL D 5 -38.86 36.71 26.52
CA VAL D 5 -39.99 37.18 27.34
C VAL D 5 -39.58 38.36 28.24
N HIS D 6 -40.04 39.57 27.90
CA HIS D 6 -39.77 40.81 28.61
C HIS D 6 -40.74 40.95 29.78
N ILE D 7 -40.27 41.65 30.83
CA ILE D 7 -41.02 41.96 32.06
C ILE D 7 -40.55 43.32 32.52
N GLN D 8 -41.41 44.08 33.17
CA GLN D 8 -41.04 45.39 33.71
C GLN D 8 -41.62 45.60 35.10
N ALA D 9 -40.77 46.02 36.03
CA ALA D 9 -41.14 46.19 37.44
C ALA D 9 -41.07 47.59 38.05
N GLY D 10 -42.22 47.97 38.61
CA GLY D 10 -42.36 49.24 39.29
C GLY D 10 -42.44 50.45 38.39
N GLN D 11 -42.20 51.64 38.99
CA GLN D 11 -42.25 52.94 38.33
C GLN D 11 -41.25 53.06 37.18
N CYS D 12 -39.94 52.99 37.47
CA CYS D 12 -38.89 53.10 36.46
C CYS D 12 -39.02 51.98 35.48
N GLY D 13 -39.12 50.74 35.98
CA GLY D 13 -39.23 49.54 35.17
C GLY D 13 -40.22 49.73 34.05
N ASN D 14 -41.46 50.09 34.41
CA ASN D 14 -42.52 50.32 33.45
C ASN D 14 -42.32 51.59 32.66
N GLN D 15 -41.56 52.55 33.19
CA GLN D 15 -41.32 53.78 32.43
C GLN D 15 -40.26 53.56 31.36
N ILE D 16 -39.07 52.98 31.72
CA ILE D 16 -37.97 52.66 30.78
C ILE D 16 -38.38 51.53 29.84
N GLY D 17 -39.27 50.64 30.29
CA GLY D 17 -39.75 49.52 29.49
C GLY D 17 -40.75 49.93 28.41
N ALA D 18 -41.65 50.88 28.75
CA ALA D 18 -42.64 51.45 27.85
C ALA D 18 -41.90 52.08 26.68
N LYS D 19 -40.89 52.95 26.97
CA LYS D 19 -40.05 53.61 25.96
C LYS D 19 -39.34 52.64 25.04
N PHE D 20 -38.78 51.54 25.60
CA PHE D 20 -38.13 50.52 24.78
C PHE D 20 -39.13 50.00 23.78
N TRP D 21 -40.35 49.67 24.23
CA TRP D 21 -41.35 49.21 23.30
C TRP D 21 -41.80 50.30 22.29
N GLU D 22 -41.63 51.61 22.60
CA GLU D 22 -42.00 52.68 21.65
C GLU D 22 -40.97 52.75 20.52
N VAL D 23 -39.67 52.53 20.87
CA VAL D 23 -38.50 52.62 19.97
C VAL D 23 -38.44 51.48 18.99
N ILE D 24 -38.59 50.25 19.51
CA ILE D 24 -38.46 49.05 18.73
C ILE D 24 -39.68 48.73 17.89
N SER D 25 -40.76 49.47 18.10
CA SER D 25 -41.93 49.25 17.29
C SER D 25 -41.78 50.05 16.00
N ASP D 26 -41.33 51.32 16.10
CA ASP D 26 -41.03 52.15 14.94
C ASP D 26 -39.85 51.52 14.16
N GLU D 27 -38.81 51.02 14.89
CA GLU D 27 -37.64 50.36 14.30
C GLU D 27 -38.06 49.09 13.53
N HIS D 28 -39.32 48.63 13.74
CA HIS D 28 -39.85 47.46 13.07
C HIS D 28 -41.06 47.76 12.18
N GLY D 29 -41.46 49.02 12.09
CA GLY D 29 -42.58 49.44 11.26
C GLY D 29 -43.93 48.99 11.80
N ILE D 30 -44.12 49.10 13.14
CA ILE D 30 -45.35 48.76 13.86
C ILE D 30 -45.94 50.07 14.37
N ASP D 31 -47.27 50.24 14.22
CA ASP D 31 -48.00 51.45 14.62
C ASP D 31 -48.63 51.29 16.04
N PRO D 32 -49.01 52.38 16.78
CA PRO D 32 -49.62 52.21 18.13
C PRO D 32 -50.78 51.21 18.26
N THR D 33 -51.39 50.85 17.12
CA THR D 33 -52.50 49.93 17.01
C THR D 33 -52.00 48.48 17.02
N GLY D 34 -50.71 48.27 16.75
CA GLY D 34 -50.07 46.96 16.73
C GLY D 34 -49.95 46.30 15.38
N SER D 35 -50.35 47.02 14.30
CA SER D 35 -50.32 46.53 12.92
C SER D 35 -49.00 46.88 12.21
N TYR D 36 -48.54 46.02 11.30
CA TYR D 36 -47.31 46.31 10.56
C TYR D 36 -47.54 47.14 9.31
N HIS D 37 -46.87 48.29 9.23
CA HIS D 37 -46.86 49.12 8.02
C HIS D 37 -45.52 49.79 7.86
N GLY D 38 -44.61 49.02 7.28
CA GLY D 38 -43.23 49.40 6.97
C GLY D 38 -42.86 48.94 5.57
N ASP D 39 -41.64 49.26 5.10
CA ASP D 39 -41.26 48.85 3.75
C ASP D 39 -40.38 47.61 3.64
N SER D 40 -39.16 47.65 4.22
CA SER D 40 -38.17 46.54 4.20
C SER D 40 -38.70 45.32 4.94
N ASP D 41 -38.29 44.13 4.48
CA ASP D 41 -38.74 42.89 5.10
C ASP D 41 -37.72 42.27 6.06
N LEU D 42 -36.69 43.06 6.42
CA LEU D 42 -35.65 42.75 7.40
C LEU D 42 -36.21 43.13 8.79
N GLN D 43 -37.28 43.97 8.76
CA GLN D 43 -38.06 44.45 9.90
C GLN D 43 -38.91 43.29 10.43
N LEU D 44 -39.08 42.23 9.61
CA LEU D 44 -39.88 41.04 9.94
C LEU D 44 -39.03 39.73 10.00
N GLU D 45 -37.81 39.78 9.43
CA GLU D 45 -36.87 38.64 9.40
C GLU D 45 -36.78 37.95 10.78
N ARG D 46 -36.53 38.72 11.85
CA ARG D 46 -36.42 38.22 13.22
C ARG D 46 -37.49 38.84 14.16
N ILE D 47 -38.72 39.07 13.66
CA ILE D 47 -39.77 39.71 14.48
C ILE D 47 -40.29 38.85 15.61
N ASN D 48 -40.25 37.51 15.43
CA ASN D 48 -40.68 36.50 16.41
C ASN D 48 -40.04 36.69 17.80
N VAL D 49 -38.82 37.26 17.85
CA VAL D 49 -38.01 37.47 19.03
C VAL D 49 -38.77 38.20 20.15
N TYR D 50 -39.16 39.46 19.90
CA TYR D 50 -39.87 40.32 20.87
C TYR D 50 -41.36 40.42 20.68
N TYR D 51 -41.93 39.85 19.59
CA TYR D 51 -43.35 39.95 19.29
C TYR D 51 -44.09 38.64 19.07
N ASN D 52 -45.34 38.62 19.55
CA ASN D 52 -46.27 37.53 19.40
C ASN D 52 -47.13 37.90 18.22
N GLU D 53 -47.26 36.94 17.29
CA GLU D 53 -48.06 37.03 16.08
C GLU D 53 -49.51 36.85 16.51
N ALA D 54 -50.43 37.72 16.03
CA ALA D 54 -51.84 37.62 16.39
C ALA D 54 -52.74 37.50 15.15
N THR D 55 -54.07 37.69 15.36
CA THR D 55 -55.12 37.68 14.33
C THR D 55 -55.23 39.07 13.70
N GLY D 56 -55.62 39.11 12.43
CA GLY D 56 -55.70 40.35 11.67
C GLY D 56 -54.31 40.83 11.29
N ASN D 57 -53.33 39.89 11.31
CA ASN D 57 -51.90 40.08 11.02
C ASN D 57 -51.28 41.22 11.88
N LYS D 58 -51.64 41.18 13.18
CA LYS D 58 -51.23 42.12 14.23
C LYS D 58 -50.16 41.50 15.10
N TYR D 59 -49.26 42.34 15.61
CA TYR D 59 -48.14 41.91 16.46
C TYR D 59 -48.31 42.49 17.85
N VAL D 60 -48.09 41.66 18.84
CA VAL D 60 -48.22 42.10 20.22
C VAL D 60 -46.97 41.75 20.99
N PRO D 61 -46.29 42.75 21.57
CA PRO D 61 -45.11 42.49 22.40
C PRO D 61 -45.27 41.34 23.40
N ARG D 62 -44.19 40.57 23.57
CA ARG D 62 -44.09 39.50 24.56
C ARG D 62 -43.61 40.19 25.85
N ALA D 63 -44.51 40.92 26.50
CA ALA D 63 -44.20 41.67 27.73
C ALA D 63 -45.33 41.58 28.76
N ILE D 64 -44.89 41.56 30.05
CA ILE D 64 -45.69 41.46 31.28
C ILE D 64 -45.53 42.77 32.06
N LEU D 65 -46.63 43.38 32.42
CA LEU D 65 -46.53 44.67 33.11
C LEU D 65 -46.83 44.56 34.63
N VAL D 66 -45.75 44.55 35.47
CA VAL D 66 -45.84 44.34 36.91
C VAL D 66 -45.48 45.49 37.83
N ASP D 67 -46.38 45.78 38.80
CA ASP D 67 -46.27 46.83 39.83
C ASP D 67 -47.29 46.61 40.97
N LEU D 68 -46.92 47.10 42.16
CA LEU D 68 -47.73 47.08 43.39
C LEU D 68 -48.49 48.43 43.52
N GLU D 69 -48.54 49.20 42.43
CA GLU D 69 -49.22 50.48 42.31
C GLU D 69 -49.79 50.62 40.90
N PRO D 70 -51.07 51.01 40.76
CA PRO D 70 -51.61 51.19 39.41
C PRO D 70 -51.22 52.50 38.71
N GLY D 71 -50.39 53.32 39.35
CA GLY D 71 -49.92 54.61 38.83
C GLY D 71 -49.38 54.60 37.40
N THR D 72 -48.05 54.30 37.22
CA THR D 72 -47.35 54.25 35.91
C THR D 72 -48.14 53.36 34.98
N MET D 73 -48.58 52.22 35.54
CA MET D 73 -49.44 51.21 34.96
C MET D 73 -50.58 51.85 34.19
N ASP D 74 -51.25 52.85 34.81
CA ASP D 74 -52.37 53.55 34.19
C ASP D 74 -51.90 54.56 33.17
N SER D 75 -50.85 55.36 33.48
CA SER D 75 -50.33 56.37 32.55
C SER D 75 -49.89 55.74 31.21
N VAL D 76 -49.30 54.53 31.28
CA VAL D 76 -48.80 53.75 30.14
C VAL D 76 -50.00 53.27 29.29
N ARG D 77 -50.92 52.49 29.92
CA ARG D 77 -52.17 51.92 29.38
C ARG D 77 -53.01 53.00 28.73
N SER D 78 -53.11 54.15 29.41
CA SER D 78 -53.82 55.34 28.96
C SER D 78 -52.79 56.32 28.35
N GLY D 79 -51.92 55.80 27.47
CA GLY D 79 -50.86 56.57 26.84
C GLY D 79 -50.65 56.30 25.36
N PRO D 80 -49.39 56.48 24.87
CA PRO D 80 -49.11 56.29 23.42
C PRO D 80 -49.28 54.88 22.86
N PHE D 81 -48.19 54.08 22.91
CA PHE D 81 -48.16 52.70 22.44
C PHE D 81 -48.81 51.74 23.45
N GLY D 82 -49.32 52.31 24.55
CA GLY D 82 -50.00 51.60 25.64
C GLY D 82 -51.12 50.67 25.24
N GLN D 83 -51.68 50.84 24.03
CA GLN D 83 -52.76 49.98 23.53
C GLN D 83 -52.20 48.61 23.07
N ILE D 84 -50.99 48.67 22.50
CA ILE D 84 -50.17 47.59 21.93
C ILE D 84 -50.00 46.31 22.76
N PHE D 85 -49.84 46.46 24.10
CA PHE D 85 -49.64 45.36 25.05
C PHE D 85 -50.98 44.71 25.36
N ARG D 86 -50.96 43.38 25.65
CA ARG D 86 -52.14 42.58 25.99
C ARG D 86 -52.60 42.94 27.42
N PRO D 87 -53.86 43.41 27.58
CA PRO D 87 -54.31 43.90 28.90
C PRO D 87 -54.26 42.90 30.04
N ASP D 88 -54.27 41.61 29.67
CA ASP D 88 -54.25 40.46 30.55
C ASP D 88 -52.92 40.34 31.29
N ASN D 89 -51.80 40.76 30.63
CA ASN D 89 -50.42 40.73 31.13
C ASN D 89 -50.10 41.81 32.17
N PHE D 90 -50.99 42.83 32.31
CA PHE D 90 -50.83 43.91 33.28
C PHE D 90 -51.12 43.34 34.69
N VAL D 91 -50.07 42.89 35.38
CA VAL D 91 -50.20 42.27 36.70
C VAL D 91 -50.00 43.37 37.74
N PHE D 92 -51.06 44.17 37.96
CA PHE D 92 -50.99 45.35 38.83
C PHE D 92 -51.78 45.33 40.13
N GLY D 93 -51.05 45.29 41.24
CA GLY D 93 -51.64 45.32 42.58
C GLY D 93 -51.83 46.74 43.05
N GLN D 94 -52.47 46.93 44.22
CA GLN D 94 -52.75 48.27 44.78
C GLN D 94 -51.99 48.63 46.05
N SER D 95 -51.13 47.71 46.54
CA SER D 95 -50.35 47.86 47.76
C SER D 95 -49.46 49.10 47.73
N GLY D 96 -48.35 49.01 46.99
CA GLY D 96 -47.35 50.07 46.89
C GLY D 96 -46.22 49.76 47.82
N ALA D 97 -45.11 49.21 47.25
CA ALA D 97 -43.89 48.78 47.96
C ALA D 97 -43.24 49.91 48.71
N GLY D 98 -43.62 51.13 48.38
CA GLY D 98 -43.18 52.34 49.05
C GLY D 98 -41.69 52.43 49.21
N ASN D 99 -40.97 52.18 48.08
CA ASN D 99 -39.53 52.23 47.99
C ASN D 99 -38.88 51.31 49.06
N ASN D 100 -39.56 50.17 49.34
CA ASN D 100 -39.14 49.19 50.32
C ASN D 100 -38.94 47.84 49.67
N TRP D 101 -37.68 47.35 49.71
CA TRP D 101 -37.21 46.07 49.17
C TRP D 101 -37.97 44.87 49.80
N ALA D 102 -38.11 44.90 51.14
CA ALA D 102 -38.82 43.89 51.94
C ALA D 102 -40.28 43.85 51.51
N LYS D 103 -40.98 45.01 51.42
CA LYS D 103 -42.36 45.12 50.98
C LYS D 103 -42.69 44.42 49.63
N GLY D 104 -41.72 44.41 48.72
CA GLY D 104 -41.88 43.80 47.40
C GLY D 104 -41.38 42.39 47.28
N HIS D 105 -40.17 42.12 47.78
CA HIS D 105 -39.53 40.79 47.74
C HIS D 105 -40.14 39.79 48.73
N TYR D 106 -40.36 40.22 49.98
CA TYR D 106 -40.86 39.37 51.05
C TYR D 106 -42.32 39.46 51.29
N THR D 107 -42.84 40.64 51.63
CA THR D 107 -44.23 40.77 52.07
C THR D 107 -45.31 40.94 51.03
N GLU D 108 -45.62 42.19 50.69
CA GLU D 108 -46.71 42.54 49.79
C GLU D 108 -46.52 42.02 48.37
N GLY D 109 -45.29 42.01 47.91
CA GLY D 109 -44.95 41.54 46.58
C GLY D 109 -45.22 40.05 46.41
N ALA D 110 -44.74 39.24 47.37
CA ALA D 110 -44.93 37.79 47.39
C ALA D 110 -46.40 37.42 47.14
N GLU D 111 -47.37 38.19 47.72
CA GLU D 111 -48.80 37.96 47.52
C GLU D 111 -49.14 37.95 46.02
N LEU D 112 -48.59 38.96 45.27
CA LEU D 112 -48.77 39.06 43.82
C LEU D 112 -48.00 37.96 43.04
N VAL D 113 -46.64 37.94 43.11
CA VAL D 113 -45.74 37.03 42.39
C VAL D 113 -46.39 35.82 41.74
N ASP D 114 -47.18 35.00 42.46
CA ASP D 114 -47.78 33.84 41.80
C ASP D 114 -48.78 34.13 40.69
N SER D 115 -49.37 35.33 40.72
CA SER D 115 -50.30 35.81 39.68
C SER D 115 -49.47 36.18 38.45
N VAL D 116 -48.32 36.87 38.67
CA VAL D 116 -47.33 37.28 37.65
C VAL D 116 -46.84 36.01 36.92
N LEU D 117 -46.39 35.02 37.71
CA LEU D 117 -45.91 33.75 37.23
C LEU D 117 -46.97 33.01 36.43
N ASP D 118 -48.26 33.21 36.72
CA ASP D 118 -49.31 32.58 35.93
C ASP D 118 -49.16 33.04 34.46
N VAL D 119 -48.90 34.36 34.25
CA VAL D 119 -48.72 35.05 32.95
C VAL D 119 -47.40 34.72 32.24
N VAL D 120 -46.27 34.67 32.98
CA VAL D 120 -44.97 34.31 32.40
C VAL D 120 -45.03 32.88 31.81
N ARG D 121 -45.78 31.97 32.48
CA ARG D 121 -45.97 30.60 32.04
C ARG D 121 -46.77 30.56 30.78
N LYS D 122 -47.76 31.45 30.65
CA LYS D 122 -48.58 31.49 29.43
C LYS D 122 -47.75 31.96 28.23
N GLU D 123 -46.89 32.99 28.44
CA GLU D 123 -46.05 33.56 27.38
C GLU D 123 -44.91 32.68 26.92
N SER D 124 -44.33 31.88 27.86
CA SER D 124 -43.27 30.91 27.61
C SER D 124 -43.82 29.72 26.83
N GLU D 125 -45.09 29.32 27.10
CA GLU D 125 -45.75 28.20 26.44
C GLU D 125 -45.83 28.39 24.94
N SER D 126 -46.46 29.47 24.50
CA SER D 126 -46.56 29.82 23.08
C SER D 126 -45.21 30.37 22.52
N CYS D 127 -44.14 29.51 22.53
CA CYS D 127 -42.79 29.84 22.04
C CYS D 127 -42.22 28.62 21.37
N ASP D 128 -41.85 28.70 20.06
CA ASP D 128 -41.24 27.58 19.34
C ASP D 128 -39.96 27.18 20.06
N CYS D 129 -39.17 28.21 20.43
CA CYS D 129 -38.01 28.11 21.27
C CYS D 129 -37.75 29.38 22.04
N LEU D 130 -38.09 29.38 23.34
CA LEU D 130 -37.83 30.50 24.23
C LEU D 130 -36.36 30.45 24.58
N GLN D 131 -35.64 31.57 24.44
CA GLN D 131 -34.22 31.61 24.78
C GLN D 131 -33.97 32.17 26.18
N GLY D 132 -34.77 33.15 26.59
CA GLY D 132 -34.61 33.77 27.90
C GLY D 132 -35.49 34.97 28.21
N PHE D 133 -35.28 35.53 29.39
CA PHE D 133 -36.07 36.63 29.89
C PHE D 133 -35.30 37.94 30.01
N GLN D 134 -36.02 39.01 29.70
CA GLN D 134 -35.56 40.39 29.71
C GLN D 134 -36.32 41.18 30.78
N LEU D 135 -35.58 41.68 31.79
CA LEU D 135 -36.15 42.50 32.86
C LEU D 135 -35.62 43.95 32.88
N THR D 136 -36.57 44.91 32.94
CA THR D 136 -36.30 46.34 33.01
C THR D 136 -36.84 46.81 34.35
N HIS D 137 -35.95 47.27 35.24
CA HIS D 137 -36.37 47.66 36.58
C HIS D 137 -35.47 48.71 37.31
N SER D 138 -36.10 49.42 38.30
CA SER D 138 -35.57 50.43 39.22
C SER D 138 -34.84 49.75 40.35
N LEU D 139 -33.54 50.02 40.47
CA LEU D 139 -32.77 49.39 41.54
C LEU D 139 -32.87 49.98 42.94
N GLY D 140 -33.40 51.21 43.06
CA GLY D 140 -33.57 51.86 44.36
C GLY D 140 -34.94 51.76 45.00
N GLY D 141 -35.93 51.34 44.20
CA GLY D 141 -37.35 51.25 44.55
C GLY D 141 -37.72 50.20 45.55
N GLY D 142 -38.73 49.44 45.23
CA GLY D 142 -39.25 48.38 46.09
C GLY D 142 -39.84 47.24 45.29
N THR D 143 -40.74 47.56 44.33
CA THR D 143 -41.33 46.60 43.40
C THR D 143 -40.25 46.21 42.37
N GLY D 144 -39.59 47.25 41.81
CA GLY D 144 -38.50 47.11 40.86
C GLY D 144 -37.40 46.31 41.48
N SER D 145 -36.75 46.89 42.50
CA SER D 145 -35.65 46.28 43.27
C SER D 145 -35.95 44.92 43.97
N GLY D 146 -37.02 44.87 44.77
CA GLY D 146 -37.40 43.71 45.57
C GLY D 146 -38.14 42.68 44.80
N MET D 147 -39.44 42.96 44.51
CA MET D 147 -40.33 42.05 43.77
C MET D 147 -39.74 41.57 42.43
N GLY D 148 -39.05 42.48 41.75
CA GLY D 148 -38.38 42.24 40.48
C GLY D 148 -37.33 41.16 40.63
N THR D 149 -36.53 41.18 41.74
CA THR D 149 -35.51 40.14 42.04
C THR D 149 -36.18 38.91 42.63
N LEU D 150 -37.33 39.11 43.31
CA LEU D 150 -38.11 38.00 43.81
C LEU D 150 -38.53 37.17 42.59
N LEU D 151 -39.16 37.84 41.60
CA LEU D 151 -39.61 37.30 40.32
C LEU D 151 -38.49 36.58 39.57
N ILE D 152 -37.23 37.11 39.68
CA ILE D 152 -36.08 36.51 39.03
C ILE D 152 -35.95 35.16 39.67
N SER D 153 -35.60 35.12 41.01
CA SER D 153 -35.41 33.89 41.79
CA SER D 153 -35.41 33.89 41.79
C SER D 153 -36.51 32.89 41.51
N LYS D 154 -37.78 33.35 41.47
CA LYS D 154 -38.90 32.48 41.20
C LYS D 154 -38.97 31.98 39.76
N ILE D 155 -38.41 32.73 38.77
CA ILE D 155 -38.37 32.29 37.36
C ILE D 155 -37.19 31.34 37.15
N ARG D 156 -35.98 31.75 37.64
CA ARG D 156 -34.70 31.01 37.61
C ARG D 156 -34.91 29.58 38.17
N GLU D 157 -35.91 29.43 39.06
CA GLU D 157 -36.34 28.20 39.73
C GLU D 157 -37.04 27.32 38.69
N GLU D 158 -38.10 27.86 38.08
CA GLU D 158 -38.95 27.23 37.09
C GLU D 158 -38.30 26.97 35.73
N TYR D 159 -37.30 27.76 35.29
CA TYR D 159 -36.65 27.62 33.97
C TYR D 159 -35.15 27.82 34.13
N PRO D 160 -34.41 26.91 34.80
CA PRO D 160 -32.95 27.17 35.02
C PRO D 160 -32.08 27.24 33.77
N ASP D 161 -32.50 26.51 32.73
CA ASP D 161 -31.91 26.33 31.39
C ASP D 161 -31.88 27.60 30.50
N ARG D 162 -32.67 28.62 30.83
CA ARG D 162 -32.77 29.83 30.05
C ARG D 162 -31.99 31.04 30.60
N ILE D 163 -31.56 31.92 29.68
CA ILE D 163 -30.80 33.14 29.96
C ILE D 163 -31.62 34.13 30.79
N MET D 164 -30.97 34.78 31.79
CA MET D 164 -31.58 35.81 32.63
C MET D 164 -30.83 37.10 32.49
N ASN D 165 -31.33 37.96 31.62
CA ASN D 165 -30.72 39.23 31.31
C ASN D 165 -31.54 40.36 31.92
N THR D 166 -30.86 41.35 32.61
CA THR D 166 -31.51 42.56 33.22
C THR D 166 -30.91 43.91 32.82
N PHE D 167 -31.74 44.97 32.90
CA PHE D 167 -31.37 46.38 32.66
C PHE D 167 -31.58 47.10 33.99
N SER D 168 -30.60 47.00 34.89
CA SER D 168 -30.72 47.54 36.23
C SER D 168 -30.25 48.96 36.32
N VAL D 169 -31.14 49.84 36.80
CA VAL D 169 -30.87 51.27 36.95
C VAL D 169 -30.44 51.69 38.36
N MET D 170 -29.10 51.79 38.54
CA MET D 170 -28.41 52.14 39.80
C MET D 170 -28.77 53.56 40.22
N PRO D 171 -29.23 53.77 41.48
CA PRO D 171 -29.66 55.12 41.88
C PRO D 171 -28.53 56.10 42.17
N SER D 172 -28.89 57.37 42.10
CA SER D 172 -27.92 58.41 42.38
C SER D 172 -28.55 59.40 43.36
N PRO D 173 -27.76 59.91 44.32
CA PRO D 173 -28.34 60.90 45.25
C PRO D 173 -28.68 62.19 44.50
N LYS D 174 -28.16 62.30 43.27
CA LYS D 174 -28.28 63.41 42.33
C LYS D 174 -29.67 63.43 41.75
N VAL D 175 -30.23 62.24 41.48
CA VAL D 175 -31.56 62.12 40.88
C VAL D 175 -32.70 61.85 41.88
N SER D 176 -32.41 61.13 42.96
CA SER D 176 -33.41 60.78 43.95
C SER D 176 -32.89 60.94 45.33
N ASP D 177 -33.71 61.56 46.18
CA ASP D 177 -33.41 61.84 47.58
C ASP D 177 -34.18 60.94 48.58
N THR D 178 -34.60 59.72 48.15
CA THR D 178 -35.17 58.70 49.03
C THR D 178 -33.91 58.15 49.68
N VAL D 179 -33.78 58.40 50.95
CA VAL D 179 -32.62 58.08 51.75
C VAL D 179 -32.27 56.61 51.82
N VAL D 180 -33.28 55.72 51.80
CA VAL D 180 -33.17 54.26 51.89
C VAL D 180 -32.62 53.57 50.64
N GLU D 181 -32.53 54.28 49.51
CA GLU D 181 -32.06 53.71 48.27
C GLU D 181 -30.84 52.83 48.39
N PRO D 182 -29.70 53.20 49.05
CA PRO D 182 -28.57 52.25 49.18
C PRO D 182 -28.86 50.93 49.89
N TYR D 183 -29.94 50.87 50.68
CA TYR D 183 -30.35 49.64 51.31
C TYR D 183 -30.94 48.79 50.24
N ASN D 184 -32.01 49.28 49.55
CA ASN D 184 -32.71 48.58 48.44
C ASN D 184 -31.79 48.28 47.24
N ALA D 185 -30.76 49.14 47.05
CA ALA D 185 -29.77 49.03 45.98
C ALA D 185 -28.96 47.80 46.30
N THR D 186 -28.13 47.80 47.37
CA THR D 186 -27.29 46.67 47.83
C THR D 186 -28.05 45.35 47.96
N LEU D 187 -29.28 45.39 48.52
CA LEU D 187 -30.14 44.23 48.68
C LEU D 187 -30.40 43.57 47.34
N SER D 188 -30.59 44.37 46.28
CA SER D 188 -30.84 43.87 44.94
C SER D 188 -29.59 43.36 44.26
N VAL D 189 -28.40 43.94 44.58
CA VAL D 189 -27.11 43.55 43.98
C VAL D 189 -26.75 42.08 44.37
N HIS D 190 -26.92 41.78 45.67
CA HIS D 190 -26.77 40.48 46.35
C HIS D 190 -27.54 39.36 45.59
N GLN D 191 -28.72 39.71 45.02
CA GLN D 191 -29.64 38.86 44.25
C GLN D 191 -29.23 38.71 42.79
N LEU D 192 -28.76 39.80 42.17
CA LEU D 192 -28.34 39.81 40.77
C LEU D 192 -27.08 38.97 40.55
N VAL D 193 -26.05 39.20 41.37
CA VAL D 193 -24.81 38.45 41.32
C VAL D 193 -25.08 36.92 41.39
N GLU D 194 -26.26 36.52 41.91
CA GLU D 194 -26.64 35.12 42.04
C GLU D 194 -27.61 34.58 40.99
N ASN D 195 -28.56 35.38 40.49
CA ASN D 195 -29.53 34.80 39.56
C ASN D 195 -29.71 35.41 38.17
N THR D 196 -28.71 36.16 37.67
CA THR D 196 -28.83 36.69 36.30
C THR D 196 -27.62 36.33 35.47
N ASP D 197 -27.84 35.96 34.18
CA ASP D 197 -26.77 35.62 33.23
C ASP D 197 -25.90 36.85 32.96
N GLU D 198 -26.57 37.99 32.66
CA GLU D 198 -25.96 39.30 32.40
C GLU D 198 -26.85 40.46 32.87
N THR D 199 -26.21 41.59 33.19
CA THR D 199 -26.87 42.81 33.69
C THR D 199 -26.27 44.07 33.08
N TYR D 200 -27.12 44.94 32.54
CA TYR D 200 -26.64 46.19 31.95
C TYR D 200 -26.81 47.24 33.02
N SER D 201 -25.70 47.86 33.41
CA SER D 201 -25.72 48.85 34.46
C SER D 201 -26.04 50.26 33.95
N ILE D 202 -27.33 50.62 34.02
CA ILE D 202 -27.82 51.95 33.62
C ILE D 202 -27.68 52.76 34.89
N ASP D 203 -26.55 53.40 35.08
CA ASP D 203 -26.40 54.18 36.32
C ASP D 203 -26.96 55.60 36.22
N ASN D 204 -28.04 55.85 36.97
CA ASN D 204 -28.69 57.14 37.04
C ASN D 204 -27.75 58.32 37.22
N GLU D 205 -26.52 58.11 37.78
CA GLU D 205 -25.57 59.21 37.92
C GLU D 205 -25.02 59.64 36.57
N ALA D 206 -24.52 58.65 35.79
CA ALA D 206 -24.00 58.91 34.44
C ALA D 206 -25.11 59.54 33.56
N LEU D 207 -26.30 58.92 33.58
CA LEU D 207 -27.52 59.34 32.90
C LEU D 207 -27.79 60.83 33.09
N TYR D 208 -27.67 61.34 34.34
CA TYR D 208 -27.91 62.74 34.67
C TYR D 208 -26.79 63.61 34.14
N ASP D 209 -25.55 63.27 34.46
CA ASP D 209 -24.42 64.05 34.02
C ASP D 209 -24.43 64.23 32.50
N ILE D 210 -24.88 63.20 31.75
CA ILE D 210 -24.99 63.28 30.28
C ILE D 210 -25.98 64.39 29.88
N CYS D 211 -27.18 64.39 30.47
CA CYS D 211 -28.21 65.41 30.21
C CYS D 211 -27.81 66.77 30.74
N PHE D 212 -27.00 66.81 31.80
CA PHE D 212 -26.64 68.06 32.43
C PHE D 212 -25.38 68.71 31.86
N ARG D 213 -24.26 68.01 31.96
CA ARG D 213 -22.98 68.53 31.51
C ARG D 213 -22.78 68.46 29.98
N THR D 214 -23.21 67.38 29.33
CA THR D 214 -23.04 67.25 27.88
C THR D 214 -24.18 67.98 27.16
N LEU D 215 -25.42 67.40 27.23
CA LEU D 215 -26.65 67.86 26.57
C LEU D 215 -27.13 69.24 27.04
N LYS D 216 -26.43 69.82 28.04
CA LYS D 216 -26.68 71.11 28.66
C LYS D 216 -28.15 71.40 29.13
N LEU D 217 -28.91 70.34 29.43
CA LEU D 217 -30.27 70.50 29.92
C LEU D 217 -30.17 70.78 31.42
N THR D 218 -30.49 72.04 31.80
CA THR D 218 -30.43 72.55 33.18
C THR D 218 -31.23 71.69 34.14
N THR D 219 -32.56 71.54 33.90
CA THR D 219 -33.41 70.71 34.76
C THR D 219 -33.84 69.44 34.03
N PRO D 220 -32.95 68.43 33.93
CA PRO D 220 -33.34 67.23 33.19
C PRO D 220 -34.53 66.55 33.80
N THR D 221 -35.51 66.21 32.95
CA THR D 221 -36.73 65.50 33.29
C THR D 221 -36.47 63.99 33.08
N TYR D 222 -37.38 63.12 33.55
CA TYR D 222 -37.19 61.68 33.37
C TYR D 222 -37.13 61.35 31.92
N GLY D 223 -37.93 62.07 31.15
CA GLY D 223 -37.97 61.96 29.70
C GLY D 223 -36.61 62.10 29.03
N ASP D 224 -35.80 63.02 29.53
CA ASP D 224 -34.48 63.28 28.99
C ASP D 224 -33.48 62.16 29.30
N LEU D 225 -33.71 61.43 30.43
CA LEU D 225 -32.86 60.29 30.90
C LEU D 225 -33.35 58.99 30.26
N ASN D 226 -34.67 58.75 30.28
CA ASN D 226 -35.31 57.57 29.70
C ASN D 226 -35.03 57.47 28.21
N HIS D 227 -34.82 58.62 27.54
CA HIS D 227 -34.45 58.66 26.13
C HIS D 227 -33.04 58.00 25.96
N LEU D 228 -32.05 58.41 26.78
CA LEU D 228 -30.71 57.83 26.76
C LEU D 228 -30.72 56.33 27.02
N VAL D 229 -31.63 55.87 27.88
CA VAL D 229 -31.78 54.47 28.26
C VAL D 229 -32.17 53.67 27.03
N SER D 230 -33.31 54.00 26.44
CA SER D 230 -33.87 53.34 25.27
C SER D 230 -32.91 53.34 24.07
N ALA D 231 -32.18 54.45 23.86
CA ALA D 231 -31.19 54.60 22.78
C ALA D 231 -30.06 53.51 22.85
N THR D 232 -29.69 53.17 24.10
CA THR D 232 -28.72 52.17 24.51
C THR D 232 -29.38 50.80 24.35
N MET D 233 -30.66 50.69 24.74
CA MET D 233 -31.43 49.45 24.69
C MET D 233 -31.71 48.97 23.31
N SER D 234 -32.06 49.87 22.37
CA SER D 234 -32.26 49.45 20.99
C SER D 234 -30.89 49.02 20.48
N GLY D 235 -29.84 49.75 20.88
CA GLY D 235 -28.45 49.46 20.55
C GLY D 235 -28.02 48.06 20.95
N VAL D 236 -27.99 47.76 22.27
CA VAL D 236 -27.62 46.43 22.80
C VAL D 236 -28.46 45.29 22.19
N THR D 237 -29.74 45.55 21.88
CA THR D 237 -30.62 44.54 21.30
C THR D 237 -30.55 44.42 19.77
N THR D 238 -29.92 45.41 19.08
CA THR D 238 -29.82 45.47 17.60
C THR D 238 -29.46 44.17 16.95
N CYS D 239 -28.41 43.48 17.43
CA CYS D 239 -28.08 42.20 16.81
C CYS D 239 -29.05 41.03 17.13
N LEU D 240 -29.74 41.09 18.29
CA LEU D 240 -30.72 40.10 18.70
C LEU D 240 -31.97 40.25 17.88
N ARG D 241 -32.22 41.48 17.39
CA ARG D 241 -33.41 41.85 16.61
C ARG D 241 -33.16 41.84 15.13
N PHE D 242 -32.05 42.43 14.70
CA PHE D 242 -31.75 42.51 13.28
C PHE D 242 -30.80 41.45 12.70
N PRO D 243 -31.20 40.88 11.54
CA PRO D 243 -30.34 39.87 10.87
C PRO D 243 -29.02 40.40 10.32
N GLY D 244 -28.20 39.49 9.79
CA GLY D 244 -26.92 39.86 9.21
C GLY D 244 -25.80 38.85 9.40
N GLN D 245 -24.58 39.36 9.74
CA GLN D 245 -23.33 38.62 9.97
C GLN D 245 -23.54 37.38 10.89
N LEU D 246 -24.05 37.64 12.11
CA LEU D 246 -24.42 36.65 13.13
C LEU D 246 -25.97 36.78 13.31
N ASN D 247 -26.72 35.82 13.92
CA ASN D 247 -26.52 34.62 14.77
C ASN D 247 -25.64 34.76 16.05
N ALA D 248 -26.01 35.57 17.10
CA ALA D 248 -27.19 36.41 17.48
C ALA D 248 -28.16 35.68 18.36
N ASP D 249 -27.63 35.29 19.51
CA ASP D 249 -28.27 34.51 20.55
C ASP D 249 -27.79 35.09 21.89
N LEU D 250 -28.67 35.07 22.90
CA LEU D 250 -28.37 35.57 24.24
C LEU D 250 -27.28 34.71 24.90
N ARG D 251 -27.36 33.37 24.73
CA ARG D 251 -26.39 32.45 25.29
C ARG D 251 -25.05 32.59 24.62
N LYS D 252 -25.02 32.84 23.29
CA LYS D 252 -23.74 33.00 22.58
C LYS D 252 -23.03 34.26 23.11
N LEU D 253 -23.81 35.33 23.40
CA LEU D 253 -23.22 36.53 23.99
C LEU D 253 -22.69 36.25 25.41
N ALA D 254 -23.59 35.75 26.31
CA ALA D 254 -23.30 35.41 27.71
C ALA D 254 -21.97 34.67 27.79
N VAL D 255 -21.88 33.52 27.08
CA VAL D 255 -20.70 32.66 27.00
C VAL D 255 -19.45 33.48 26.65
N ASN D 256 -19.52 34.32 25.59
CA ASN D 256 -18.36 35.11 25.16
C ASN D 256 -18.05 36.37 25.98
N MET D 257 -19.09 37.03 26.51
CA MET D 257 -18.99 38.28 27.27
C MET D 257 -18.74 38.13 28.78
N VAL D 258 -19.05 36.95 29.37
CA VAL D 258 -18.89 36.67 30.81
C VAL D 258 -17.81 35.60 31.01
N PRO D 259 -16.57 35.96 31.43
CA PRO D 259 -15.56 34.94 31.66
C PRO D 259 -15.64 34.26 33.04
N PHE D 260 -16.07 35.03 34.08
CA PHE D 260 -16.26 34.62 35.48
C PHE D 260 -17.72 34.92 35.91
N PRO D 261 -18.42 33.93 36.48
CA PRO D 261 -19.88 34.06 36.69
C PRO D 261 -20.45 35.12 37.57
N ARG D 262 -19.78 35.53 38.63
CA ARG D 262 -20.33 36.58 39.49
C ARG D 262 -20.34 37.94 38.75
N LEU D 263 -19.29 38.18 37.93
CA LEU D 263 -18.99 39.39 37.15
C LEU D 263 -19.66 39.42 35.75
N HIS D 264 -20.93 39.78 35.74
CA HIS D 264 -21.75 39.84 34.53
C HIS D 264 -22.47 41.21 34.43
N PHE D 265 -21.94 42.22 35.12
CA PHE D 265 -22.50 43.55 35.11
C PHE D 265 -21.78 44.31 34.02
N PHE D 266 -22.49 44.64 32.93
CA PHE D 266 -21.92 45.38 31.80
C PHE D 266 -22.15 46.89 31.96
N MET D 267 -21.16 47.67 31.50
CA MET D 267 -21.10 49.13 31.49
C MET D 267 -21.51 49.58 30.07
N PRO D 268 -22.80 49.86 29.81
CA PRO D 268 -23.20 50.26 28.45
C PRO D 268 -22.71 51.67 28.10
N GLY D 269 -22.76 52.07 26.84
CA GLY D 269 -22.31 53.43 26.52
C GLY D 269 -22.39 53.90 25.09
N PHE D 270 -23.61 54.19 24.62
CA PHE D 270 -23.93 54.66 23.28
C PHE D 270 -23.32 56.03 22.87
N ALA D 271 -22.93 56.14 21.59
CA ALA D 271 -22.46 57.33 20.87
C ALA D 271 -23.28 57.31 19.57
N PRO D 272 -23.88 58.41 19.05
CA PRO D 272 -23.83 59.82 19.49
C PRO D 272 -24.97 60.27 20.42
N LEU D 273 -24.57 60.92 21.52
CA LEU D 273 -25.46 61.41 22.55
C LEU D 273 -26.32 62.60 22.07
N THR D 274 -27.64 62.40 22.09
CA THR D 274 -28.61 63.43 21.69
C THR D 274 -29.67 63.71 22.75
N SER D 275 -30.22 64.94 22.69
CA SER D 275 -31.33 65.40 23.52
C SER D 275 -32.63 64.84 22.94
N ARG D 276 -33.52 64.36 23.84
CA ARG D 276 -34.83 63.77 23.53
C ARG D 276 -35.55 64.63 22.49
N GLY D 277 -35.88 64.04 21.34
CA GLY D 277 -36.62 64.72 20.26
C GLY D 277 -35.98 65.96 19.66
N SER D 278 -34.68 65.92 19.38
CA SER D 278 -33.93 67.03 18.76
C SER D 278 -33.49 66.55 17.34
N GLN D 279 -33.64 67.40 16.27
CA GLN D 279 -33.22 67.04 14.91
C GLN D 279 -31.72 67.14 14.77
N GLN D 280 -31.11 66.04 14.25
CA GLN D 280 -29.69 65.87 14.04
C GLN D 280 -29.24 66.63 12.79
N TYR D 281 -28.20 67.47 12.96
CA TYR D 281 -27.66 68.26 11.86
C TYR D 281 -26.63 67.40 11.10
N ARG D 282 -25.36 67.52 11.48
CA ARG D 282 -24.29 66.74 10.84
C ARG D 282 -24.05 65.40 11.56
N ALA D 283 -23.93 64.31 10.80
CA ALA D 283 -23.63 62.99 11.37
C ALA D 283 -22.12 62.87 11.60
N LEU D 284 -21.71 61.81 12.31
CA LEU D 284 -20.31 61.59 12.61
C LEU D 284 -19.71 60.56 11.69
N THR D 285 -18.38 60.59 11.61
CA THR D 285 -17.55 59.67 10.82
C THR D 285 -17.22 58.48 11.70
N VAL D 286 -16.71 57.38 11.10
CA VAL D 286 -16.31 56.18 11.86
C VAL D 286 -15.28 56.50 12.95
N PRO D 287 -14.20 57.29 12.70
CA PRO D 287 -13.30 57.66 13.81
C PRO D 287 -14.01 58.41 14.93
N GLU D 288 -14.91 59.35 14.59
CA GLU D 288 -15.68 60.10 15.59
C GLU D 288 -16.51 59.14 16.42
N LEU D 289 -17.15 58.14 15.77
CA LEU D 289 -17.92 57.12 16.44
C LEU D 289 -17.08 56.21 17.34
N THR D 290 -16.08 55.47 16.78
CA THR D 290 -15.16 54.56 17.48
C THR D 290 -14.54 55.24 18.70
N GLN D 291 -14.14 56.52 18.54
CA GLN D 291 -13.48 57.31 19.55
C GLN D 291 -14.39 57.68 20.68
N GLN D 292 -15.53 58.29 20.33
CA GLN D 292 -16.57 58.77 21.25
C GLN D 292 -17.20 57.65 22.07
N MET D 293 -17.39 56.50 21.46
CA MET D 293 -18.00 55.30 22.05
C MET D 293 -17.14 54.67 23.17
N PHE D 294 -15.82 54.81 23.10
CA PHE D 294 -14.87 54.35 24.11
C PHE D 294 -14.50 55.49 25.13
N ASP D 295 -15.23 56.63 25.10
CA ASP D 295 -14.99 57.74 26.03
C ASP D 295 -15.76 57.45 27.31
N SER D 296 -15.19 57.81 28.49
CA SER D 296 -15.85 57.70 29.81
C SER D 296 -17.06 58.63 29.84
N LYS D 297 -16.95 59.73 29.04
CA LYS D 297 -17.95 60.77 28.84
C LYS D 297 -19.22 60.25 28.12
N ASN D 298 -19.11 59.02 27.54
CA ASN D 298 -20.16 58.30 26.81
C ASN D 298 -20.75 57.07 27.53
N MET D 299 -20.13 56.61 28.64
CA MET D 299 -20.57 55.43 29.41
C MET D 299 -21.85 55.72 30.16
N MET D 300 -22.77 54.73 30.23
CA MET D 300 -24.05 54.86 30.92
C MET D 300 -23.94 54.56 32.39
N ALA D 301 -22.77 54.10 32.80
CA ALA D 301 -22.46 53.86 34.19
C ALA D 301 -21.34 54.83 34.52
N ALA D 302 -21.48 55.56 35.67
CA ALA D 302 -20.52 56.55 36.14
C ALA D 302 -19.21 55.92 36.67
N CYS D 303 -18.45 55.30 35.75
CA CYS D 303 -17.16 54.66 35.99
C CYS D 303 -16.20 55.09 34.90
N ASP D 304 -14.88 55.19 35.24
CA ASP D 304 -13.84 55.53 34.27
C ASP D 304 -13.14 54.27 33.79
N PRO D 305 -13.46 53.85 32.54
CA PRO D 305 -12.87 52.63 31.99
C PRO D 305 -11.37 52.65 32.00
N ARG D 306 -10.80 53.85 32.19
CA ARG D 306 -9.36 54.09 32.23
C ARG D 306 -8.74 53.79 33.60
N HIS D 307 -9.60 53.52 34.56
CA HIS D 307 -9.20 53.14 35.90
C HIS D 307 -9.23 51.64 36.03
N GLY D 308 -9.76 50.99 35.02
CA GLY D 308 -9.89 49.53 34.99
C GLY D 308 -9.25 48.88 33.78
N ARG D 309 -9.61 47.59 33.60
CA ARG D 309 -9.15 46.73 32.52
C ARG D 309 -10.36 46.01 31.97
N TYR D 310 -10.51 46.05 30.63
CA TYR D 310 -11.61 45.40 29.93
C TYR D 310 -11.31 43.91 29.82
N LEU D 311 -12.20 43.10 30.36
CA LEU D 311 -12.08 41.65 30.27
C LEU D 311 -12.60 41.28 28.86
N THR D 312 -13.76 41.89 28.50
CA THR D 312 -14.46 41.75 27.22
C THR D 312 -14.98 43.13 26.79
N VAL D 313 -15.22 43.28 25.48
CA VAL D 313 -15.87 44.41 24.80
C VAL D 313 -16.65 43.82 23.58
N ALA D 314 -17.80 44.41 23.25
CA ALA D 314 -18.61 44.09 22.09
C ALA D 314 -19.15 45.44 21.56
N ALA D 315 -18.61 45.94 20.42
CA ALA D 315 -19.00 47.24 19.86
C ALA D 315 -19.89 47.08 18.65
N VAL D 316 -21.12 47.64 18.72
CA VAL D 316 -22.14 47.54 17.65
C VAL D 316 -22.45 48.86 16.91
N PHE D 317 -22.01 48.91 15.66
CA PHE D 317 -22.14 50.06 14.78
C PHE D 317 -23.36 49.90 13.89
N ARG D 318 -24.10 51.00 13.63
CA ARG D 318 -25.31 51.01 12.79
C ARG D 318 -25.20 52.03 11.65
N GLY D 319 -26.02 51.85 10.64
CA GLY D 319 -25.99 52.70 9.45
C GLY D 319 -25.04 52.14 8.43
N ARG D 320 -24.91 52.82 7.27
CA ARG D 320 -24.02 52.39 6.17
C ARG D 320 -22.61 53.07 6.21
N MET D 321 -21.55 52.28 6.51
CA MET D 321 -20.19 52.80 6.64
C MET D 321 -19.13 51.80 6.20
N SER D 322 -17.90 52.30 5.98
CA SER D 322 -16.75 51.49 5.55
C SER D 322 -16.26 50.58 6.67
N MET D 323 -16.40 49.26 6.49
CA MET D 323 -15.93 48.32 7.50
C MET D 323 -14.44 48.31 7.60
N LYS D 324 -13.74 48.43 6.45
CA LYS D 324 -12.28 48.50 6.47
C LYS D 324 -11.87 49.71 7.34
N GLU D 325 -12.62 50.83 7.24
CA GLU D 325 -12.44 52.02 8.07
C GLU D 325 -12.75 51.69 9.52
N VAL D 326 -13.79 50.87 9.77
CA VAL D 326 -14.21 50.41 11.10
C VAL D 326 -13.08 49.55 11.68
N ASP D 327 -12.62 48.53 10.94
CA ASP D 327 -11.53 47.64 11.35
C ASP D 327 -10.25 48.43 11.56
N GLU D 328 -10.01 49.48 10.73
CA GLU D 328 -8.86 50.41 10.80
C GLU D 328 -8.85 51.15 12.14
N GLN D 329 -10.06 51.59 12.57
CA GLN D 329 -10.30 52.36 13.79
C GLN D 329 -10.34 51.52 15.06
N MET D 330 -11.05 50.38 15.05
CA MET D 330 -11.13 49.52 16.23
C MET D 330 -9.75 48.95 16.65
N LEU D 331 -8.93 48.60 15.66
CA LEU D 331 -7.59 48.08 15.86
C LEU D 331 -6.60 49.18 16.17
N ASN D 332 -6.96 50.45 15.87
CA ASN D 332 -6.15 51.61 16.24
C ASN D 332 -6.33 51.71 17.76
N VAL D 333 -7.61 51.83 18.21
CA VAL D 333 -8.04 51.97 19.60
C VAL D 333 -7.38 50.94 20.50
N GLN D 334 -7.65 49.63 20.29
CA GLN D 334 -7.03 48.57 21.10
C GLN D 334 -5.51 48.56 21.09
N ASN D 335 -4.87 48.57 19.89
CA ASN D 335 -3.42 48.53 19.70
C ASN D 335 -2.64 49.73 20.22
N LYS D 336 -3.32 50.87 20.46
CA LYS D 336 -2.68 52.07 21.04
C LYS D 336 -2.85 52.08 22.59
N ASN D 337 -4.04 51.61 23.09
CA ASN D 337 -4.40 51.52 24.51
C ASN D 337 -4.55 50.07 25.01
N SER D 338 -3.60 49.19 24.64
CA SER D 338 -3.54 47.76 25.02
C SER D 338 -3.53 47.51 26.54
N SER D 339 -2.98 48.48 27.29
CA SER D 339 -2.86 48.50 28.75
C SER D 339 -4.22 48.34 29.48
N TYR D 340 -5.33 48.72 28.79
CA TYR D 340 -6.70 48.64 29.32
C TYR D 340 -7.39 47.35 28.96
N PHE D 341 -6.69 46.46 28.30
CA PHE D 341 -7.28 45.18 27.94
C PHE D 341 -6.40 44.07 28.49
N VAL D 342 -7.07 43.04 29.07
CA VAL D 342 -6.43 41.87 29.66
C VAL D 342 -5.72 41.04 28.60
N GLU D 343 -4.43 40.80 28.86
CA GLU D 343 -3.52 40.03 28.01
C GLU D 343 -3.92 38.56 28.00
N TRP D 344 -4.49 38.12 29.13
CA TRP D 344 -4.92 36.75 29.33
C TRP D 344 -6.33 36.39 28.76
N ILE D 345 -6.91 37.28 27.93
CA ILE D 345 -8.13 37.02 27.17
C ILE D 345 -7.83 37.35 25.70
N PRO D 346 -7.23 36.39 24.94
CA PRO D 346 -6.89 36.66 23.53
C PRO D 346 -8.09 37.01 22.63
N ASN D 347 -8.06 38.24 22.08
CA ASN D 347 -9.05 38.82 21.16
C ASN D 347 -10.38 39.29 21.84
N ASN D 348 -10.26 39.91 23.06
CA ASN D 348 -11.36 40.40 23.91
C ASN D 348 -12.28 41.47 23.35
N VAL D 349 -12.00 42.01 22.16
CA VAL D 349 -12.86 43.03 21.55
C VAL D 349 -13.48 42.47 20.25
N LYS D 350 -14.82 42.40 20.18
CA LYS D 350 -15.56 41.85 19.02
C LYS D 350 -16.56 42.87 18.42
N THR D 351 -16.38 43.28 17.13
CA THR D 351 -17.24 44.28 16.47
C THR D 351 -18.26 43.75 15.46
N ALA D 352 -19.55 44.08 15.69
CA ALA D 352 -20.70 43.75 14.81
C ALA D 352 -21.29 45.07 14.22
N VAL D 353 -21.71 45.02 12.93
CA VAL D 353 -22.25 46.18 12.18
C VAL D 353 -23.66 45.90 11.60
N CYS D 354 -24.57 46.87 11.78
CA CYS D 354 -25.92 46.81 11.23
C CYS D 354 -26.09 47.94 10.25
N ASP D 355 -26.65 47.64 9.07
CA ASP D 355 -26.88 48.62 8.00
C ASP D 355 -28.13 49.45 8.29
N ILE D 356 -28.96 48.97 9.23
CA ILE D 356 -30.16 49.68 9.65
C ILE D 356 -29.84 50.60 10.83
N PRO D 357 -29.77 51.92 10.57
CA PRO D 357 -29.50 52.86 11.66
C PRO D 357 -30.80 53.24 12.40
N PRO D 358 -30.69 53.90 13.57
CA PRO D 358 -31.92 54.26 14.30
C PRO D 358 -32.56 55.54 13.77
N ARG D 359 -33.75 55.84 14.30
CA ARG D 359 -34.52 57.01 13.91
C ARG D 359 -33.71 58.26 14.15
N GLY D 360 -33.65 59.08 13.10
CA GLY D 360 -32.98 60.36 13.07
C GLY D 360 -31.47 60.33 13.19
N LEU D 361 -30.89 59.15 13.10
CA LEU D 361 -29.46 59.00 13.20
C LEU D 361 -28.94 58.25 11.98
N LYS D 362 -28.14 58.94 11.13
CA LYS D 362 -27.54 58.33 9.93
C LYS D 362 -26.51 57.26 10.37
N MET D 363 -25.97 57.40 11.60
CA MET D 363 -24.98 56.50 12.19
C MET D 363 -24.89 56.58 13.70
N SER D 364 -24.92 55.41 14.34
CA SER D 364 -24.82 55.23 15.78
C SER D 364 -23.79 54.13 16.08
N ALA D 365 -23.42 53.93 17.37
CA ALA D 365 -22.40 52.92 17.75
C ALA D 365 -22.52 52.55 19.21
N THR D 366 -23.06 51.35 19.50
CA THR D 366 -23.23 50.89 20.88
C THR D 366 -21.98 50.20 21.49
N PHE D 367 -21.81 50.38 22.82
CA PHE D 367 -20.71 49.79 23.56
C PHE D 367 -21.22 48.92 24.69
N ILE D 368 -20.69 47.70 24.77
CA ILE D 368 -20.93 46.75 25.84
C ILE D 368 -19.54 46.26 26.23
N GLY D 369 -19.14 46.51 27.46
CA GLY D 369 -17.84 46.09 27.96
C GLY D 369 -17.87 45.55 29.36
N ASN D 370 -16.97 44.60 29.67
CA ASN D 370 -16.82 44.08 31.03
C ASN D 370 -15.54 44.66 31.53
N SER D 371 -15.61 45.96 31.86
CA SER D 371 -14.49 46.72 32.42
C SER D 371 -14.57 46.45 33.88
N THR D 372 -13.42 46.20 34.51
CA THR D 372 -13.35 45.98 35.94
C THR D 372 -13.71 47.27 36.70
N ALA D 373 -13.58 48.44 36.02
CA ALA D 373 -13.94 49.78 36.48
C ALA D 373 -15.39 49.84 36.98
N ILE D 374 -16.20 48.80 36.70
CA ILE D 374 -17.59 48.70 37.19
C ILE D 374 -17.59 48.57 38.72
N GLN D 375 -16.41 48.25 39.30
CA GLN D 375 -16.23 48.20 40.74
C GLN D 375 -16.54 49.58 41.39
N GLU D 376 -16.26 50.68 40.66
CA GLU D 376 -16.49 52.06 41.08
C GLU D 376 -17.95 52.29 41.41
N LEU D 377 -18.85 51.70 40.61
CA LEU D 377 -20.31 51.80 40.80
C LEU D 377 -20.71 51.11 42.11
N PHE D 378 -20.19 49.87 42.35
CA PHE D 378 -20.45 49.05 43.53
C PHE D 378 -19.86 49.67 44.77
N LYS D 379 -18.57 50.11 44.67
CA LYS D 379 -17.83 50.79 45.72
C LYS D 379 -18.73 51.88 46.29
N ARG D 380 -19.15 52.83 45.43
CA ARG D 380 -20.03 53.95 45.73
C ARG D 380 -21.17 53.48 46.63
N ILE D 381 -21.98 52.53 46.12
CA ILE D 381 -23.16 51.96 46.78
C ILE D 381 -22.87 51.47 48.20
N SER D 382 -21.76 50.74 48.39
CA SER D 382 -21.39 50.27 49.71
C SER D 382 -21.10 51.47 50.63
N GLU D 383 -20.37 52.50 50.15
CA GLU D 383 -20.09 53.70 50.96
C GLU D 383 -21.35 54.45 51.39
N GLN D 384 -22.40 54.39 50.56
CA GLN D 384 -23.69 55.03 50.82
C GLN D 384 -24.45 54.23 51.87
N PHE D 385 -24.48 52.89 51.69
CA PHE D 385 -25.13 51.90 52.56
C PHE D 385 -24.48 51.85 53.96
N THR D 386 -23.13 51.65 54.00
CA THR D 386 -22.34 51.52 55.21
C THR D 386 -22.35 52.77 56.04
N ALA D 387 -22.72 53.91 55.43
CA ALA D 387 -22.85 55.18 56.14
C ALA D 387 -24.13 55.11 57.00
N MET D 388 -25.23 54.66 56.40
CA MET D 388 -26.52 54.53 57.05
C MET D 388 -26.58 53.34 57.97
N PHE D 389 -26.06 52.18 57.52
CA PHE D 389 -26.09 50.95 58.31
C PHE D 389 -25.24 51.03 59.57
N ARG D 390 -24.26 51.96 59.59
CA ARG D 390 -23.38 52.30 60.71
C ARG D 390 -24.32 52.75 61.83
N ARG D 391 -24.99 53.89 61.65
CA ARG D 391 -25.98 54.43 62.60
C ARG D 391 -27.32 53.67 62.56
N LYS D 392 -27.35 52.49 61.90
CA LYS D 392 -28.52 51.62 61.73
C LYS D 392 -29.81 52.36 61.39
N ALA D 393 -29.67 53.38 60.52
CA ALA D 393 -30.70 54.30 60.03
C ALA D 393 -31.83 53.67 59.23
N PHE D 394 -33.06 54.08 59.51
CA PHE D 394 -34.29 53.69 58.80
C PHE D 394 -34.63 52.22 58.78
N LEU D 395 -33.83 51.41 59.47
CA LEU D 395 -33.94 49.95 59.55
C LEU D 395 -35.26 49.35 59.92
N HIS D 396 -36.02 50.00 60.81
CA HIS D 396 -37.33 49.55 61.23
C HIS D 396 -38.34 49.43 60.12
N TRP D 397 -38.06 50.05 58.96
CA TRP D 397 -38.89 50.00 57.77
C TRP D 397 -38.79 48.59 57.18
N TYR D 398 -37.63 47.97 57.37
CA TYR D 398 -37.31 46.64 56.88
C TYR D 398 -37.63 45.57 57.91
N THR D 399 -37.08 45.70 59.14
CA THR D 399 -37.33 44.77 60.26
C THR D 399 -38.82 44.54 60.50
N GLY D 400 -39.59 45.63 60.59
CA GLY D 400 -41.03 45.62 60.77
C GLY D 400 -41.81 44.90 59.67
N GLU D 401 -41.11 44.55 58.58
CA GLU D 401 -41.67 43.75 57.50
C GLU D 401 -41.33 42.24 57.71
N GLY D 402 -40.68 41.97 58.84
CA GLY D 402 -40.29 40.63 59.23
C GLY D 402 -38.81 40.47 59.08
N MET D 403 -38.23 41.18 58.09
CA MET D 403 -36.82 41.16 57.74
C MET D 403 -35.79 41.09 58.89
N ASP D 404 -34.77 40.28 58.71
CA ASP D 404 -33.74 40.17 59.72
C ASP D 404 -32.64 41.22 59.57
N GLU D 405 -32.02 41.54 60.69
CA GLU D 405 -30.95 42.51 60.85
C GLU D 405 -29.71 42.04 60.08
N MET D 406 -29.34 40.74 60.22
CA MET D 406 -28.17 40.11 59.60
C MET D 406 -28.23 39.99 58.07
N GLU D 407 -29.46 39.91 57.51
CA GLU D 407 -29.72 39.84 56.06
C GLU D 407 -29.03 41.00 55.33
N PHE D 408 -28.91 42.15 56.03
CA PHE D 408 -28.27 43.39 55.60
C PHE D 408 -26.76 43.23 55.55
N THR D 409 -26.19 42.67 56.61
CA THR D 409 -24.75 42.43 56.71
C THR D 409 -24.31 41.31 55.78
N GLU D 410 -25.24 40.38 55.48
CA GLU D 410 -25.07 39.23 54.57
C GLU D 410 -24.93 39.74 53.12
N ALA D 411 -25.68 40.82 52.80
CA ALA D 411 -25.74 41.47 51.51
C ALA D 411 -24.62 42.46 51.35
N GLU D 412 -24.32 43.24 52.43
CA GLU D 412 -23.25 44.25 52.56
C GLU D 412 -21.92 43.63 52.19
N SER D 413 -21.62 42.45 52.79
CA SER D 413 -20.36 41.74 52.49
C SER D 413 -20.41 40.95 51.23
N ASN D 414 -21.56 40.37 50.84
CA ASN D 414 -21.61 39.72 49.54
C ASN D 414 -21.22 40.83 48.52
N MET D 415 -21.81 42.05 48.67
CA MET D 415 -21.46 43.22 47.87
C MET D 415 -19.98 43.57 48.03
N ASN D 416 -19.43 43.55 49.27
CA ASN D 416 -18.02 43.87 49.55
C ASN D 416 -17.01 42.88 48.93
N ASP D 417 -17.45 41.62 48.67
CA ASP D 417 -16.65 40.54 48.05
C ASP D 417 -16.47 40.80 46.58
N LEU D 418 -17.59 41.03 45.86
CA LEU D 418 -17.59 41.35 44.43
C LEU D 418 -16.54 42.45 44.08
N VAL D 419 -16.42 43.50 44.92
CA VAL D 419 -15.43 44.56 44.68
C VAL D 419 -13.98 44.05 44.69
N SER D 420 -13.63 43.22 45.69
CA SER D 420 -12.31 42.61 45.81
C SER D 420 -12.12 41.62 44.68
N GLU D 421 -13.22 40.93 44.32
CA GLU D 421 -13.24 39.98 43.22
C GLU D 421 -12.98 40.71 41.90
N TYR D 422 -13.59 41.91 41.68
CA TYR D 422 -13.41 42.69 40.45
C TYR D 422 -11.98 43.24 40.39
N GLN D 423 -11.40 43.54 41.57
CA GLN D 423 -10.05 44.09 41.75
C GLN D 423 -9.01 43.05 41.49
N GLN D 424 -9.31 41.83 41.94
CA GLN D 424 -8.47 40.66 41.82
C GLN D 424 -8.06 40.47 40.36
N TYR D 425 -9.07 40.41 39.44
CA TYR D 425 -8.92 40.22 38.00
C TYR D 425 -8.39 41.41 37.28
N GLN D 426 -8.58 42.61 37.85
CA GLN D 426 -8.06 43.89 37.34
C GLN D 426 -6.51 43.89 37.46
N ASP D 427 -6.00 43.60 38.67
CA ASP D 427 -4.59 43.52 38.97
C ASP D 427 -3.93 42.29 38.33
N ALA D 428 -4.67 41.17 38.19
CA ALA D 428 -4.18 39.92 37.59
C ALA D 428 -3.48 40.13 36.23
N THR D 429 -2.30 39.49 36.07
CA THR D 429 -1.42 39.55 34.89
C THR D 429 -1.00 38.16 34.37
N ALA D 430 -0.65 38.07 33.06
CA ALA D 430 -0.19 36.86 32.38
C ALA D 430 1.31 36.54 32.66
N ASP D 431 2.22 37.54 32.42
CA ASP D 431 3.69 37.49 32.60
C ASP D 431 4.38 36.39 31.77
N ILE E 6 51.18 -68.43 -35.84
CA ILE E 6 50.49 -69.46 -35.05
C ILE E 6 48.98 -69.43 -35.39
N GLU E 7 48.16 -70.41 -34.90
CA GLU E 7 46.72 -70.52 -35.18
C GLU E 7 45.80 -70.62 -33.95
N LEU E 8 44.59 -70.04 -34.06
CA LEU E 8 43.55 -70.01 -33.00
C LEU E 8 42.28 -70.77 -33.47
N ASN E 9 41.63 -70.31 -34.58
CA ASN E 9 40.43 -70.92 -35.19
C ASN E 9 40.14 -70.43 -36.61
N LYS E 10 39.35 -71.22 -37.37
CA LYS E 10 38.95 -70.95 -38.76
C LYS E 10 37.44 -71.18 -38.92
N ALA E 11 36.75 -70.31 -39.69
CA ALA E 11 35.30 -70.41 -39.92
C ALA E 11 34.83 -69.97 -41.32
N THR E 12 33.49 -69.96 -41.54
CA THR E 12 32.80 -69.59 -42.80
C THR E 12 33.11 -68.15 -43.18
N SER E 13 32.39 -67.17 -42.58
CA SER E 13 32.61 -65.73 -42.78
C SER E 13 33.52 -65.19 -41.63
N GLY E 14 34.65 -65.86 -41.41
CA GLY E 14 35.61 -65.50 -40.38
C GLY E 14 36.81 -66.41 -40.20
N GLN E 15 37.74 -65.99 -39.32
CA GLN E 15 38.99 -66.66 -38.95
C GLN E 15 39.59 -65.98 -37.71
N SER E 16 40.44 -66.70 -36.97
CA SER E 16 41.11 -66.19 -35.76
C SER E 16 42.46 -66.85 -35.54
N TRP E 17 43.46 -66.07 -35.11
CA TRP E 17 44.79 -66.61 -34.86
C TRP E 17 45.59 -65.76 -33.92
N GLU E 18 45.97 -66.34 -32.79
CA GLU E 18 46.79 -65.65 -31.80
C GLU E 18 48.20 -65.52 -32.37
N VAL E 19 48.82 -64.34 -32.21
CA VAL E 19 50.18 -64.10 -32.67
C VAL E 19 51.11 -63.60 -31.56
N ILE E 20 51.93 -64.53 -30.99
CA ILE E 20 52.89 -64.28 -29.91
C ILE E 20 54.07 -63.45 -30.43
N LEU E 21 54.78 -62.70 -29.54
CA LEU E 21 55.93 -61.86 -29.88
C LEU E 21 57.03 -61.91 -28.81
N LYS E 22 56.64 -61.98 -27.52
CA LYS E 22 57.52 -62.04 -26.35
C LYS E 22 56.68 -62.63 -25.19
N PRO E 23 56.91 -63.90 -24.79
CA PRO E 23 56.08 -64.50 -23.73
C PRO E 23 56.28 -63.88 -22.33
N PRO E 24 55.39 -64.15 -21.33
CA PRO E 24 55.55 -63.51 -20.01
C PRO E 24 56.77 -63.94 -19.21
N SER E 25 57.38 -62.97 -18.49
CA SER E 25 58.52 -63.17 -17.59
C SER E 25 58.00 -63.54 -16.18
N PHE E 26 56.67 -63.46 -15.98
CA PHE E 26 55.97 -63.75 -14.74
C PHE E 26 54.92 -64.87 -14.94
N ASP E 27 55.31 -66.09 -14.57
CA ASP E 27 54.42 -67.25 -14.65
C ASP E 27 53.56 -67.30 -13.39
N GLY E 28 52.29 -67.62 -13.58
CA GLY E 28 51.29 -67.68 -12.51
C GLY E 28 50.18 -66.70 -12.80
N VAL E 29 50.51 -65.38 -12.76
CA VAL E 29 49.66 -64.17 -13.00
C VAL E 29 49.29 -63.30 -11.75
N PRO E 30 48.59 -63.78 -10.67
CA PRO E 30 48.24 -62.86 -9.57
C PRO E 30 49.28 -62.70 -8.47
N GLU E 31 49.21 -61.52 -7.79
CA GLU E 31 50.06 -61.13 -6.66
C GLU E 31 49.36 -60.03 -5.83
N PRO E 42 25.69 -59.57 -5.26
CA PRO E 42 24.37 -59.14 -5.72
C PRO E 42 23.21 -59.99 -5.17
N SER E 43 22.30 -59.33 -4.41
CA SER E 43 21.14 -59.96 -3.76
C SER E 43 19.88 -59.11 -3.89
N LEU E 44 18.73 -59.73 -4.26
CA LEU E 44 17.42 -59.09 -4.43
C LEU E 44 16.94 -58.43 -3.14
N GLU E 45 17.11 -59.12 -1.98
CA GLU E 45 16.71 -58.69 -0.64
C GLU E 45 17.38 -57.40 -0.24
N GLU E 46 18.73 -57.32 -0.38
CA GLU E 46 19.50 -56.13 -0.04
C GLU E 46 19.23 -54.92 -0.90
N ILE E 47 18.75 -55.11 -2.16
CA ILE E 47 18.34 -54.01 -3.04
C ILE E 47 16.93 -53.61 -2.56
N GLN E 48 16.05 -54.62 -2.36
CA GLN E 48 14.67 -54.51 -1.86
C GLN E 48 14.65 -53.84 -0.48
N LYS E 49 15.78 -53.87 0.26
CA LYS E 49 15.87 -53.23 1.56
C LYS E 49 16.45 -51.83 1.40
N LYS E 50 17.56 -51.68 0.65
CA LYS E 50 18.25 -50.40 0.42
C LYS E 50 17.39 -49.41 -0.34
N LEU E 51 16.52 -49.90 -1.27
CA LEU E 51 15.57 -49.07 -2.05
C LEU E 51 14.40 -48.59 -1.17
N GLU E 52 13.77 -49.55 -0.43
CA GLU E 52 12.67 -49.34 0.53
C GLU E 52 13.08 -48.30 1.57
N ALA E 53 14.40 -48.26 1.90
CA ALA E 53 15.04 -47.34 2.84
C ALA E 53 15.21 -45.95 2.26
N ALA E 54 15.58 -45.85 0.95
CA ALA E 54 15.79 -44.58 0.26
C ALA E 54 14.49 -43.81 0.17
N GLU E 55 13.38 -44.52 -0.11
CA GLU E 55 12.01 -43.96 -0.21
C GLU E 55 11.49 -43.42 1.14
N GLU E 56 11.91 -44.02 2.29
CA GLU E 56 11.54 -43.56 3.64
C GLU E 56 12.10 -42.14 3.74
N ARG E 57 13.45 -42.03 3.54
CA ARG E 57 14.25 -40.81 3.56
C ARG E 57 13.64 -39.71 2.70
N ARG E 58 13.30 -40.04 1.43
CA ARG E 58 12.67 -39.10 0.51
C ARG E 58 11.29 -38.68 1.03
N LYS E 59 10.46 -39.66 1.49
CA LYS E 59 9.11 -39.45 2.00
C LYS E 59 9.02 -38.80 3.39
N TYR E 60 10.16 -38.69 4.09
CA TYR E 60 10.25 -38.06 5.40
C TYR E 60 10.59 -36.60 5.26
N GLN E 61 11.67 -36.25 4.55
CA GLN E 61 11.97 -34.84 4.39
C GLN E 61 10.90 -34.06 3.59
N GLU E 62 10.10 -34.79 2.78
CA GLU E 62 8.97 -34.18 2.08
C GLU E 62 7.75 -34.12 3.05
N ALA E 63 7.76 -34.92 4.14
CA ALA E 63 6.68 -34.88 5.14
C ALA E 63 6.97 -33.77 6.11
N GLU E 64 8.25 -33.48 6.32
CA GLU E 64 8.66 -32.39 7.20
C GLU E 64 8.34 -31.06 6.56
N LEU E 65 8.49 -30.98 5.22
CA LEU E 65 8.16 -29.82 4.39
C LEU E 65 6.65 -29.50 4.62
N LEU E 66 5.78 -30.53 4.51
CA LEU E 66 4.33 -30.53 4.70
C LEU E 66 3.93 -29.97 6.09
N LYS E 67 4.69 -30.40 7.13
CA LYS E 67 4.57 -30.00 8.54
C LYS E 67 4.88 -28.50 8.68
N HIS E 68 6.08 -28.06 8.17
CA HIS E 68 6.55 -26.67 8.21
C HIS E 68 5.69 -25.70 7.44
N LEU E 69 5.04 -26.20 6.37
CA LEU E 69 4.11 -25.44 5.55
C LEU E 69 2.78 -25.33 6.29
N ALA E 70 2.36 -26.43 6.96
CA ALA E 70 1.13 -26.48 7.75
C ALA E 70 1.26 -25.65 9.04
N GLU E 71 2.52 -25.37 9.46
CA GLU E 71 2.85 -24.54 10.62
C GLU E 71 2.60 -23.06 10.23
N LYS E 72 3.06 -22.66 9.03
CA LYS E 72 2.87 -21.33 8.44
C LYS E 72 1.38 -21.10 8.20
N ARG E 73 0.66 -22.17 7.83
CA ARG E 73 -0.79 -22.16 7.58
C ARG E 73 -1.59 -21.79 8.83
N GLU E 74 -0.96 -21.95 10.01
CA GLU E 74 -1.53 -21.58 11.29
C GLU E 74 -1.09 -20.18 11.63
N HIS E 75 0.14 -19.78 11.20
CA HIS E 75 0.63 -18.44 11.45
C HIS E 75 -0.32 -17.41 10.84
N GLU E 76 -0.84 -17.68 9.62
CA GLU E 76 -1.83 -16.82 8.96
C GLU E 76 -3.12 -16.87 9.77
N ARG E 77 -3.63 -18.10 10.04
CA ARG E 77 -4.81 -18.40 10.86
C ARG E 77 -4.76 -17.67 12.22
N GLU E 78 -3.53 -17.31 12.69
CA GLU E 78 -3.21 -16.57 13.92
C GLU E 78 -3.10 -15.06 13.66
N VAL E 79 -2.49 -14.67 12.51
CA VAL E 79 -2.27 -13.26 12.11
C VAL E 79 -3.54 -12.52 11.76
N ILE E 80 -4.36 -13.09 10.87
CA ILE E 80 -5.67 -12.52 10.48
C ILE E 80 -6.59 -12.44 11.75
N GLN E 81 -6.25 -13.22 12.81
CA GLN E 81 -6.99 -13.22 14.07
C GLN E 81 -6.65 -12.02 14.91
N LYS E 82 -5.34 -11.71 15.03
CA LYS E 82 -4.84 -10.53 15.76
C LYS E 82 -5.59 -9.29 15.26
N ALA E 83 -5.65 -9.09 13.91
CA ALA E 83 -6.36 -8.04 13.20
C ALA E 83 -7.83 -7.97 13.59
N ILE E 84 -8.51 -9.14 13.69
CA ILE E 84 -9.92 -9.23 14.07
C ILE E 84 -10.10 -8.86 15.54
N GLU E 85 -9.23 -9.40 16.42
CA GLU E 85 -9.26 -9.13 17.86
C GLU E 85 -8.94 -7.65 18.17
N GLU E 86 -7.89 -7.11 17.51
CA GLU E 86 -7.43 -5.71 17.63
C GLU E 86 -8.58 -4.72 17.38
N ASN E 87 -9.41 -4.98 16.36
CA ASN E 87 -10.53 -4.13 16.01
C ASN E 87 -11.69 -4.27 16.98
N ASN E 88 -12.06 -5.50 17.34
CA ASN E 88 -13.18 -5.74 18.26
C ASN E 88 -12.93 -5.26 19.69
N ASN E 89 -11.65 -5.09 20.06
CA ASN E 89 -11.26 -4.56 21.36
C ASN E 89 -11.23 -3.03 21.26
N PHE E 90 -10.93 -2.50 20.05
CA PHE E 90 -10.91 -1.06 19.76
C PHE E 90 -12.34 -0.55 19.94
N ILE E 91 -13.31 -1.25 19.31
CA ILE E 91 -14.74 -0.94 19.40
C ILE E 91 -15.27 -1.19 20.82
N LYS E 92 -14.56 -1.99 21.63
CA LYS E 92 -14.93 -2.17 23.03
C LYS E 92 -14.50 -0.93 23.76
N MET E 93 -13.18 -0.64 23.70
CA MET E 93 -12.52 0.52 24.30
C MET E 93 -13.23 1.84 24.02
N ALA E 94 -13.65 2.07 22.76
CA ALA E 94 -14.37 3.28 22.39
C ALA E 94 -15.80 3.31 22.96
N LYS E 95 -16.62 2.25 22.75
CA LYS E 95 -17.98 2.19 23.28
C LYS E 95 -17.97 2.31 24.80
N GLU E 96 -17.00 1.64 25.46
CA GLU E 96 -16.90 1.69 26.92
C GLU E 96 -16.37 3.01 27.43
N LYS E 97 -15.92 3.90 26.53
CA LYS E 97 -15.53 5.23 26.93
C LYS E 97 -16.80 6.07 26.95
N LEU E 98 -17.53 6.17 25.81
CA LEU E 98 -18.80 6.91 25.68
C LEU E 98 -19.77 6.65 26.82
N ALA E 99 -19.93 5.35 27.18
CA ALA E 99 -20.79 4.86 28.25
C ALA E 99 -20.50 5.58 29.56
N GLN E 100 -19.21 5.70 29.90
CA GLN E 100 -18.78 6.39 31.10
C GLN E 100 -18.95 7.91 30.95
N LYS E 101 -18.32 8.51 29.91
CA LYS E 101 -18.35 9.95 29.59
C LYS E 101 -19.76 10.53 29.60
N MET E 102 -20.71 9.92 28.86
CA MET E 102 -22.09 10.43 28.84
C MET E 102 -22.75 10.35 30.19
N GLU E 103 -22.53 9.22 30.93
CA GLU E 103 -23.09 9.04 32.26
C GLU E 103 -22.42 9.99 33.26
N SER E 104 -21.07 10.05 33.29
CA SER E 104 -20.31 10.95 34.17
C SER E 104 -20.77 12.38 34.02
N ASN E 105 -21.11 12.79 32.78
CA ASN E 105 -21.62 14.11 32.42
C ASN E 105 -23.06 14.26 32.94
N LYS E 106 -23.97 13.29 32.61
CA LYS E 106 -25.38 13.23 33.07
C LYS E 106 -25.42 13.34 34.60
N GLU E 107 -24.46 12.69 35.28
CA GLU E 107 -24.29 12.72 36.73
C GLU E 107 -23.96 14.17 37.09
N ASN E 108 -22.76 14.64 36.70
CA ASN E 108 -22.24 15.97 36.95
C ASN E 108 -23.24 17.08 36.67
N ARG E 109 -23.80 17.17 35.44
CA ARG E 109 -24.73 18.21 35.02
C ARG E 109 -26.03 18.32 35.84
N GLU E 110 -26.72 17.17 36.05
CA GLU E 110 -27.97 17.10 36.82
C GLU E 110 -27.74 17.40 38.29
N ALA E 111 -26.55 17.03 38.83
CA ALA E 111 -26.11 17.25 40.22
C ALA E 111 -25.82 18.72 40.48
N HIS E 112 -25.59 19.49 39.40
CA HIS E 112 -25.39 20.93 39.45
C HIS E 112 -26.79 21.53 39.56
N LEU E 113 -27.63 21.36 38.53
CA LEU E 113 -29.01 21.88 38.46
C LEU E 113 -29.83 21.67 39.75
N ALA E 114 -29.60 20.54 40.45
CA ALA E 114 -30.31 20.16 41.68
C ALA E 114 -29.69 20.82 42.90
N ALA E 115 -28.37 21.06 42.88
CA ALA E 115 -27.69 21.75 43.98
C ALA E 115 -28.09 23.23 43.93
N MET E 116 -28.24 23.78 42.72
CA MET E 116 -28.66 25.16 42.56
C MET E 116 -30.16 25.38 42.81
N LEU E 117 -30.97 24.33 42.70
CA LEU E 117 -32.38 24.47 43.02
C LEU E 117 -32.59 24.34 44.53
N GLU E 118 -31.58 23.85 45.29
CA GLU E 118 -31.66 23.73 46.75
C GLU E 118 -31.25 25.03 47.44
N ARG E 119 -30.20 25.68 46.89
CA ARG E 119 -29.68 27.01 47.25
C ARG E 119 -30.88 27.94 47.22
N LEU E 120 -31.69 27.82 46.14
CA LEU E 120 -32.92 28.53 45.84
C LEU E 120 -34.05 28.10 46.77
N GLN E 121 -34.26 26.76 46.92
CA GLN E 121 -35.28 26.17 47.77
C GLN E 121 -35.13 26.73 49.16
N GLU E 122 -33.88 26.74 49.67
CA GLU E 122 -33.53 27.29 50.99
C GLU E 122 -33.78 28.81 51.03
N LYS E 123 -33.34 29.54 49.99
CA LYS E 123 -33.55 30.97 49.92
C LYS E 123 -34.97 31.36 49.51
N ASP E 124 -35.88 30.34 49.52
CA ASP E 124 -37.34 30.43 49.30
C ASP E 124 -38.03 30.20 50.67
N LYS E 125 -37.27 29.56 51.60
CA LYS E 125 -37.64 29.28 52.98
C LYS E 125 -37.39 30.54 53.79
N HIS E 126 -36.20 31.19 53.61
CA HIS E 126 -35.84 32.45 54.27
C HIS E 126 -37.03 33.40 54.19
N ALA E 127 -37.74 33.42 53.05
CA ALA E 127 -38.90 34.27 52.81
C ALA E 127 -40.09 33.95 53.68
N GLU E 128 -40.43 32.64 53.83
CA GLU E 128 -41.58 32.19 54.64
C GLU E 128 -41.44 32.47 56.11
N GLU E 129 -40.22 32.43 56.64
CA GLU E 129 -39.94 32.72 58.03
C GLU E 129 -39.86 34.24 58.28
N VAL E 130 -39.74 35.04 57.21
CA VAL E 130 -39.76 36.49 57.36
C VAL E 130 -41.23 36.89 57.43
N ARG E 131 -42.05 36.37 56.50
CA ARG E 131 -43.51 36.55 56.50
C ARG E 131 -44.08 36.09 57.85
N LYS E 132 -43.30 35.24 58.57
CA LYS E 132 -43.58 34.70 59.90
C LYS E 132 -43.09 35.70 60.96
N ASN E 133 -41.84 36.20 60.83
CA ASN E 133 -41.30 37.16 61.78
C ASN E 133 -42.05 38.50 61.75
N LYS E 134 -42.80 38.77 60.67
CA LYS E 134 -43.65 39.95 60.50
C LYS E 134 -44.95 39.74 61.30
N GLU E 135 -45.56 38.54 61.16
CA GLU E 135 -46.78 38.14 61.85
C GLU E 135 -46.54 38.08 63.37
N LEU E 136 -45.37 37.56 63.79
CA LEU E 136 -44.91 37.46 65.19
C LEU E 136 -45.02 38.82 65.89
N LYS E 137 -44.32 39.84 65.32
CA LYS E 137 -44.26 41.24 65.78
C LYS E 137 -45.68 41.83 66.03
N GLU E 138 -46.64 41.53 65.13
CA GLU E 138 -48.05 41.96 65.20
C GLU E 138 -48.79 41.35 66.39
#